data_6VO0
#
_entry.id   6VO0
#
loop_
_entity.id
_entity.type
_entity.pdbx_description
1 polymer '43A2 light chain'
2 polymer '43A2 heavy chain'
3 polymer 'Envelope glycoprotein gp120'
4 polymer 'Envelope glycoprotein gp41'
5 branched 2-acetamido-2-deoxy-beta-D-glucopyranose-(1-4)-2-acetamido-2-deoxy-beta-D-glucopyranose
6 branched beta-D-mannopyranose-(1-4)-2-acetamido-2-deoxy-beta-D-glucopyranose-(1-4)-2-acetamido-2-deoxy-beta-D-glucopyranose
7 non-polymer 2-acetamido-2-deoxy-beta-D-glucopyranose
#
loop_
_entity_poly.entity_id
_entity_poly.type
_entity_poly.pdbx_seq_one_letter_code
_entity_poly.pdbx_strand_id
1 'polypeptide(L)'
;DIVMTQTPASVSEPVGGTVTIKCQASHNIRSYLSWYQQKVGQPPKRLIYETSNLASGVPSRFAGSGSGTEFTLTISDLEC
ADAATYYCQSNFGLSDSRTYNFGGGTEVVVKGD
;
L,J,K
2 'polypeptide(L)'
;RQLVESGGGLVQPEGSLTLTCKASGFSFSRSQYMCWVRQAPGKGLEWITCVYPDDDTPYYATWAKGRFTISKTSSTTVTL
RLTSLTEADTATYFCARTSGFGGYSYAAHGVDLWGPGTLV
;
H,G,I
3 'polypeptide(L)'
;AENLWVTVYYGVPVWKDAETTLFCASDAKAYETKKHNVWATHCCVPTDPNPQEIHLENVTEEFNMWKNNMVEQMHTDIIS
LWDQSLKPCVKLTPLCVTLQCTNVTNNITDDMRGELKNCSFNMTTELRDKKQKVYSLFYRLDVVQINENQGNRSNNSNKE
YRLINCNTSAITQACPKVSFEPIPIHYCAPAGFAILKCKDKKFNGTGPCPSVSTVQCTHGIKPVVSTQLLLNGSLAEEEV
MIRSENITNNAKNILVQFNTPVQINCTRPNNNTRKSIRIGPGQWFYATGDIIGDIRQAHCNVSKATWNETLGKVVKQLRK
HFGNNTIIRFANSSGGDLEVTTHSFNCGGEFFYCNTSGLFNSTWISNTSVQGSNSTGSNDSITLPCRIKQIINMWQRIGQ
AMYAPPIQGVIRCVSNITGLILTRDGGSTNSTTETFRPGGGDMRDNWRSELYKYKVVKIEPLGVAPTRCKRRVVG
;
A,C,D
4 'polypeptide(L)'
;AVGIGAVFLGFLGAAGSTMGAASMTLTVQARNLLSGIVQQQSNLLRAPECQQHLLKLTVWGIKQLQARVLAVERYLRDQQ
LLGIWGCSGKLICCTNVPWNSSWSNRNLSEIWDNMTWLQWDKEISNYTQIIYGLLEESQNQQEKNEQDLLALD
;
B,E,F
#
# COMPACT_ATOMS: atom_id res chain seq x y z
N ASP A 1 30.05 -44.06 25.02
CA ASP A 1 31.11 -44.05 24.02
C ASP A 1 32.40 -43.64 24.64
N ILE A 2 32.31 -43.05 25.81
CA ILE A 2 33.52 -42.62 26.49
C ILE A 2 33.83 -43.66 27.53
N VAL A 3 34.97 -44.28 27.37
CA VAL A 3 35.35 -45.39 28.23
C VAL A 3 36.60 -45.08 29.03
N MET A 4 36.61 -45.49 30.30
CA MET A 4 37.78 -45.20 31.09
C MET A 4 38.48 -46.45 31.64
N THR A 5 39.80 -46.41 31.54
CA THR A 5 40.71 -47.47 31.95
C THR A 5 41.42 -47.18 33.25
N GLN A 6 41.44 -48.16 34.14
CA GLN A 6 42.13 -47.95 35.41
C GLN A 6 43.46 -48.62 35.47
N THR A 7 44.32 -48.08 36.31
CA THR A 7 45.59 -48.70 36.57
C THR A 7 46.19 -48.18 37.87
N PRO A 8 46.93 -49.01 38.60
CA PRO A 8 47.12 -50.44 38.50
C PRO A 8 45.81 -51.09 38.86
N ALA A 9 45.52 -52.26 38.31
CA ALA A 9 44.28 -52.94 38.67
C ALA A 9 44.20 -53.21 40.17
N SER A 10 45.34 -53.50 40.77
CA SER A 10 45.38 -53.72 42.20
C SER A 10 46.74 -53.33 42.73
N VAL A 11 46.74 -52.85 43.96
CA VAL A 11 47.95 -52.48 44.67
C VAL A 11 47.91 -53.01 46.09
N SER A 12 49.07 -53.06 46.73
CA SER A 12 49.15 -53.40 48.14
C SER A 12 50.22 -52.57 48.80
N GLU A 13 49.87 -51.90 49.88
CA GLU A 13 50.81 -51.05 50.58
C GLU A 13 50.57 -51.12 52.09
N PRO A 14 51.61 -51.14 52.94
CA PRO A 14 51.54 -51.08 54.39
C PRO A 14 50.84 -49.83 54.93
N VAL A 15 50.24 -50.01 56.09
CA VAL A 15 49.54 -48.93 56.77
C VAL A 15 50.44 -47.74 56.98
N GLY A 16 49.87 -46.57 56.66
CA GLY A 16 50.52 -45.28 56.73
C GLY A 16 51.02 -44.82 55.37
N GLY A 17 50.97 -45.69 54.37
CA GLY A 17 51.45 -45.35 53.04
C GLY A 17 50.48 -44.53 52.17
N THR A 18 50.87 -44.30 50.91
CA THR A 18 50.08 -43.49 49.98
C THR A 18 49.88 -44.18 48.64
N VAL A 19 48.64 -44.23 48.16
CA VAL A 19 48.38 -44.90 46.90
C VAL A 19 47.96 -43.98 45.79
N THR A 20 48.60 -44.15 44.64
CA THR A 20 48.18 -43.38 43.49
C THR A 20 47.31 -44.27 42.65
N ILE A 21 46.13 -43.77 42.33
CA ILE A 21 45.15 -44.49 41.53
C ILE A 21 44.93 -43.73 40.24
N LYS A 22 45.13 -44.36 39.09
CA LYS A 22 44.97 -43.64 37.84
C LYS A 22 43.84 -44.11 36.96
N CYS A 23 43.17 -43.13 36.34
CA CYS A 23 42.06 -43.32 35.43
C CYS A 23 42.27 -42.56 34.12
N GLN A 24 42.25 -43.29 33.00
CA GLN A 24 42.49 -42.70 31.69
C GLN A 24 41.28 -42.81 30.77
N ALA A 25 40.74 -41.65 30.39
CA ALA A 25 39.57 -41.59 29.53
C ALA A 25 39.92 -41.61 28.05
N SER A 26 39.00 -42.16 27.25
CA SER A 26 39.12 -42.14 25.80
C SER A 26 38.85 -40.78 25.16
N HIS A 27 38.18 -39.92 25.89
CA HIS A 27 37.82 -38.59 25.43
C HIS A 27 38.04 -37.57 26.50
N ASN A 28 38.21 -36.33 26.10
CA ASN A 28 38.34 -35.23 27.04
C ASN A 28 37.02 -35.09 27.75
N ILE A 29 37.03 -35.09 29.08
CA ILE A 29 35.77 -35.00 29.78
C ILE A 29 35.57 -33.74 30.60
N ARG A 30 36.36 -32.72 30.30
CA ARG A 30 36.21 -31.39 30.90
C ARG A 30 36.15 -31.38 32.42
N SER A 31 36.94 -32.21 33.05
CA SER A 31 37.03 -32.31 34.50
C SER A 31 35.71 -32.50 35.28
N TYR A 32 34.78 -33.32 34.77
CA TYR A 32 33.53 -33.60 35.51
C TYR A 32 33.51 -34.96 36.21
N LEU A 33 34.65 -35.58 36.27
CA LEU A 33 34.83 -36.89 36.84
C LEU A 33 34.58 -37.00 38.34
N SER A 34 33.95 -38.09 38.77
CA SER A 34 33.76 -38.36 40.19
C SER A 34 34.44 -39.67 40.57
N TRP A 35 34.72 -39.84 41.87
CA TRP A 35 35.34 -41.06 42.36
C TRP A 35 34.59 -41.65 43.53
N TYR A 36 34.56 -42.98 43.57
CA TYR A 36 33.87 -43.72 44.61
C TYR A 36 34.71 -44.76 45.35
N GLN A 37 34.36 -45.01 46.60
CA GLN A 37 35.00 -46.03 47.43
C GLN A 37 34.03 -47.15 47.80
N GLN A 38 34.31 -48.37 47.41
CA GLN A 38 33.38 -49.45 47.71
C GLN A 38 33.89 -50.48 48.69
N LYS A 39 33.13 -50.63 49.75
CA LYS A 39 33.40 -51.62 50.77
C LYS A 39 32.61 -52.85 50.39
N VAL A 40 33.04 -54.00 50.84
CA VAL A 40 32.32 -55.20 50.45
C VAL A 40 30.95 -55.25 51.10
N GLY A 41 29.94 -55.48 50.26
CA GLY A 41 28.55 -55.60 50.69
C GLY A 41 27.83 -54.26 50.68
N GLN A 42 28.55 -53.18 50.37
CA GLN A 42 27.97 -51.87 50.36
C GLN A 42 27.95 -51.26 48.97
N PRO A 43 27.06 -50.29 48.70
CA PRO A 43 27.10 -49.51 47.50
C PRO A 43 28.31 -48.62 47.65
N PRO A 44 28.96 -48.18 46.59
CA PRO A 44 30.09 -47.27 46.63
C PRO A 44 29.77 -45.91 47.27
N LYS A 45 30.69 -45.38 48.05
CA LYS A 45 30.52 -44.07 48.65
C LYS A 45 31.20 -43.03 47.79
N ARG A 46 30.59 -41.88 47.61
CA ARG A 46 31.26 -40.87 46.81
C ARG A 46 32.35 -40.18 47.62
N LEU A 47 33.54 -40.09 47.04
CA LEU A 47 34.65 -39.41 47.70
C LEU A 47 34.84 -38.03 47.12
N ILE A 48 34.81 -37.99 45.82
CA ILE A 48 35.01 -36.79 45.00
C ILE A 48 33.87 -36.60 44.09
N TYR A 49 33.33 -35.41 44.03
CA TYR A 49 32.23 -35.20 43.12
C TYR A 49 32.67 -34.46 41.87
N GLU A 50 33.73 -33.66 41.96
CA GLU A 50 34.13 -32.96 40.75
C GLU A 50 35.64 -32.79 40.64
N THR A 51 36.29 -33.81 40.07
CA THR A 51 37.73 -33.91 39.83
C THR A 51 38.61 -33.85 41.08
N SER A 52 38.59 -32.71 41.75
CA SER A 52 39.34 -32.50 42.98
C SER A 52 38.46 -32.16 44.16
N ASN A 53 37.20 -31.85 43.92
CA ASN A 53 36.35 -31.43 45.01
C ASN A 53 35.74 -32.60 45.73
N LEU A 54 36.12 -32.70 47.00
CA LEU A 54 35.70 -33.77 47.90
C LEU A 54 34.28 -33.63 48.35
N ALA A 55 33.65 -34.77 48.47
CA ALA A 55 32.30 -34.92 48.96
C ALA A 55 32.26 -34.58 50.42
N SER A 56 31.13 -34.09 50.88
CA SER A 56 31.02 -33.74 52.27
C SER A 56 31.25 -34.95 53.15
N GLY A 57 31.98 -34.74 54.23
CA GLY A 57 32.25 -35.78 55.21
C GLY A 57 33.49 -36.61 54.88
N VAL A 58 34.12 -36.34 53.74
CA VAL A 58 35.27 -37.09 53.33
C VAL A 58 36.58 -36.39 53.74
N PRO A 59 37.49 -37.09 54.45
CA PRO A 59 38.79 -36.60 54.88
C PRO A 59 39.66 -36.20 53.71
N SER A 60 40.55 -35.25 53.96
CA SER A 60 41.49 -34.69 52.99
C SER A 60 42.48 -35.70 52.45
N ARG A 61 42.59 -36.83 53.13
CA ARG A 61 43.50 -37.87 52.72
C ARG A 61 43.09 -38.40 51.36
N PHE A 62 41.84 -38.19 50.95
CA PHE A 62 41.33 -38.72 49.69
C PHE A 62 41.38 -37.75 48.54
N ALA A 63 42.11 -36.67 48.69
CA ALA A 63 42.20 -35.68 47.66
C ALA A 63 42.80 -36.25 46.37
N GLY A 64 42.47 -35.59 45.25
CA GLY A 64 42.96 -36.00 43.93
C GLY A 64 42.91 -34.84 42.93
N SER A 65 43.31 -35.12 41.69
CA SER A 65 43.39 -34.10 40.64
C SER A 65 43.47 -34.67 39.23
N GLY A 66 43.37 -33.79 38.24
CA GLY A 66 43.52 -34.19 36.85
C GLY A 66 42.89 -33.20 35.91
N SER A 67 42.99 -33.49 34.63
CA SER A 67 42.43 -32.66 33.57
C SER A 67 42.36 -33.43 32.27
N GLY A 68 41.63 -32.90 31.30
CA GLY A 68 41.69 -33.57 30.02
C GLY A 68 41.15 -34.97 30.12
N THR A 69 42.01 -35.93 29.83
CA THR A 69 41.65 -37.33 29.86
C THR A 69 42.35 -38.07 31.00
N GLU A 70 43.23 -37.40 31.74
CA GLU A 70 44.02 -38.08 32.77
C GLU A 70 43.76 -37.62 34.19
N PHE A 71 43.28 -38.56 35.00
CA PHE A 71 42.96 -38.22 36.38
C PHE A 71 43.53 -39.20 37.38
N THR A 72 43.95 -38.68 38.53
CA THR A 72 44.45 -39.54 39.59
C THR A 72 43.99 -39.21 41.01
N LEU A 73 44.03 -40.22 41.87
CA LEU A 73 43.84 -40.03 43.30
C LEU A 73 45.15 -40.27 43.96
N THR A 74 45.39 -39.61 45.07
CA THR A 74 46.56 -39.88 45.87
C THR A 74 46.09 -40.04 47.29
N ILE A 75 45.82 -41.27 47.71
CA ILE A 75 45.20 -41.40 49.01
C ILE A 75 46.26 -41.64 50.05
N SER A 76 46.41 -40.68 50.95
CA SER A 76 47.46 -40.71 51.97
C SER A 76 47.05 -41.38 53.27
N ASP A 77 48.07 -41.66 54.11
CA ASP A 77 47.87 -42.18 55.45
C ASP A 77 46.95 -43.39 55.47
N LEU A 78 47.18 -44.31 54.56
CA LEU A 78 46.28 -45.45 54.47
C LEU A 78 46.15 -46.28 55.71
N GLU A 79 44.90 -46.54 56.11
CA GLU A 79 44.57 -47.38 57.25
C GLU A 79 44.00 -48.70 56.76
N CYS A 80 43.98 -49.73 57.58
CA CYS A 80 43.35 -50.97 57.08
C CYS A 80 41.88 -50.72 56.76
N ALA A 81 41.29 -49.75 57.43
CA ALA A 81 39.91 -49.32 57.24
C ALA A 81 39.66 -48.75 55.83
N ASP A 82 40.73 -48.33 55.15
CA ASP A 82 40.64 -47.72 53.84
C ASP A 82 40.81 -48.75 52.74
N ALA A 83 41.02 -50.02 53.07
CA ALA A 83 41.13 -50.96 51.98
C ALA A 83 39.75 -51.00 51.33
N ALA A 84 39.73 -50.86 50.01
CA ALA A 84 38.46 -50.78 49.27
C ALA A 84 38.69 -50.88 47.79
N THR A 85 37.62 -51.09 47.03
CA THR A 85 37.79 -50.96 45.61
C THR A 85 37.45 -49.53 45.26
N TYR A 86 38.33 -48.88 44.54
CA TYR A 86 38.09 -47.50 44.17
C TYR A 86 37.66 -47.42 42.73
N TYR A 87 36.69 -46.57 42.43
CA TYR A 87 36.20 -46.47 41.05
C TYR A 87 36.17 -45.09 40.47
N CYS A 88 36.36 -45.05 39.17
CA CYS A 88 36.32 -43.82 38.39
C CYS A 88 35.01 -43.71 37.59
N GLN A 89 34.20 -42.65 37.76
CA GLN A 89 32.90 -42.48 37.00
C GLN A 89 32.89 -41.22 36.12
N SER A 90 32.58 -41.39 34.82
CA SER A 90 32.70 -40.30 33.83
C SER A 90 31.86 -39.02 33.96
N ASN A 91 30.56 -39.13 34.08
CA ASN A 91 29.69 -37.96 34.22
C ASN A 91 29.82 -36.92 33.13
N PHE A 92 30.03 -37.30 31.87
CA PHE A 92 30.20 -36.22 30.89
C PHE A 92 28.93 -35.43 30.62
N GLY A 93 27.84 -36.12 30.30
CA GLY A 93 26.55 -35.45 30.09
C GLY A 93 26.29 -34.76 28.74
N LEU A 94 25.32 -33.83 28.78
CA LEU A 94 24.80 -33.00 27.69
C LEU A 94 24.05 -33.66 26.54
N SER A 95 24.70 -34.62 25.90
CA SER A 95 24.16 -35.25 24.69
C SER A 95 23.03 -36.15 25.00
N ASP A 96 22.31 -36.62 24.00
CA ASP A 96 21.26 -37.59 24.28
C ASP A 96 21.77 -39.01 24.17
N SER A 97 23.07 -39.15 23.92
CA SER A 97 23.71 -40.43 23.92
C SER A 97 24.20 -40.69 25.33
N ARG A 98 24.49 -39.62 26.06
CA ARG A 98 24.97 -39.68 27.43
C ARG A 98 25.94 -40.81 27.63
N THR A 99 25.44 -41.85 28.25
CA THR A 99 26.20 -43.01 28.63
C THR A 99 27.20 -42.68 29.69
N TYR A 100 26.72 -42.63 30.92
CA TYR A 100 27.60 -42.29 32.00
C TYR A 100 28.40 -43.50 32.39
N ASN A 101 29.33 -43.87 31.54
CA ASN A 101 30.10 -45.05 31.80
C ASN A 101 30.82 -44.92 33.08
N PHE A 102 30.64 -45.96 33.84
CA PHE A 102 31.22 -46.12 35.11
C PHE A 102 32.47 -46.81 34.66
N GLY A 103 33.61 -46.33 35.04
CA GLY A 103 34.82 -46.94 34.54
C GLY A 103 35.15 -48.11 35.41
N GLY A 104 36.29 -48.70 35.17
CA GLY A 104 36.62 -49.84 36.02
C GLY A 104 37.14 -49.27 37.33
N GLY A 105 37.61 -50.13 38.21
CA GLY A 105 38.14 -49.67 39.48
C GLY A 105 39.44 -50.36 39.78
N THR A 106 39.99 -50.06 40.94
CA THR A 106 41.22 -50.68 41.36
C THR A 106 41.08 -51.18 42.77
N GLU A 107 41.80 -52.23 43.10
CA GLU A 107 41.75 -52.75 44.46
C GLU A 107 42.89 -52.26 45.31
N VAL A 108 42.58 -51.63 46.42
CA VAL A 108 43.63 -51.17 47.30
C VAL A 108 43.66 -51.95 48.59
N VAL A 109 44.75 -52.66 48.78
CA VAL A 109 44.96 -53.46 49.97
C VAL A 109 45.87 -52.73 50.92
N VAL A 110 45.44 -52.58 52.16
CA VAL A 110 46.29 -51.90 53.10
C VAL A 110 46.76 -52.93 54.10
N LYS A 111 48.06 -53.13 54.14
CA LYS A 111 48.66 -54.18 54.94
C LYS A 111 49.09 -53.82 56.36
N GLY A 112 48.68 -54.65 57.31
CA GLY A 112 49.04 -54.47 58.70
C GLY A 112 50.27 -55.32 59.05
N ASP A 113 50.39 -55.67 60.34
CA ASP A 113 51.52 -56.43 60.85
C ASP A 113 51.66 -57.79 60.17
N ARG B 1 15.48 -39.90 53.74
CA ARG B 1 15.59 -39.95 52.29
C ARG B 1 16.46 -41.10 51.85
N GLN B 2 15.81 -42.23 51.58
CA GLN B 2 16.53 -43.44 51.21
C GLN B 2 15.88 -44.22 50.09
N LEU B 3 16.65 -44.52 49.06
CA LEU B 3 16.13 -45.34 47.99
C LEU B 3 16.04 -46.78 48.44
N VAL B 4 14.90 -47.41 48.17
CA VAL B 4 14.75 -48.82 48.51
C VAL B 4 14.28 -49.67 47.34
N GLU B 5 15.10 -50.64 46.99
CA GLU B 5 14.84 -51.58 45.92
C GLU B 5 14.00 -52.77 46.34
N SER B 6 13.23 -53.26 45.39
CA SER B 6 12.46 -54.49 45.49
C SER B 6 12.39 -55.21 44.16
N GLY B 7 11.65 -56.31 44.15
CA GLY B 7 11.50 -57.10 42.93
C GLY B 7 12.70 -58.01 42.63
N GLY B 8 13.45 -58.42 43.66
CA GLY B 8 14.63 -59.25 43.43
C GLY B 8 14.25 -60.72 43.29
N GLY B 9 15.25 -61.60 43.22
CA GLY B 9 15.05 -63.03 43.02
C GLY B 9 15.54 -63.42 41.62
N LEU B 10 16.20 -64.56 41.51
CA LEU B 10 16.72 -64.92 40.20
C LEU B 10 15.68 -65.62 39.35
N VAL B 11 15.69 -65.28 38.07
CA VAL B 11 14.82 -65.84 37.06
C VAL B 11 15.62 -66.55 35.98
N GLN B 12 15.15 -67.73 35.64
CA GLN B 12 15.73 -68.62 34.66
C GLN B 12 15.97 -67.97 33.29
N PRO B 13 16.90 -68.50 32.47
CA PRO B 13 17.24 -67.98 31.17
C PRO B 13 16.02 -67.86 30.28
N GLU B 14 16.02 -66.77 29.53
CA GLU B 14 14.99 -66.35 28.59
C GLU B 14 13.72 -65.88 29.28
N GLY B 15 13.78 -65.70 30.60
CA GLY B 15 12.67 -65.14 31.32
C GLY B 15 12.80 -63.63 31.36
N SER B 16 12.00 -63.00 32.23
CA SER B 16 12.00 -61.57 32.39
C SER B 16 11.61 -61.22 33.82
N LEU B 17 11.96 -60.01 34.24
CA LEU B 17 11.58 -59.51 35.56
C LEU B 17 11.54 -58.00 35.56
N THR B 18 10.85 -57.41 36.54
CA THR B 18 10.90 -55.96 36.67
C THR B 18 11.32 -55.55 38.07
N LEU B 19 12.31 -54.68 38.15
CA LEU B 19 12.80 -54.19 39.45
C LEU B 19 12.10 -52.92 39.81
N THR B 20 11.86 -52.72 41.10
CA THR B 20 11.18 -51.51 41.57
C THR B 20 12.00 -50.75 42.61
N CYS B 21 12.03 -49.43 42.51
CA CYS B 21 12.75 -48.63 43.48
C CYS B 21 11.95 -47.43 43.97
N LYS B 22 11.85 -47.29 45.29
CA LYS B 22 11.12 -46.17 45.88
C LYS B 22 11.94 -45.14 46.62
N ALA B 23 11.55 -43.88 46.44
CA ALA B 23 12.12 -42.72 47.09
C ALA B 23 11.54 -42.55 48.48
N SER B 24 11.95 -43.39 49.42
CA SER B 24 11.31 -43.22 50.70
C SER B 24 11.80 -41.92 51.30
N GLY B 25 10.88 -41.04 51.70
CA GLY B 25 11.27 -39.76 52.29
C GLY B 25 11.36 -38.57 51.32
N PHE B 26 11.21 -38.81 50.03
CA PHE B 26 11.31 -37.70 49.08
C PHE B 26 10.55 -37.95 47.81
N SER B 27 10.38 -36.90 47.03
CA SER B 27 9.74 -37.01 45.73
C SER B 27 10.76 -36.62 44.72
N PHE B 28 10.53 -37.00 43.47
CA PHE B 28 11.44 -36.64 42.40
C PHE B 28 11.18 -35.21 41.98
N SER B 29 12.24 -34.51 41.63
CA SER B 29 12.16 -33.13 41.21
C SER B 29 13.24 -32.86 40.18
N ARG B 30 13.27 -31.65 39.65
CA ARG B 30 14.16 -31.30 38.55
C ARG B 30 15.66 -31.43 38.84
N SER B 31 16.07 -31.36 40.10
CA SER B 31 17.48 -31.45 40.39
C SER B 31 17.96 -32.88 40.53
N GLN B 32 17.03 -33.82 40.50
CA GLN B 32 17.35 -35.20 40.72
C GLN B 32 17.37 -35.97 39.44
N TYR B 33 18.29 -36.89 39.30
CA TYR B 33 18.32 -37.67 38.08
C TYR B 33 18.45 -39.14 38.52
N MET B 34 17.58 -40.03 38.03
CA MET B 34 17.60 -41.43 38.51
C MET B 34 18.27 -42.41 37.59
N CYS B 35 19.08 -43.30 38.15
CA CYS B 35 19.76 -44.28 37.34
C CYS B 35 19.84 -45.67 37.96
N TRP B 36 20.15 -46.64 37.10
CA TRP B 36 20.42 -48.00 37.55
C TRP B 36 21.81 -48.42 37.10
N VAL B 37 22.48 -49.12 38.00
CA VAL B 37 23.82 -49.65 37.80
C VAL B 37 23.84 -51.09 38.30
N ARG B 38 24.59 -51.97 37.66
CA ARG B 38 24.64 -53.34 38.19
C ARG B 38 26.04 -53.81 38.46
N GLN B 39 26.15 -54.73 39.41
CA GLN B 39 27.43 -55.32 39.71
C GLN B 39 27.36 -56.82 39.87
N ALA B 40 27.96 -57.53 38.94
CA ALA B 40 27.99 -58.97 39.04
C ALA B 40 28.79 -59.22 40.28
N PRO B 41 28.57 -60.30 41.04
CA PRO B 41 29.29 -60.55 42.27
C PRO B 41 30.81 -60.61 42.15
N GLY B 42 31.35 -60.93 40.97
CA GLY B 42 32.80 -60.97 40.82
C GLY B 42 33.35 -59.77 40.03
N LYS B 43 32.52 -58.79 39.75
CA LYS B 43 32.90 -57.66 38.90
C LYS B 43 32.80 -56.28 39.54
N GLY B 44 33.15 -55.27 38.75
CA GLY B 44 33.06 -53.87 39.16
C GLY B 44 31.68 -53.40 38.76
N LEU B 45 31.47 -52.11 38.62
CA LEU B 45 30.12 -51.68 38.35
C LEU B 45 29.92 -51.24 36.93
N GLU B 46 28.78 -51.62 36.38
CA GLU B 46 28.42 -51.29 35.02
C GLU B 46 27.16 -50.44 34.96
N TRP B 47 27.26 -49.29 34.32
CA TRP B 47 26.13 -48.39 34.21
C TRP B 47 25.14 -48.94 33.21
N ILE B 48 23.84 -48.87 33.51
CA ILE B 48 22.86 -49.38 32.59
C ILE B 48 22.04 -48.27 31.94
N THR B 49 21.35 -47.51 32.79
CA THR B 49 20.40 -46.54 32.28
C THR B 49 19.98 -45.45 33.25
N CYS B 50 19.54 -44.31 32.72
CA CYS B 50 18.99 -43.23 33.52
C CYS B 50 17.70 -42.64 33.01
N VAL B 51 16.92 -42.03 33.90
CA VAL B 51 15.75 -41.30 33.48
C VAL B 51 15.67 -39.95 34.16
N TYR B 52 15.28 -38.94 33.42
CA TYR B 52 15.10 -37.64 34.02
C TYR B 52 13.60 -37.38 34.26
N PRO B 53 13.15 -37.30 35.52
CA PRO B 53 11.76 -37.26 35.96
C PRO B 53 10.88 -36.11 35.48
N ASP B 54 11.42 -34.99 35.05
CA ASP B 54 10.51 -33.96 34.57
C ASP B 54 10.02 -34.18 33.17
N ASP B 55 10.62 -35.09 32.40
CA ASP B 55 10.10 -35.26 31.06
C ASP B 55 10.24 -36.71 30.70
N ASP B 56 10.72 -37.44 31.67
CA ASP B 56 10.93 -38.87 31.63
C ASP B 56 11.80 -39.32 30.47
N THR B 57 12.80 -38.55 30.08
CA THR B 57 13.64 -39.02 29.02
C THR B 57 14.57 -40.10 29.50
N PRO B 58 14.55 -41.31 28.94
CA PRO B 58 15.42 -42.39 29.27
C PRO B 58 16.75 -42.22 28.55
N TYR B 59 17.82 -42.74 29.13
CA TYR B 59 19.10 -42.83 28.46
C TYR B 59 19.62 -44.25 28.63
N TYR B 60 20.18 -44.84 27.59
CA TYR B 60 20.65 -46.21 27.77
C TYR B 60 22.05 -46.48 27.32
N ALA B 61 22.69 -47.40 28.02
CA ALA B 61 23.96 -47.90 27.59
C ALA B 61 23.73 -48.67 26.33
N THR B 62 24.66 -48.65 25.39
CA THR B 62 24.43 -49.38 24.17
C THR B 62 24.12 -50.84 24.42
N TRP B 63 24.90 -51.47 25.29
CA TRP B 63 24.75 -52.89 25.57
C TRP B 63 23.39 -53.27 26.13
N ALA B 64 22.71 -52.30 26.73
CA ALA B 64 21.45 -52.48 27.39
C ALA B 64 20.25 -52.04 26.57
N LYS B 65 20.48 -51.38 25.46
CA LYS B 65 19.37 -50.73 24.80
C LYS B 65 18.24 -51.65 24.36
N GLY B 66 18.58 -52.85 23.91
CA GLY B 66 17.54 -53.75 23.43
C GLY B 66 16.97 -54.68 24.50
N ARG B 67 17.42 -54.57 25.75
CA ARG B 67 16.94 -55.47 26.78
C ARG B 67 16.39 -54.78 28.02
N PHE B 68 16.80 -53.56 28.28
CA PHE B 68 16.40 -52.88 29.48
C PHE B 68 15.53 -51.68 29.19
N THR B 69 14.44 -51.55 29.95
CA THR B 69 13.57 -50.38 29.83
C THR B 69 13.38 -49.66 31.16
N ILE B 70 13.64 -48.37 31.17
CA ILE B 70 13.48 -47.61 32.41
C ILE B 70 12.29 -46.71 32.30
N SER B 71 11.47 -46.69 33.35
CA SER B 71 10.30 -45.84 33.32
C SER B 71 9.88 -45.34 34.70
N LYS B 72 9.44 -44.10 34.76
CA LYS B 72 8.94 -43.53 36.00
C LYS B 72 7.52 -44.02 36.19
N THR B 73 7.15 -44.43 37.39
CA THR B 73 5.78 -44.88 37.59
C THR B 73 4.99 -43.98 38.53
N SER B 74 5.69 -43.21 39.35
CA SER B 74 5.05 -42.31 40.29
C SER B 74 6.05 -41.25 40.65
N SER B 75 5.60 -40.25 41.41
CA SER B 75 6.48 -39.19 41.87
C SER B 75 7.53 -39.71 42.85
N THR B 76 7.33 -40.92 43.38
CA THR B 76 8.25 -41.56 44.29
C THR B 76 8.85 -42.86 43.73
N THR B 77 8.32 -43.40 42.64
CA THR B 77 8.91 -44.67 42.20
C THR B 77 9.30 -44.75 40.75
N VAL B 78 10.30 -45.59 40.51
CA VAL B 78 10.73 -45.92 39.17
C VAL B 78 10.88 -47.43 39.05
N THR B 79 10.80 -47.93 37.84
CA THR B 79 11.05 -49.33 37.62
C THR B 79 11.98 -49.57 36.47
N LEU B 80 12.57 -50.76 36.47
CA LEU B 80 13.42 -51.20 35.39
C LEU B 80 12.96 -52.55 34.90
N ARG B 81 12.59 -52.63 33.65
CA ARG B 81 12.14 -53.90 33.09
C ARG B 81 13.28 -54.57 32.39
N LEU B 82 13.54 -55.81 32.75
CA LEU B 82 14.62 -56.56 32.16
C LEU B 82 14.10 -57.73 31.37
N THR B 83 14.51 -57.88 30.13
CA THR B 83 14.07 -59.04 29.37
C THR B 83 15.22 -59.81 28.80
N SER B 84 14.88 -60.93 28.16
CA SER B 84 15.85 -61.81 27.51
C SER B 84 16.95 -62.10 28.50
N LEU B 85 16.58 -62.49 29.71
CA LEU B 85 17.56 -62.69 30.75
C LEU B 85 18.48 -63.85 30.49
N THR B 86 19.74 -63.68 30.81
CA THR B 86 20.70 -64.79 30.73
C THR B 86 21.32 -64.97 32.09
N GLU B 87 22.04 -66.06 32.31
CA GLU B 87 22.68 -66.28 33.60
C GLU B 87 23.81 -65.29 33.82
N ALA B 88 24.28 -64.71 32.72
CA ALA B 88 25.36 -63.76 32.68
C ALA B 88 24.91 -62.42 33.24
N ASP B 89 23.61 -62.25 33.38
CA ASP B 89 23.04 -61.02 33.87
C ASP B 89 22.81 -61.12 35.37
N THR B 90 23.26 -62.24 35.97
CA THR B 90 23.08 -62.33 37.41
C THR B 90 23.94 -61.22 37.97
N ALA B 91 23.35 -60.39 38.79
CA ALA B 91 24.08 -59.28 39.36
C ALA B 91 23.29 -58.63 40.45
N THR B 92 23.96 -57.83 41.23
CA THR B 92 23.26 -57.01 42.17
C THR B 92 22.91 -55.71 41.45
N TYR B 93 21.65 -55.36 41.45
CA TYR B 93 21.21 -54.16 40.77
C TYR B 93 20.92 -53.07 41.76
N PHE B 94 21.44 -51.90 41.48
CA PHE B 94 21.26 -50.76 42.35
C PHE B 94 20.50 -49.64 41.73
N CYS B 95 19.66 -49.03 42.54
CA CYS B 95 18.92 -47.83 42.23
C CYS B 95 19.70 -46.68 42.81
N ALA B 96 19.96 -45.65 42.02
CA ALA B 96 20.75 -44.56 42.56
C ALA B 96 20.35 -43.20 42.05
N ARG B 97 20.58 -42.20 42.88
CA ARG B 97 20.26 -40.83 42.52
C ARG B 97 21.47 -39.94 42.43
N THR B 98 21.56 -39.23 41.31
CA THR B 98 22.63 -38.29 41.10
C THR B 98 22.16 -36.87 41.23
N SER B 99 23.14 -35.98 41.30
CA SER B 99 22.91 -34.55 41.40
C SER B 99 23.91 -33.82 40.54
N GLY B 100 23.76 -32.51 40.37
CA GLY B 100 24.66 -31.75 39.50
C GLY B 100 24.42 -30.25 39.53
N PHE B 101 24.61 -29.61 38.39
CA PHE B 101 24.46 -28.17 38.27
C PHE B 101 23.42 -27.79 37.25
N GLY B 102 22.68 -26.72 37.50
CA GLY B 102 21.74 -26.23 36.50
C GLY B 102 22.43 -25.81 35.22
N GLY B 103 23.65 -25.31 35.38
CA GLY B 103 24.42 -24.84 34.25
C GLY B 103 25.12 -25.97 33.51
N TYR B 104 24.99 -27.20 33.98
CA TYR B 104 25.63 -28.30 33.31
C TYR B 104 25.19 -29.61 33.92
N SER B 105 24.10 -30.20 33.44
CA SER B 105 23.72 -31.51 33.91
C SER B 105 23.47 -31.70 35.39
N TYR B 106 22.22 -31.98 35.78
CA TYR B 106 21.98 -32.35 37.17
C TYR B 106 22.32 -33.83 37.39
N ALA B 107 23.54 -34.18 37.08
CA ALA B 107 24.09 -35.50 37.24
C ALA B 107 25.57 -35.33 37.37
N ALA B 108 26.04 -34.13 37.06
CA ALA B 108 27.46 -33.85 37.07
C ALA B 108 27.98 -33.56 38.46
N HIS B 109 28.04 -34.61 39.25
CA HIS B 109 28.48 -34.69 40.63
C HIS B 109 28.41 -36.15 40.99
N GLY B 110 27.72 -36.91 40.16
CA GLY B 110 27.60 -38.34 40.38
C GLY B 110 26.54 -38.65 41.41
N VAL B 111 26.59 -39.87 41.95
CA VAL B 111 25.56 -40.37 42.85
C VAL B 111 25.74 -39.90 44.26
N ASP B 112 24.70 -39.32 44.84
CA ASP B 112 24.83 -38.92 46.22
C ASP B 112 24.12 -39.95 47.09
N LEU B 113 23.13 -40.62 46.51
CA LEU B 113 22.35 -41.61 47.24
C LEU B 113 22.19 -42.93 46.53
N TRP B 114 22.54 -44.00 47.22
CA TRP B 114 22.40 -45.34 46.69
C TRP B 114 21.42 -46.13 47.53
N GLY B 115 20.65 -47.02 46.92
CA GLY B 115 19.85 -47.94 47.68
C GLY B 115 20.70 -49.18 47.98
N PRO B 116 20.25 -50.10 48.84
CA PRO B 116 20.88 -51.38 49.08
C PRO B 116 20.76 -52.07 47.77
N GLY B 117 21.69 -52.87 47.34
CA GLY B 117 21.42 -53.49 46.06
C GLY B 117 20.50 -54.68 46.21
N THR B 118 19.85 -55.08 45.10
CA THR B 118 18.99 -56.26 45.09
C THR B 118 19.47 -57.22 44.02
N LEU B 119 19.59 -58.49 44.34
CA LEU B 119 20.10 -59.43 43.35
C LEU B 119 19.05 -60.26 42.65
N VAL B 120 19.30 -60.41 41.36
CA VAL B 120 18.53 -61.24 40.45
C VAL B 120 19.51 -61.99 39.58
N ALA C 1 1.72 64.00 32.04
CA ALA C 1 2.75 62.99 31.92
C ALA C 1 3.86 63.45 31.01
N GLU C 2 5.01 62.81 31.12
CA GLU C 2 6.14 63.13 30.26
C GLU C 2 5.72 62.85 28.83
N ASN C 3 5.99 63.77 27.92
CA ASN C 3 5.55 63.56 26.54
C ASN C 3 6.50 62.65 25.76
N LEU C 4 6.41 61.37 26.08
CA LEU C 4 7.19 60.31 25.47
C LEU C 4 6.31 59.63 24.49
N TRP C 5 6.89 59.19 23.39
CA TRP C 5 6.13 58.58 22.32
C TRP C 5 6.43 57.09 22.16
N VAL C 6 5.49 56.36 21.54
CA VAL C 6 5.68 54.93 21.38
C VAL C 6 6.74 54.62 20.33
N THR C 7 7.80 53.97 20.71
CA THR C 7 8.84 53.70 19.73
C THR C 7 8.87 52.22 19.47
N VAL C 8 8.93 51.85 18.21
CA VAL C 8 8.87 50.44 17.86
C VAL C 8 10.25 49.88 17.58
N TYR C 9 10.55 48.76 18.23
CA TYR C 9 11.81 48.07 18.09
C TYR C 9 11.71 46.67 17.51
N TYR C 10 12.50 46.41 16.48
CA TYR C 10 12.50 45.09 15.86
C TYR C 10 13.86 44.46 16.02
N GLY C 11 13.85 43.19 16.43
CA GLY C 11 15.09 42.49 16.73
C GLY C 11 15.22 42.42 18.25
N VAL C 12 14.09 42.51 18.93
CA VAL C 12 14.07 42.47 20.38
C VAL C 12 14.30 41.05 20.92
N PRO C 13 15.29 40.80 21.79
CA PRO C 13 15.65 39.48 22.30
C PRO C 13 14.72 38.91 23.36
N VAL C 14 13.47 38.62 22.97
CA VAL C 14 12.48 38.05 23.89
C VAL C 14 11.82 36.80 23.32
N TRP C 15 11.21 36.01 24.21
CA TRP C 15 10.57 34.78 23.81
C TRP C 15 9.41 34.31 24.67
N LYS C 16 8.68 33.35 24.13
CA LYS C 16 7.57 32.67 24.79
C LYS C 16 7.69 31.16 24.66
N ASP C 17 7.11 30.43 25.60
CA ASP C 17 7.12 28.97 25.50
C ASP C 17 6.40 28.53 24.25
N ALA C 18 6.92 27.51 23.56
CA ALA C 18 6.24 27.07 22.35
C ALA C 18 6.48 25.63 21.99
N GLU C 19 5.60 25.08 21.19
CA GLU C 19 5.78 23.72 20.72
C GLU C 19 5.87 23.68 19.21
N THR C 20 6.98 23.17 18.72
CA THR C 20 7.24 23.03 17.31
C THR C 20 7.90 21.74 17.00
N THR C 21 8.24 21.56 15.74
CA THR C 21 8.93 20.36 15.29
C THR C 21 10.42 20.57 15.30
N LEU C 22 11.13 19.69 15.97
CA LEU C 22 12.58 19.79 15.99
C LEU C 22 13.15 18.83 14.98
N PHE C 23 14.31 19.14 14.45
CA PHE C 23 14.87 18.27 13.43
C PHE C 23 16.05 17.44 13.88
N CYS C 24 16.14 16.26 13.30
CA CYS C 24 17.23 15.32 13.59
C CYS C 24 18.54 15.78 13.02
N ALA C 25 19.59 15.67 13.81
CA ALA C 25 20.91 15.97 13.32
C ALA C 25 21.91 14.98 13.90
N SER C 26 22.95 14.68 13.15
CA SER C 26 23.93 13.72 13.62
C SER C 26 25.37 14.07 13.34
N ASP C 27 26.22 13.05 13.34
CA ASP C 27 27.62 13.25 13.06
C ASP C 27 27.82 13.07 11.57
N ALA C 28 29.04 13.22 11.09
CA ALA C 28 29.33 13.02 9.68
C ALA C 28 29.47 11.54 9.37
N LYS C 29 29.62 10.76 10.42
CA LYS C 29 29.84 9.35 10.35
C LYS C 29 28.52 8.61 10.14
N LYS C 34 28.41 2.97 9.30
CA LYS C 34 26.99 2.70 9.48
C LYS C 34 26.29 2.89 8.15
N LYS C 35 25.97 1.79 7.46
CA LYS C 35 25.36 1.91 6.14
C LYS C 35 23.87 1.64 6.11
N HIS C 36 23.39 0.79 7.00
CA HIS C 36 21.99 0.43 6.95
C HIS C 36 21.36 0.62 8.30
N ASN C 37 21.89 1.57 9.03
CA ASN C 37 21.45 1.95 10.36
C ASN C 37 20.38 3.00 10.24
N VAL C 38 19.19 2.70 10.71
CA VAL C 38 18.07 3.60 10.48
C VAL C 38 18.28 4.99 11.04
N TRP C 39 19.14 5.16 12.02
CA TRP C 39 19.35 6.47 12.56
C TRP C 39 20.28 7.26 11.63
N ALA C 40 21.15 6.55 10.91
CA ALA C 40 22.12 7.15 9.98
C ALA C 40 21.52 7.33 8.61
N THR C 41 20.56 6.48 8.28
CA THR C 41 19.95 6.50 6.96
C THR C 41 18.78 7.44 7.03
N HIS C 42 18.65 8.10 8.18
CA HIS C 42 17.63 9.08 8.40
C HIS C 42 18.25 10.45 8.12
N CYS C 43 19.44 10.41 7.50
CA CYS C 43 20.19 11.58 7.06
C CYS C 43 20.67 12.39 8.24
N CYS C 44 19.74 13.06 8.92
CA CYS C 44 20.09 13.78 10.11
C CYS C 44 21.30 14.65 9.85
N VAL C 45 21.07 15.73 9.11
CA VAL C 45 22.12 16.60 8.65
C VAL C 45 23.18 16.73 9.74
N PRO C 46 24.47 16.62 9.41
CA PRO C 46 25.53 16.72 10.37
C PRO C 46 25.43 18.01 11.13
N THR C 47 25.69 17.95 12.41
CA THR C 47 25.69 19.14 13.23
C THR C 47 27.00 19.86 13.07
N ASP C 48 27.01 21.11 13.49
CA ASP C 48 28.21 21.91 13.59
C ASP C 48 28.85 21.54 14.93
N PRO C 49 30.07 20.98 14.98
CA PRO C 49 30.76 20.59 16.19
C PRO C 49 30.92 21.73 17.20
N ASN C 50 30.81 22.97 16.73
CA ASN C 50 30.95 24.12 17.59
C ASN C 50 29.62 24.53 18.24
N PRO C 51 29.46 24.41 19.57
CA PRO C 51 28.25 24.72 20.29
C PRO C 51 28.16 26.22 20.31
N GLN C 52 26.97 26.77 20.43
CA GLN C 52 26.86 28.20 20.53
C GLN C 52 27.01 28.64 21.97
N GLU C 53 26.30 27.94 22.84
CA GLU C 53 26.25 28.17 24.29
C GLU C 53 25.65 29.54 24.64
N ILE C 54 26.34 30.59 24.29
CA ILE C 54 25.87 31.93 24.55
C ILE C 54 25.30 32.02 25.95
N HIS C 55 26.15 32.02 26.95
CA HIS C 55 25.65 32.05 28.31
C HIS C 55 24.77 33.26 28.54
N LEU C 56 23.59 33.08 29.15
CA LEU C 56 22.71 34.19 29.42
C LEU C 56 22.90 34.58 30.89
N GLU C 57 23.61 35.68 31.10
CA GLU C 57 24.08 36.02 32.44
C GLU C 57 23.04 36.24 33.51
N ASN C 58 21.93 36.83 33.16
CA ASN C 58 20.91 37.09 34.17
C ASN C 58 19.60 36.40 33.85
N VAL C 59 19.66 35.27 33.15
CA VAL C 59 18.41 34.59 32.86
C VAL C 59 18.13 33.47 33.82
N THR C 60 16.92 33.53 34.38
CA THR C 60 16.41 32.56 35.32
C THR C 60 15.10 32.01 34.77
N GLU C 61 15.20 30.95 33.98
CA GLU C 61 14.06 30.44 33.23
C GLU C 61 13.38 29.30 33.99
N GLU C 62 12.08 29.10 33.76
CA GLU C 62 11.32 28.02 34.41
C GLU C 62 11.09 26.77 33.56
N PHE C 63 11.49 25.64 34.13
CA PHE C 63 11.42 24.35 33.47
C PHE C 63 10.42 23.37 34.09
N ASN C 64 9.94 22.44 33.29
CA ASN C 64 9.13 21.36 33.80
C ASN C 64 9.31 20.12 32.94
N MET C 65 10.19 19.22 33.35
CA MET C 65 10.49 18.05 32.55
C MET C 65 9.31 17.13 32.38
N TRP C 66 8.32 17.22 33.24
CA TRP C 66 7.24 16.27 33.18
C TRP C 66 6.22 16.66 32.12
N LYS C 67 6.42 17.85 31.55
CA LYS C 67 5.54 18.40 30.55
C LYS C 67 6.36 18.71 29.30
N ASN C 68 7.53 18.09 29.17
CA ASN C 68 8.38 18.43 28.05
C ASN C 68 7.95 17.77 26.75
N ASN C 69 7.47 18.58 25.81
CA ASN C 69 6.95 18.06 24.57
C ASN C 69 8.05 17.55 23.67
N MET C 70 9.30 17.80 24.03
CA MET C 70 10.41 17.27 23.26
C MET C 70 10.44 15.77 23.44
N VAL C 71 9.94 15.31 24.59
CA VAL C 71 9.93 13.90 24.88
C VAL C 71 8.86 13.31 24.02
N GLU C 72 7.73 14.01 23.94
CA GLU C 72 6.65 13.49 23.13
C GLU C 72 7.06 13.42 21.68
N GLN C 73 7.80 14.41 21.20
CA GLN C 73 8.21 14.32 19.83
C GLN C 73 9.14 13.16 19.64
N MET C 74 10.10 12.97 20.54
CA MET C 74 11.04 11.89 20.32
C MET C 74 10.31 10.56 20.28
N HIS C 75 9.31 10.39 21.11
CA HIS C 75 8.54 9.16 21.12
C HIS C 75 7.88 8.95 19.79
N THR C 76 7.21 9.98 19.30
CA THR C 76 6.52 9.86 18.04
C THR C 76 7.49 9.59 16.89
N ASP C 77 8.62 10.28 16.87
CA ASP C 77 9.58 10.10 15.79
C ASP C 77 10.16 8.71 15.76
N ILE C 78 10.43 8.16 16.93
CA ILE C 78 10.98 6.83 16.98
C ILE C 78 10.00 5.85 16.44
N ILE C 79 8.75 5.97 16.83
CA ILE C 79 7.80 5.04 16.33
C ILE C 79 7.66 5.16 14.84
N SER C 80 7.57 6.38 14.32
CA SER C 80 7.42 6.53 12.90
C SER C 80 8.58 5.94 12.11
N LEU C 81 9.81 6.18 12.57
CA LEU C 81 10.95 5.65 11.84
C LEU C 81 10.90 4.14 11.87
N TRP C 82 10.58 3.60 13.03
CA TRP C 82 10.52 2.18 13.20
C TRP C 82 9.52 1.60 12.24
N ASP C 83 8.31 2.16 12.20
CA ASP C 83 7.28 1.59 11.37
C ASP C 83 7.59 1.66 9.90
N GLN C 84 8.21 2.74 9.45
CA GLN C 84 8.46 2.84 8.02
C GLN C 84 9.53 1.86 7.59
N SER C 85 10.42 1.49 8.50
CA SER C 85 11.48 0.56 8.15
C SER C 85 10.92 -0.85 7.93
N LEU C 86 9.67 -1.09 8.35
CA LEU C 86 9.05 -2.38 8.19
C LEU C 86 8.12 -2.45 6.99
N LYS C 87 7.99 -1.38 6.22
CA LYS C 87 7.14 -1.47 5.05
C LYS C 87 7.67 -2.46 4.00
N PRO C 88 8.98 -2.45 3.65
CA PRO C 88 9.59 -3.35 2.71
C PRO C 88 9.84 -4.65 3.41
N CYS C 89 10.41 -5.58 2.68
CA CYS C 89 10.84 -6.87 3.21
C CYS C 89 9.65 -7.75 3.60
N VAL C 90 9.95 -8.97 3.97
CA VAL C 90 9.02 -10.08 4.08
C VAL C 90 7.99 -10.08 5.17
N LYS C 91 6.77 -10.42 4.77
CA LYS C 91 5.67 -10.54 5.68
C LYS C 91 5.59 -12.04 5.94
N LEU C 92 5.28 -12.45 7.16
CA LEU C 92 5.30 -13.86 7.49
C LEU C 92 3.98 -14.56 7.67
N THR C 93 2.93 -14.04 7.09
CA THR C 93 1.62 -14.69 7.18
C THR C 93 1.65 -16.21 7.02
N PRO C 94 2.39 -16.81 6.05
CA PRO C 94 2.45 -18.23 5.80
C PRO C 94 2.95 -19.06 6.96
N LEU C 95 3.48 -18.44 8.02
CA LEU C 95 3.94 -19.25 9.13
C LEU C 95 2.81 -19.56 10.09
N CYS C 96 1.65 -18.99 9.88
CA CYS C 96 0.55 -19.27 10.79
C CYS C 96 -0.14 -20.57 10.41
N VAL C 97 0.59 -21.65 10.67
CA VAL C 97 0.26 -23.00 10.30
C VAL C 97 0.37 -23.87 11.52
N THR C 98 -0.12 -25.09 11.47
CA THR C 98 0.05 -25.98 12.60
C THR C 98 1.49 -26.42 12.66
N LEU C 99 2.09 -26.36 13.84
CA LEU C 99 3.46 -26.83 14.01
C LEU C 99 3.43 -28.13 14.78
N GLN C 100 4.35 -29.04 14.49
CA GLN C 100 4.49 -30.27 15.29
C GLN C 100 5.80 -30.21 16.06
N CYS C 101 5.72 -30.04 17.37
CA CYS C 101 6.95 -29.75 18.09
C CYS C 101 7.36 -30.83 19.08
N THR C 102 8.68 -30.94 19.28
CA THR C 102 9.33 -31.83 20.24
C THR C 102 10.18 -30.94 21.13
N ASN C 103 10.82 -31.49 22.18
CA ASN C 103 11.48 -30.63 23.17
C ASN C 103 12.97 -30.34 22.99
N VAL C 104 13.59 -30.68 21.87
CA VAL C 104 15.00 -30.30 21.67
C VAL C 104 15.94 -30.61 22.82
N THR C 105 16.23 -31.88 23.05
CA THR C 105 17.07 -32.24 24.19
C THR C 105 18.41 -32.92 23.89
N ASN C 106 18.96 -32.81 22.69
CA ASN C 106 20.20 -33.55 22.41
C ASN C 106 21.54 -32.89 22.72
N ASN C 107 21.53 -31.71 23.31
CA ASN C 107 22.78 -31.10 23.74
C ASN C 107 22.51 -29.92 24.64
N ILE C 108 21.99 -30.20 25.82
CA ILE C 108 21.56 -29.12 26.67
C ILE C 108 22.04 -29.17 28.10
N THR C 109 22.05 -28.02 28.74
CA THR C 109 22.23 -27.98 30.17
C THR C 109 20.83 -28.14 30.73
N ASP C 110 20.66 -28.42 32.00
CA ASP C 110 19.29 -28.64 32.43
C ASP C 110 18.48 -27.40 32.62
N ASP C 111 19.11 -26.29 32.93
CA ASP C 111 18.31 -25.09 33.07
C ASP C 111 17.66 -24.67 31.75
N MET C 112 18.15 -25.17 30.62
CA MET C 112 17.59 -24.87 29.31
C MET C 112 16.64 -25.92 28.81
N ARG C 113 16.38 -26.92 29.62
CA ARG C 113 15.59 -28.05 29.17
C ARG C 113 14.23 -27.75 28.62
N GLY C 114 13.53 -26.79 29.15
CA GLY C 114 12.20 -26.52 28.62
C GLY C 114 12.16 -25.32 27.66
N GLU C 115 13.31 -24.76 27.29
CA GLU C 115 13.28 -23.54 26.51
C GLU C 115 13.12 -23.65 25.01
N LEU C 116 13.50 -24.76 24.38
CA LEU C 116 13.40 -24.80 22.92
C LEU C 116 12.43 -25.83 22.40
N LYS C 117 11.77 -25.48 21.31
CA LYS C 117 10.86 -26.38 20.61
C LYS C 117 11.40 -26.68 19.22
N ASN C 118 11.23 -27.91 18.72
CA ASN C 118 11.76 -28.30 17.41
C ASN C 118 10.90 -27.85 16.22
N CYS C 119 9.61 -27.85 16.41
CA CYS C 119 8.56 -27.39 15.46
C CYS C 119 8.68 -27.57 13.95
N SER C 120 8.30 -28.75 13.44
CA SER C 120 8.24 -29.03 12.00
C SER C 120 6.91 -28.55 11.38
N PHE C 121 6.95 -28.01 10.16
CA PHE C 121 5.73 -27.53 9.51
C PHE C 121 5.76 -27.55 7.98
N ASN C 122 4.58 -27.41 7.36
CA ASN C 122 4.42 -27.40 5.90
C ASN C 122 4.28 -26.01 5.30
N MET C 123 5.24 -25.59 4.51
CA MET C 123 5.19 -24.26 3.89
C MET C 123 5.62 -24.35 2.42
N THR C 124 5.13 -23.49 1.52
CA THR C 124 5.58 -23.62 0.11
C THR C 124 6.31 -22.45 -0.46
N THR C 125 6.81 -22.63 -1.69
CA THR C 125 7.57 -21.63 -2.44
C THR C 125 6.94 -21.19 -3.75
N GLU C 126 5.94 -21.94 -4.20
CA GLU C 126 5.25 -21.74 -5.48
C GLU C 126 3.77 -21.91 -5.24
N LEU C 127 2.90 -21.37 -6.07
CA LEU C 127 1.49 -21.65 -5.84
C LEU C 127 1.17 -22.92 -6.59
N ARG C 128 1.81 -23.98 -6.16
CA ARG C 128 1.80 -25.26 -6.82
C ARG C 128 1.17 -26.30 -5.99
N ASP C 129 0.64 -25.90 -4.86
CA ASP C 129 0.09 -26.84 -3.91
C ASP C 129 1.18 -27.89 -3.62
N LYS C 130 2.41 -27.41 -3.48
CA LYS C 130 3.57 -28.22 -3.22
C LYS C 130 4.33 -27.69 -2.03
N LYS C 131 3.92 -28.14 -0.88
CA LYS C 131 4.48 -27.67 0.35
C LYS C 131 5.69 -28.51 0.65
N GLN C 132 6.59 -27.98 1.44
CA GLN C 132 7.77 -28.69 1.84
C GLN C 132 7.90 -28.68 3.34
N LYS C 133 8.56 -29.68 3.90
CA LYS C 133 8.78 -29.61 5.32
C LYS C 133 9.93 -28.72 5.66
N VAL C 134 9.67 -27.88 6.60
CA VAL C 134 10.60 -26.92 7.13
C VAL C 134 10.61 -27.08 8.61
N TYR C 135 11.75 -27.00 9.24
CA TYR C 135 11.69 -27.04 10.68
C TYR C 135 12.50 -25.89 11.17
N SER C 136 12.15 -25.41 12.33
CA SER C 136 12.93 -24.36 12.93
C SER C 136 12.82 -24.46 14.39
N LEU C 137 13.87 -24.15 15.06
CA LEU C 137 13.72 -24.17 16.46
C LEU C 137 13.05 -22.88 16.81
N PHE C 138 12.31 -22.90 17.89
CA PHE C 138 11.71 -21.70 18.43
C PHE C 138 11.88 -21.67 19.91
N TYR C 139 11.93 -20.49 20.47
CA TYR C 139 11.94 -20.39 21.90
C TYR C 139 10.55 -20.64 22.40
N ARG C 140 10.44 -21.23 23.57
CA ARG C 140 9.16 -21.53 24.16
C ARG C 140 8.24 -20.35 24.26
N LEU C 141 8.76 -19.17 24.53
CA LEU C 141 7.90 -18.02 24.71
C LEU C 141 7.16 -17.59 23.45
N ASP C 142 7.61 -18.03 22.28
CA ASP C 142 6.99 -17.66 21.03
C ASP C 142 5.98 -18.68 20.53
N VAL C 143 5.87 -19.81 21.21
CA VAL C 143 5.01 -20.89 20.73
C VAL C 143 3.99 -21.31 21.77
N VAL C 144 2.75 -21.41 21.36
CA VAL C 144 1.68 -21.78 22.29
C VAL C 144 0.96 -23.03 21.83
N GLN C 145 0.66 -23.91 22.78
CA GLN C 145 -0.02 -25.15 22.46
C GLN C 145 -1.44 -24.94 22.07
N ILE C 146 -1.87 -25.67 21.06
CA ILE C 146 -3.24 -25.60 20.60
C ILE C 146 -4.15 -26.36 21.54
N LYS C 159 0.95 -31.72 21.33
CA LYS C 159 1.97 -31.87 20.30
C LYS C 159 1.81 -30.82 19.23
N GLU C 160 0.57 -30.43 18.96
CA GLU C 160 0.29 -29.41 17.98
C GLU C 160 0.37 -28.03 18.61
N TYR C 161 1.12 -27.16 17.96
CA TYR C 161 1.39 -25.79 18.39
C TYR C 161 1.18 -24.76 17.31
N ARG C 162 1.01 -23.52 17.73
CA ARG C 162 0.94 -22.41 16.79
C ARG C 162 1.82 -21.29 17.28
N LEU C 163 2.16 -20.34 16.42
CA LEU C 163 2.93 -19.21 16.92
C LEU C 163 2.02 -18.37 17.77
N ILE C 164 2.59 -17.79 18.81
CA ILE C 164 1.79 -17.02 19.75
C ILE C 164 0.99 -15.87 19.17
N ASN C 165 1.49 -15.19 18.16
CA ASN C 165 0.72 -14.06 17.66
C ASN C 165 -0.18 -14.33 16.48
N CYS C 166 -0.31 -15.57 16.03
CA CYS C 166 -1.16 -15.79 14.87
C CYS C 166 -2.63 -15.74 15.19
N ASN C 167 -2.93 -15.56 16.45
CA ASN C 167 -4.28 -15.46 16.94
C ASN C 167 -4.72 -14.01 16.99
N THR C 168 -3.77 -13.06 17.06
CA THR C 168 -4.19 -11.68 17.20
C THR C 168 -3.58 -10.68 16.23
N SER C 169 -2.48 -11.02 15.54
CA SER C 169 -1.83 -9.99 14.75
C SER C 169 -1.05 -10.43 13.52
N ALA C 170 -0.75 -9.47 12.67
CA ALA C 170 0.08 -9.75 11.52
C ALA C 170 1.52 -9.89 11.96
N ILE C 171 2.27 -10.81 11.37
CA ILE C 171 3.67 -10.92 11.74
C ILE C 171 4.56 -10.50 10.58
N THR C 172 5.42 -9.53 10.82
CA THR C 172 6.33 -8.96 9.84
C THR C 172 7.77 -9.30 10.17
N GLN C 173 8.55 -9.77 9.22
CA GLN C 173 9.93 -10.10 9.54
C GLN C 173 10.75 -8.85 9.58
N ALA C 174 11.58 -8.70 10.59
CA ALA C 174 12.44 -7.55 10.62
C ALA C 174 13.34 -7.74 9.45
N CYS C 175 13.71 -6.69 8.78
CA CYS C 175 14.51 -6.91 7.62
C CYS C 175 15.95 -7.07 8.12
N PRO C 176 16.65 -8.18 7.85
CA PRO C 176 17.95 -8.55 8.40
C PRO C 176 19.10 -7.64 8.05
N LYS C 177 18.93 -6.84 7.02
CA LYS C 177 19.97 -5.94 6.61
C LYS C 177 19.87 -4.59 7.31
N VAL C 178 18.82 -4.39 8.11
CA VAL C 178 18.58 -3.11 8.74
C VAL C 178 18.96 -3.11 10.21
N SER C 179 19.78 -2.16 10.59
CA SER C 179 20.23 -2.04 11.96
C SER C 179 19.53 -0.94 12.73
N PHE C 180 19.22 -1.24 13.97
CA PHE C 180 18.63 -0.25 14.85
C PHE C 180 19.59 0.22 15.92
N GLU C 181 20.87 -0.13 15.77
CA GLU C 181 21.85 0.23 16.77
C GLU C 181 21.82 1.72 17.07
N PRO C 182 21.56 2.16 18.31
CA PRO C 182 21.49 3.54 18.67
C PRO C 182 22.73 4.36 18.35
N ILE C 183 22.51 5.49 17.72
CA ILE C 183 23.49 6.50 17.36
C ILE C 183 22.99 7.75 18.03
N PRO C 184 23.80 8.51 18.77
CA PRO C 184 23.30 9.67 19.44
C PRO C 184 22.73 10.65 18.46
N ILE C 185 21.53 11.11 18.74
CA ILE C 185 20.84 12.08 17.93
C ILE C 185 20.66 13.38 18.61
N HIS C 186 20.97 14.45 17.90
CA HIS C 186 20.85 15.78 18.45
C HIS C 186 19.57 16.37 17.90
N TYR C 187 18.79 17.06 18.72
CA TYR C 187 17.64 17.74 18.13
C TYR C 187 17.97 19.18 17.90
N CYS C 188 17.61 19.69 16.73
CA CYS C 188 17.93 21.08 16.41
C CYS C 188 16.69 21.93 16.19
N ALA C 189 16.76 23.18 16.64
CA ALA C 189 15.63 24.10 16.47
C ALA C 189 15.48 24.56 15.02
N PRO C 190 14.25 24.75 14.52
CA PRO C 190 13.92 25.35 13.26
C PRO C 190 14.10 26.84 13.36
N ALA C 191 14.22 27.52 12.23
CA ALA C 191 14.35 28.95 12.29
C ALA C 191 13.16 29.58 13.02
N GLY C 192 13.45 30.56 13.84
CA GLY C 192 12.46 31.30 14.60
C GLY C 192 12.31 30.77 16.02
N PHE C 193 12.97 29.65 16.29
CA PHE C 193 12.95 28.99 17.60
C PHE C 193 14.34 28.81 18.18
N ALA C 194 14.39 28.62 19.48
CA ALA C 194 15.64 28.36 20.16
C ALA C 194 15.44 27.41 21.30
N ILE C 195 16.48 26.68 21.66
CA ILE C 195 16.38 25.77 22.78
C ILE C 195 17.18 26.32 23.96
N LEU C 196 16.56 26.37 25.12
CA LEU C 196 17.25 26.86 26.30
C LEU C 196 17.57 25.71 27.22
N LYS C 197 18.67 25.79 27.96
CA LYS C 197 18.93 24.73 28.93
C LYS C 197 19.48 25.18 30.26
N CYS C 198 19.22 24.38 31.30
CA CYS C 198 19.82 24.65 32.61
C CYS C 198 21.21 24.05 32.70
N LYS C 199 22.15 24.78 33.27
CA LYS C 199 23.45 24.20 33.54
C LYS C 199 23.64 23.84 35.01
N ASP C 200 22.64 24.10 35.83
CA ASP C 200 22.76 23.82 37.24
C ASP C 200 22.90 22.38 37.63
N LYS C 201 23.74 22.19 38.61
CA LYS C 201 23.95 20.92 39.24
C LYS C 201 22.87 20.83 40.26
N LYS C 202 22.51 19.64 40.65
CA LYS C 202 21.51 19.44 41.68
C LYS C 202 20.19 20.10 41.30
N PHE C 203 19.83 20.00 40.03
CA PHE C 203 18.60 20.56 39.55
C PHE C 203 17.49 19.51 39.51
N ASN C 204 16.34 19.92 40.01
CA ASN C 204 15.12 19.13 40.15
C ASN C 204 14.58 18.62 38.82
N GLY C 205 14.85 19.35 37.76
CA GLY C 205 14.29 19.06 36.45
C GLY C 205 13.04 19.91 36.27
N THR C 206 12.66 20.56 37.36
CA THR C 206 11.51 21.43 37.42
C THR C 206 11.86 22.72 38.12
N GLY C 207 11.05 23.73 37.89
CA GLY C 207 11.21 24.98 38.60
C GLY C 207 12.23 25.82 37.88
N PRO C 208 12.54 27.00 38.39
CA PRO C 208 13.45 27.94 37.82
C PRO C 208 14.89 27.54 37.93
N CYS C 209 15.70 27.99 37.00
CA CYS C 209 17.13 27.83 37.18
C CYS C 209 17.85 29.01 36.52
N PRO C 210 18.90 29.53 37.15
CA PRO C 210 19.83 30.52 36.68
C PRO C 210 20.80 29.83 35.77
N SER C 211 21.71 30.58 35.16
CA SER C 211 22.74 29.96 34.35
C SER C 211 22.15 29.14 33.24
N VAL C 212 21.22 29.77 32.54
CA VAL C 212 20.55 29.25 31.39
C VAL C 212 21.38 29.62 30.18
N SER C 213 21.54 28.70 29.27
CA SER C 213 22.31 29.00 28.07
C SER C 213 21.52 28.56 26.86
N THR C 214 21.97 28.92 25.65
CA THR C 214 21.20 28.57 24.49
C THR C 214 21.79 27.44 23.73
N VAL C 215 20.92 26.73 23.08
CA VAL C 215 21.20 25.57 22.33
C VAL C 215 20.66 25.64 20.91
N GLN C 216 21.50 25.33 19.93
CA GLN C 216 20.96 25.25 18.59
C GLN C 216 20.52 23.83 18.41
N CYS C 217 21.40 22.93 18.85
CA CYS C 217 21.22 21.50 18.80
C CYS C 217 21.54 20.95 20.16
N THR C 218 20.76 19.99 20.62
CA THR C 218 20.95 19.40 21.94
C THR C 218 22.13 18.50 21.88
N HIS C 219 22.60 18.04 23.03
CA HIS C 219 23.67 17.09 22.99
C HIS C 219 23.08 15.86 22.36
N GLY C 220 23.91 14.97 21.84
CA GLY C 220 23.29 13.81 21.24
C GLY C 220 22.81 12.84 22.29
N ILE C 221 21.63 12.29 22.08
CA ILE C 221 21.05 11.27 22.94
C ILE C 221 20.82 10.00 22.18
N LYS C 222 21.35 8.89 22.67
CA LYS C 222 21.09 7.63 22.00
C LYS C 222 19.68 7.18 22.32
N PRO C 223 18.86 6.81 21.34
CA PRO C 223 17.49 6.36 21.51
C PRO C 223 17.45 4.92 21.95
N VAL C 224 17.94 4.69 23.15
CA VAL C 224 17.99 3.36 23.73
C VAL C 224 16.67 3.06 24.38
N VAL C 225 16.10 1.91 24.11
CA VAL C 225 14.84 1.56 24.71
C VAL C 225 15.02 0.39 25.64
N SER C 226 14.59 0.57 26.87
CA SER C 226 14.71 -0.44 27.90
C SER C 226 13.62 -0.36 28.94
N THR C 227 13.56 -1.38 29.77
CA THR C 227 12.64 -1.41 30.91
C THR C 227 13.43 -1.55 32.16
N GLN C 228 12.91 -0.99 33.26
CA GLN C 228 13.44 -1.06 34.64
C GLN C 228 14.76 -0.34 34.83
N LEU C 229 15.77 -0.73 34.08
CA LEU C 229 17.04 -0.05 34.21
C LEU C 229 17.25 0.84 33.02
N LEU C 230 17.84 1.98 33.28
CA LEU C 230 18.17 2.94 32.24
C LEU C 230 19.59 2.66 31.81
N LEU C 231 19.78 2.43 30.53
CA LEU C 231 21.10 2.10 30.03
C LEU C 231 21.72 3.20 29.21
N ASN C 232 23.03 3.28 29.28
CA ASN C 232 23.84 4.23 28.54
C ASN C 232 23.32 5.65 28.75
N GLY C 233 23.02 6.40 27.72
CA GLY C 233 22.56 7.78 27.99
C GLY C 233 23.66 8.57 28.70
N SER C 234 23.31 9.27 29.79
CA SER C 234 24.32 10.07 30.52
C SER C 234 24.23 9.98 32.04
N LEU C 235 25.28 10.49 32.71
CA LEU C 235 25.38 10.46 34.18
C LEU C 235 25.17 11.82 34.80
N ALA C 236 24.73 11.80 36.06
CA ALA C 236 24.52 12.98 36.88
C ALA C 236 25.86 13.64 37.18
N GLU C 237 25.87 14.95 37.33
CA GLU C 237 27.11 15.68 37.57
C GLU C 237 27.88 15.38 38.86
N GLU C 238 27.19 15.19 39.99
CA GLU C 238 27.92 14.94 41.24
C GLU C 238 27.39 13.81 42.10
N GLU C 239 26.09 13.74 42.28
CA GLU C 239 25.48 12.79 43.18
C GLU C 239 24.26 12.21 42.52
N VAL C 240 23.87 11.02 42.93
CA VAL C 240 22.69 10.46 42.32
C VAL C 240 21.50 11.37 42.57
N MET C 241 20.77 11.65 41.51
CA MET C 241 19.64 12.51 41.60
C MET C 241 18.35 11.79 41.58
N ILE C 242 17.44 12.21 42.42
CA ILE C 242 16.13 11.62 42.43
C ILE C 242 15.11 12.62 41.99
N ARG C 243 14.40 12.30 40.92
CA ARG C 243 13.44 13.23 40.38
C ARG C 243 12.08 12.58 40.22
N SER C 244 11.04 13.34 40.51
CA SER C 244 9.71 12.81 40.33
C SER C 244 8.75 13.93 40.08
N GLU C 245 7.60 13.62 39.51
CA GLU C 245 6.56 14.60 39.26
C GLU C 245 5.80 14.93 40.52
N ASN C 246 5.55 13.91 41.31
CA ASN C 246 4.75 13.96 42.53
C ASN C 246 5.33 12.99 43.54
N ILE C 247 6.33 13.41 44.30
CA ILE C 247 7.10 12.46 45.11
C ILE C 247 6.32 11.75 46.21
N THR C 248 5.26 12.35 46.71
CA THR C 248 4.52 11.72 47.78
C THR C 248 3.38 10.88 47.23
N ASN C 249 3.25 10.83 45.92
CA ASN C 249 2.20 10.10 45.24
C ASN C 249 2.72 8.75 44.74
N ASN C 250 2.25 7.66 45.30
CA ASN C 250 2.78 6.35 44.95
C ASN C 250 2.37 5.89 43.56
N ALA C 251 1.57 6.69 42.87
CA ALA C 251 1.17 6.39 41.51
C ALA C 251 2.22 6.82 40.49
N LYS C 252 3.25 7.54 40.92
CA LYS C 252 4.25 8.02 39.99
C LYS C 252 5.56 7.26 40.00
N ASN C 253 6.21 7.29 38.86
CA ASN C 253 7.54 6.71 38.75
C ASN C 253 8.56 7.70 39.27
N ILE C 254 9.60 7.17 39.86
CA ILE C 254 10.72 7.95 40.32
C ILE C 254 11.88 7.67 39.40
N LEU C 255 12.46 8.71 38.85
CA LEU C 255 13.57 8.51 37.95
C LEU C 255 14.84 8.79 38.71
N VAL C 256 15.70 7.78 38.78
CA VAL C 256 16.92 7.94 39.53
C VAL C 256 18.10 7.96 38.58
N GLN C 257 18.86 9.05 38.59
CA GLN C 257 20.00 9.17 37.69
C GLN C 257 21.31 9.04 38.43
N PHE C 258 22.08 8.03 38.11
CA PHE C 258 23.32 7.73 38.79
C PHE C 258 24.38 8.74 38.43
N ASN C 259 25.32 8.97 39.35
CA ASN C 259 26.46 9.83 39.11
C ASN C 259 27.71 9.06 38.74
N THR C 260 27.53 7.79 38.49
CA THR C 260 28.57 6.88 38.08
C THR C 260 27.84 5.66 37.53
N PRO C 261 28.32 5.01 36.47
CA PRO C 261 27.71 3.85 35.88
C PRO C 261 27.96 2.57 36.65
N VAL C 262 27.07 1.61 36.48
CA VAL C 262 27.29 0.28 36.99
C VAL C 262 27.55 -0.58 35.77
N GLN C 263 28.68 -1.23 35.69
CA GLN C 263 28.89 -1.96 34.47
C GLN C 263 28.20 -3.31 34.47
N ILE C 264 27.50 -3.54 33.36
CA ILE C 264 26.78 -4.78 33.12
C ILE C 264 27.22 -5.47 31.82
N ASN C 265 27.55 -6.73 31.97
CA ASN C 265 27.97 -7.58 30.86
C ASN C 265 26.92 -8.62 30.56
N CYS C 266 26.39 -8.62 29.35
CA CYS C 266 25.34 -9.57 28.98
C CYS C 266 25.74 -10.44 27.80
N THR C 267 25.21 -11.66 27.78
CA THR C 267 25.50 -12.56 26.67
C THR C 267 24.51 -13.65 26.36
N ARG C 268 24.58 -14.11 25.12
CA ARG C 268 23.88 -15.26 24.59
C ARG C 268 24.93 -16.25 24.10
N PRO C 269 25.44 -17.11 24.96
CA PRO C 269 26.58 -17.96 24.75
C PRO C 269 26.24 -19.23 23.98
N ASN C 270 25.63 -19.06 22.82
CA ASN C 270 25.19 -20.17 22.00
C ASN C 270 25.55 -19.93 20.57
N ASN C 271 26.36 -20.79 19.98
CA ASN C 271 26.77 -20.56 18.61
C ASN C 271 25.67 -20.99 17.67
N ASN C 272 24.89 -20.04 17.16
CA ASN C 272 23.74 -20.48 16.40
C ASN C 272 23.98 -20.49 14.90
N THR C 273 22.97 -20.96 14.18
CA THR C 273 22.96 -21.00 12.73
C THR C 273 21.70 -20.42 12.15
N ARG C 274 21.89 -19.56 11.16
CA ARG C 274 20.79 -18.96 10.41
C ARG C 274 20.48 -19.86 9.23
N LYS C 275 19.24 -20.26 9.10
CA LYS C 275 18.82 -21.13 8.03
C LYS C 275 17.91 -20.39 7.05
N SER C 276 18.33 -20.24 5.81
CA SER C 276 17.53 -19.48 4.87
C SER C 276 16.49 -20.35 4.19
N ILE C 277 15.24 -19.99 4.36
CA ILE C 277 14.13 -20.73 3.80
C ILE C 277 13.44 -19.94 2.73
N ARG C 278 13.22 -20.53 1.59
CA ARG C 278 12.52 -19.79 0.57
C ARG C 278 11.07 -19.77 0.97
N ILE C 279 10.45 -18.60 0.97
CA ILE C 279 9.04 -18.51 1.36
C ILE C 279 8.19 -18.00 0.22
N GLY C 280 8.81 -17.38 -0.76
CA GLY C 280 8.05 -16.87 -1.89
C GLY C 280 8.96 -16.35 -3.00
N PRO C 281 8.41 -15.79 -4.06
CA PRO C 281 9.08 -15.33 -5.24
C PRO C 281 9.90 -14.11 -4.97
N GLY C 282 11.10 -14.32 -4.45
CA GLY C 282 11.99 -13.24 -4.06
C GLY C 282 11.91 -12.98 -2.56
N GLN C 283 11.26 -13.86 -1.85
CA GLN C 283 11.12 -13.70 -0.43
C GLN C 283 11.78 -14.80 0.37
N TRP C 284 12.46 -14.38 1.43
CA TRP C 284 13.10 -15.32 2.32
C TRP C 284 12.68 -15.18 3.75
N PHE C 285 12.57 -16.32 4.40
CA PHE C 285 12.29 -16.44 5.80
C PHE C 285 13.52 -16.92 6.53
N TYR C 286 13.81 -16.32 7.66
CA TYR C 286 14.98 -16.78 8.37
C TYR C 286 14.62 -17.62 9.57
N ALA C 287 14.98 -18.88 9.44
CA ALA C 287 14.73 -19.92 10.40
C ALA C 287 15.95 -20.07 11.25
N THR C 288 15.83 -20.77 12.36
CA THR C 288 17.01 -20.98 13.17
C THR C 288 17.14 -22.42 13.53
N GLY C 289 18.36 -22.88 13.73
CA GLY C 289 18.45 -24.24 14.21
C GLY C 289 19.83 -24.80 14.20
N ASP C 290 19.93 -26.06 14.59
CA ASP C 290 21.19 -26.73 14.58
C ASP C 290 22.27 -25.97 15.33
N ILE C 291 21.98 -25.62 16.57
CA ILE C 291 22.91 -24.88 17.42
C ILE C 291 24.11 -25.74 17.65
N ILE C 292 25.28 -25.14 17.49
CA ILE C 292 26.52 -25.84 17.63
C ILE C 292 27.05 -25.76 19.05
N GLY C 293 27.34 -26.90 19.62
CA GLY C 293 27.85 -26.97 20.97
C GLY C 293 26.74 -27.00 21.98
N ASP C 294 27.13 -26.83 23.23
CA ASP C 294 26.23 -26.94 24.35
C ASP C 294 25.19 -25.83 24.26
N ILE C 295 23.95 -26.10 24.66
CA ILE C 295 22.98 -25.03 24.73
C ILE C 295 22.88 -24.51 26.16
N ARG C 296 23.12 -23.21 26.32
CA ARG C 296 23.18 -22.55 27.61
C ARG C 296 22.24 -21.38 27.75
N GLN C 297 21.91 -21.07 28.99
CA GLN C 297 21.04 -19.95 29.27
C GLN C 297 21.74 -18.62 29.17
N ALA C 298 21.04 -17.67 28.55
CA ALA C 298 21.49 -16.30 28.40
C ALA C 298 21.52 -15.64 29.76
N HIS C 299 22.45 -14.73 29.96
CA HIS C 299 22.55 -14.09 31.26
C HIS C 299 23.31 -12.76 31.27
N CYS C 300 23.14 -12.01 32.37
CA CYS C 300 23.92 -10.80 32.62
C CYS C 300 24.70 -10.93 33.94
N ASN C 301 25.91 -10.35 34.03
CA ASN C 301 26.73 -10.55 35.23
C ASN C 301 26.72 -9.46 36.31
N VAL C 302 26.43 -8.19 35.98
CA VAL C 302 26.43 -7.05 36.95
C VAL C 302 27.50 -7.07 38.05
N SER C 303 28.47 -6.16 38.02
CA SER C 303 29.46 -6.24 39.12
C SER C 303 28.76 -6.06 40.47
N LYS C 304 29.03 -6.97 41.41
CA LYS C 304 28.34 -6.96 42.69
C LYS C 304 28.70 -5.82 43.62
N ALA C 305 29.98 -5.55 43.78
CA ALA C 305 30.33 -4.52 44.73
C ALA C 305 29.81 -3.18 44.28
N THR C 306 29.86 -2.94 42.98
CA THR C 306 29.44 -1.67 42.46
C THR C 306 27.96 -1.51 42.70
N TRP C 307 27.20 -2.56 42.45
CA TRP C 307 25.76 -2.48 42.65
C TRP C 307 25.44 -2.14 44.09
N ASN C 308 26.11 -2.80 45.04
CA ASN C 308 25.81 -2.53 46.43
C ASN C 308 26.14 -1.09 46.81
N GLU C 309 27.27 -0.59 46.32
CA GLU C 309 27.65 0.78 46.64
C GLU C 309 26.67 1.76 46.04
N THR C 310 26.22 1.45 44.83
CA THR C 310 25.31 2.30 44.12
C THR C 310 24.01 2.38 44.87
N LEU C 311 23.51 1.26 45.38
CA LEU C 311 22.30 1.36 46.15
C LEU C 311 22.54 2.18 47.38
N GLY C 312 23.70 2.05 48.02
CA GLY C 312 23.88 2.84 49.22
C GLY C 312 23.71 4.34 48.92
N LYS C 313 24.21 4.79 47.76
CA LYS C 313 24.08 6.19 47.38
C LYS C 313 22.61 6.54 47.14
N VAL C 314 21.88 5.63 46.51
CA VAL C 314 20.46 5.87 46.22
C VAL C 314 19.68 5.95 47.51
N VAL C 315 19.99 5.07 48.45
CA VAL C 315 19.30 5.04 49.71
C VAL C 315 19.50 6.32 50.46
N LYS C 316 20.73 6.83 50.49
CA LYS C 316 20.98 8.08 51.17
C LYS C 316 20.14 9.21 50.60
N GLN C 317 20.06 9.28 49.28
CA GLN C 317 19.27 10.33 48.66
C GLN C 317 17.77 10.11 48.88
N LEU C 318 17.32 8.85 48.89
CA LEU C 318 15.92 8.60 49.15
C LEU C 318 15.58 9.05 50.55
N ARG C 319 16.49 8.85 51.49
CA ARG C 319 16.26 9.29 52.86
C ARG C 319 16.15 10.81 52.93
N LYS C 320 16.94 11.54 52.15
CA LYS C 320 16.76 12.98 52.21
C LYS C 320 15.31 13.35 51.90
N HIS C 321 14.70 12.65 50.95
CA HIS C 321 13.31 12.92 50.60
C HIS C 321 12.28 12.28 51.54
N PHE C 322 12.56 11.08 52.05
CA PHE C 322 11.61 10.34 52.88
C PHE C 322 11.89 10.25 54.39
N GLY C 323 12.97 10.82 54.87
CA GLY C 323 13.34 10.80 56.28
C GLY C 323 14.60 9.98 56.55
N ASN C 324 15.50 10.57 57.33
CA ASN C 324 16.77 9.91 57.62
C ASN C 324 16.70 9.07 58.87
N ASN C 325 15.48 8.87 59.33
CA ASN C 325 15.21 8.04 60.46
C ASN C 325 14.39 6.82 60.07
N THR C 326 14.28 6.52 58.78
CA THR C 326 13.53 5.32 58.40
C THR C 326 14.35 4.33 57.62
N ILE C 327 13.74 3.19 57.43
CA ILE C 327 14.33 2.07 56.73
C ILE C 327 13.57 1.75 55.49
N ILE C 328 14.30 1.60 54.42
CA ILE C 328 13.68 1.24 53.19
C ILE C 328 14.28 -0.03 52.68
N ARG C 329 13.52 -0.71 51.83
CA ARG C 329 13.97 -1.93 51.19
C ARG C 329 13.62 -1.97 49.72
N PHE C 330 14.33 -2.81 49.00
CA PHE C 330 14.09 -3.04 47.60
C PHE C 330 13.56 -4.45 47.39
N ALA C 331 12.44 -4.52 46.70
CA ALA C 331 11.73 -5.76 46.40
C ALA C 331 11.86 -6.14 44.93
N ASN C 332 11.59 -7.41 44.61
CA ASN C 332 11.76 -7.90 43.24
C ASN C 332 10.57 -7.58 42.36
N SER C 333 10.38 -6.31 42.13
CA SER C 333 9.31 -5.75 41.31
C SER C 333 7.96 -6.31 41.64
N SER C 334 7.14 -6.50 40.62
CA SER C 334 5.79 -7.02 40.83
C SER C 334 5.35 -7.91 39.71
N GLY C 335 4.07 -8.27 39.70
CA GLY C 335 3.56 -9.19 38.69
C GLY C 335 3.23 -8.48 37.38
N GLY C 336 2.76 -9.25 36.40
CA GLY C 336 2.46 -8.71 35.08
C GLY C 336 3.25 -9.43 33.99
N ASP C 337 3.15 -8.92 32.77
CA ASP C 337 3.81 -9.46 31.58
C ASP C 337 5.31 -9.24 31.61
N LEU C 338 6.07 -10.02 30.85
CA LEU C 338 7.52 -9.87 30.83
C LEU C 338 7.92 -8.47 30.42
N GLU C 339 7.12 -7.82 29.58
CA GLU C 339 7.46 -6.46 29.15
C GLU C 339 7.48 -5.48 30.33
N VAL C 340 6.86 -5.87 31.44
CA VAL C 340 6.77 -5.09 32.64
C VAL C 340 7.67 -5.62 33.75
N THR C 341 7.66 -6.92 33.95
CA THR C 341 8.32 -7.51 35.09
C THR C 341 9.80 -7.77 34.93
N THR C 342 10.31 -7.82 33.71
CA THR C 342 11.73 -8.06 33.54
C THR C 342 12.45 -6.91 32.90
N HIS C 343 13.77 -6.96 33.00
CA HIS C 343 14.62 -5.96 32.39
C HIS C 343 14.67 -6.24 30.95
N SER C 344 14.57 -5.21 30.15
CA SER C 344 14.59 -5.48 28.72
C SER C 344 15.48 -4.60 27.94
N PHE C 345 16.20 -5.24 27.03
CA PHE C 345 17.13 -4.60 26.12
C PHE C 345 17.30 -5.50 24.91
N ASN C 346 17.90 -5.01 23.83
CA ASN C 346 18.10 -5.86 22.66
C ASN C 346 19.50 -5.83 22.08
N CYS C 347 20.52 -5.97 22.89
CA CYS C 347 21.83 -5.81 22.27
C CYS C 347 22.10 -6.96 21.33
N GLY C 348 22.85 -6.66 20.28
CA GLY C 348 23.27 -7.69 19.36
C GLY C 348 22.18 -8.02 18.36
N GLY C 349 21.02 -7.39 18.48
CA GLY C 349 19.93 -7.68 17.58
C GLY C 349 18.90 -8.65 18.15
N GLU C 350 19.13 -9.22 19.33
CA GLU C 350 18.11 -10.12 19.89
C GLU C 350 17.55 -9.54 21.14
N PHE C 351 16.30 -9.84 21.42
CA PHE C 351 15.60 -9.30 22.57
C PHE C 351 15.71 -10.13 23.82
N PHE C 352 16.27 -9.52 24.86
CA PHE C 352 16.52 -10.17 26.14
C PHE C 352 15.57 -9.69 27.22
N TYR C 353 15.10 -10.63 28.01
CA TYR C 353 14.27 -10.37 29.18
C TYR C 353 14.98 -10.93 30.41
N CYS C 354 15.44 -10.07 31.31
CA CYS C 354 16.25 -10.58 32.42
C CYS C 354 15.63 -10.40 33.79
N ASN C 355 15.91 -11.35 34.67
CA ASN C 355 15.36 -11.35 36.02
C ASN C 355 16.15 -10.50 37.00
N THR C 356 15.59 -9.36 37.36
CA THR C 356 16.24 -8.38 38.20
C THR C 356 15.96 -8.65 39.66
N SER C 357 15.32 -9.78 39.94
CA SER C 357 15.07 -10.16 41.32
C SER C 357 16.39 -10.35 42.02
N GLY C 358 17.46 -10.60 41.27
CA GLY C 358 18.76 -10.78 41.88
C GLY C 358 19.41 -9.45 42.27
N LEU C 359 18.85 -8.33 41.84
CA LEU C 359 19.41 -7.03 42.14
C LEU C 359 18.61 -6.30 43.21
N PHE C 360 17.30 -6.33 43.09
CA PHE C 360 16.45 -5.59 43.98
C PHE C 360 15.99 -6.45 45.12
N ASN C 361 16.96 -6.81 45.94
CA ASN C 361 16.73 -7.69 47.08
C ASN C 361 17.54 -7.26 48.29
N SER C 362 17.12 -6.19 48.95
CA SER C 362 17.90 -5.71 50.10
C SER C 362 17.10 -4.84 51.05
N THR C 363 17.58 -4.77 52.29
CA THR C 363 17.01 -3.87 53.29
C THR C 363 18.12 -3.01 53.85
N TRP C 364 17.89 -1.71 53.95
CA TRP C 364 18.92 -0.79 54.40
C TRP C 364 18.59 -0.14 55.74
N SER C 381 30.00 -10.66 41.49
CA SER C 381 29.10 -10.69 40.34
C SER C 381 27.72 -11.20 40.71
N ILE C 382 26.69 -10.58 40.15
CA ILE C 382 25.33 -11.02 40.39
C ILE C 382 24.77 -11.54 39.09
N THR C 383 24.61 -12.84 38.95
CA THR C 383 24.14 -13.34 37.68
C THR C 383 22.64 -13.23 37.58
N LEU C 384 22.18 -12.65 36.49
CA LEU C 384 20.77 -12.49 36.22
C LEU C 384 20.42 -13.41 35.06
N PRO C 385 19.57 -14.42 35.23
CA PRO C 385 19.12 -15.29 34.18
C PRO C 385 18.31 -14.49 33.18
N CYS C 386 18.42 -14.82 31.90
CA CYS C 386 17.63 -14.14 30.89
C CYS C 386 16.90 -15.10 29.94
N ARG C 387 15.80 -14.64 29.39
CA ARG C 387 15.05 -15.36 28.38
C ARG C 387 15.07 -14.58 27.10
N ILE C 388 14.92 -15.27 25.99
CA ILE C 388 14.92 -14.60 24.69
C ILE C 388 13.68 -14.86 23.90
N LYS C 389 13.17 -13.81 23.26
CA LYS C 389 12.00 -13.96 22.42
C LYS C 389 12.32 -13.54 21.01
N GLN C 390 11.66 -14.16 20.03
CA GLN C 390 11.78 -13.72 18.66
C GLN C 390 10.57 -12.95 18.20
N ILE C 391 9.39 -13.20 18.78
CA ILE C 391 8.24 -12.46 18.27
C ILE C 391 7.94 -11.37 19.24
N ILE C 392 8.11 -10.16 18.77
CA ILE C 392 8.02 -8.99 19.61
C ILE C 392 6.85 -8.10 19.30
N ASN C 393 6.04 -7.81 20.29
CA ASN C 393 4.98 -6.85 20.09
C ASN C 393 5.56 -5.59 20.59
N MET C 394 5.90 -4.68 19.70
CA MET C 394 6.56 -3.49 20.15
C MET C 394 5.60 -2.84 21.11
N TRP C 395 6.11 -2.33 22.23
CA TRP C 395 5.29 -1.76 23.29
C TRP C 395 4.23 -0.79 22.83
N GLN C 396 4.60 0.03 21.90
CA GLN C 396 3.74 1.08 21.42
C GLN C 396 2.40 0.67 20.79
N ARG C 397 2.20 -0.59 20.40
CA ARG C 397 0.89 -0.92 19.84
C ARG C 397 0.56 -2.40 19.77
N ILE C 398 -0.69 -2.69 19.43
CA ILE C 398 -1.13 -4.05 19.20
C ILE C 398 -1.70 -4.17 17.80
N GLY C 399 -1.84 -5.40 17.31
CA GLY C 399 -2.39 -5.69 15.98
C GLY C 399 -1.30 -6.07 14.99
N GLN C 400 -0.05 -5.81 15.39
CA GLN C 400 1.13 -6.15 14.62
C GLN C 400 2.19 -6.74 15.53
N ALA C 401 3.01 -7.61 14.96
CA ALA C 401 4.15 -8.17 15.66
C ALA C 401 5.34 -8.24 14.76
N MET C 402 6.51 -8.08 15.31
CA MET C 402 7.74 -8.18 14.57
C MET C 402 8.46 -9.47 14.83
N TYR C 403 8.97 -10.10 13.80
CA TYR C 403 9.76 -11.30 14.01
C TYR C 403 11.21 -10.99 13.86
N ALA C 404 11.96 -11.22 14.90
CA ALA C 404 13.36 -10.94 14.83
C ALA C 404 14.06 -12.17 14.27
N PRO C 405 14.81 -12.07 13.17
CA PRO C 405 15.50 -13.17 12.57
C PRO C 405 16.59 -13.48 13.55
N PRO C 406 17.09 -14.69 13.59
CA PRO C 406 18.16 -15.13 14.44
C PRO C 406 19.48 -14.52 14.04
N ILE C 407 20.34 -14.32 15.02
CA ILE C 407 21.68 -13.84 14.76
C ILE C 407 22.69 -14.96 14.77
N GLN C 408 23.46 -15.04 13.70
CA GLN C 408 24.50 -16.04 13.44
C GLN C 408 25.66 -15.89 14.41
N GLY C 409 26.14 -17.00 15.00
CA GLY C 409 27.25 -16.87 15.93
C GLY C 409 26.73 -16.59 17.32
N VAL C 410 27.46 -15.78 18.09
CA VAL C 410 27.10 -15.54 19.49
C VAL C 410 26.94 -14.06 19.76
N ILE C 411 26.25 -13.73 20.85
CA ILE C 411 26.12 -12.33 21.23
C ILE C 411 26.73 -11.97 22.54
N ARG C 412 27.49 -10.90 22.51
CA ARG C 412 28.08 -10.34 23.70
C ARG C 412 27.97 -8.84 23.65
N CYS C 413 27.61 -8.23 24.75
CA CYS C 413 27.60 -6.79 24.80
C CYS C 413 27.86 -6.27 26.21
N VAL C 414 28.37 -5.04 26.28
CA VAL C 414 28.62 -4.38 27.53
C VAL C 414 27.97 -3.03 27.58
N SER C 415 27.26 -2.76 28.64
CA SER C 415 26.60 -1.48 28.76
C SER C 415 26.71 -0.89 30.14
N ASN C 416 26.33 0.37 30.23
CA ASN C 416 26.40 1.11 31.48
C ASN C 416 25.03 1.32 32.09
N ILE C 417 24.79 0.81 33.28
CA ILE C 417 23.51 1.11 33.85
C ILE C 417 23.71 2.50 34.36
N THR C 418 22.86 3.43 33.96
CA THR C 418 23.01 4.81 34.39
C THR C 418 21.85 5.28 35.24
N GLY C 419 20.86 4.43 35.43
CA GLY C 419 19.75 4.84 36.27
C GLY C 419 18.67 3.79 36.45
N LEU C 420 17.67 4.16 37.24
CA LEU C 420 16.58 3.26 37.59
C LEU C 420 15.21 3.88 37.41
N ILE C 421 14.21 3.06 37.11
CA ILE C 421 12.85 3.56 37.20
C ILE C 421 12.18 2.85 38.36
N LEU C 422 11.89 3.58 39.42
CA LEU C 422 11.34 2.96 40.63
C LEU C 422 9.96 3.44 41.01
N THR C 423 9.22 2.59 41.69
CA THR C 423 7.97 3.02 42.29
C THR C 423 8.03 2.65 43.75
N ARG C 424 7.15 3.24 44.57
CA ARG C 424 7.14 2.86 45.98
C ARG C 424 5.80 2.23 46.28
N ASP C 425 5.75 1.34 47.24
CA ASP C 425 4.47 0.76 47.62
C ASP C 425 3.55 1.84 48.18
N THR C 432 7.56 3.60 60.85
CA THR C 432 7.27 2.87 59.62
C THR C 432 8.48 2.77 58.72
N THR C 433 8.36 1.92 57.72
CA THR C 433 9.35 1.62 56.69
C THR C 433 8.71 1.78 55.32
N GLU C 434 9.53 1.72 54.28
CA GLU C 434 9.03 1.82 52.90
C GLU C 434 9.70 0.83 51.94
N THR C 435 8.99 0.47 50.88
CA THR C 435 9.47 -0.47 49.88
C THR C 435 9.46 0.07 48.46
N PHE C 436 10.58 -0.14 47.77
CA PHE C 436 10.73 0.30 46.40
C PHE C 436 10.83 -0.90 45.45
N ARG C 437 10.28 -0.72 44.27
CA ARG C 437 10.27 -1.75 43.24
C ARG C 437 10.64 -1.19 41.87
N PRO C 438 11.36 -1.93 41.02
CA PRO C 438 11.55 -1.61 39.63
C PRO C 438 10.22 -1.56 38.94
N GLY C 439 10.06 -0.54 38.10
CA GLY C 439 8.85 -0.35 37.32
C GLY C 439 9.19 0.21 35.96
N GLY C 440 8.37 1.15 35.49
CA GLY C 440 8.57 1.71 34.18
C GLY C 440 7.85 0.86 33.16
N GLY C 441 8.37 0.84 31.94
CA GLY C 441 7.75 0.15 30.82
C GLY C 441 7.21 1.14 29.80
N ASP C 442 7.07 2.38 30.22
CA ASP C 442 6.62 3.45 29.34
C ASP C 442 7.86 3.97 28.66
N MET C 443 7.94 3.81 27.36
CA MET C 443 9.14 4.14 26.61
C MET C 443 9.59 5.57 26.86
N ARG C 444 8.65 6.49 27.12
CA ARG C 444 9.02 7.88 27.27
C ARG C 444 9.89 8.19 28.47
N ASP C 445 9.90 7.32 29.47
CA ASP C 445 10.69 7.57 30.65
C ASP C 445 12.17 7.50 30.34
N ASN C 446 12.52 6.82 29.25
CA ASN C 446 13.90 6.65 28.92
C ASN C 446 14.47 7.85 28.21
N TRP C 447 13.62 8.79 27.84
CA TRP C 447 14.09 9.97 27.14
C TRP C 447 13.86 11.14 28.03
N ARG C 448 12.81 11.05 28.84
CA ARG C 448 12.47 12.11 29.77
C ARG C 448 13.61 12.31 30.72
N SER C 449 14.27 11.22 31.08
CA SER C 449 15.39 11.24 31.99
C SER C 449 16.62 11.94 31.42
N GLU C 450 16.66 12.18 30.11
CA GLU C 450 17.76 12.90 29.50
C GLU C 450 17.31 14.32 29.17
N LEU C 451 16.08 14.46 28.70
CA LEU C 451 15.53 15.75 28.31
C LEU C 451 14.85 16.46 29.47
N TYR C 452 15.63 16.74 30.49
CA TYR C 452 15.11 17.45 31.66
C TYR C 452 15.82 18.76 31.79
N LYS C 453 16.75 18.96 30.88
CA LYS C 453 17.58 20.14 30.87
C LYS C 453 17.18 21.07 29.76
N TYR C 454 16.45 20.60 28.75
CA TYR C 454 16.17 21.45 27.60
C TYR C 454 14.71 21.91 27.52
N LYS C 455 14.51 23.13 27.04
CA LYS C 455 13.18 23.68 26.79
C LYS C 455 13.11 24.41 25.44
N VAL C 456 11.97 24.31 24.74
CA VAL C 456 11.82 25.01 23.46
C VAL C 456 11.03 26.30 23.57
N VAL C 457 11.60 27.40 23.05
CA VAL C 457 10.89 28.66 23.05
C VAL C 457 10.84 29.27 21.66
N LYS C 458 9.86 30.13 21.46
CA LYS C 458 9.64 30.87 20.22
C LYS C 458 10.11 32.27 20.36
N ILE C 459 10.81 32.76 19.35
CA ILE C 459 11.33 34.09 19.39
C ILE C 459 10.30 35.04 18.81
N GLU C 460 10.02 36.12 19.53
CA GLU C 460 9.04 37.11 19.09
C GLU C 460 9.65 38.50 19.11
N PRO C 461 10.49 38.82 18.13
CA PRO C 461 11.38 39.97 18.16
C PRO C 461 10.75 41.29 17.81
N LEU C 462 9.62 41.60 18.39
CA LEU C 462 8.98 42.86 18.09
C LEU C 462 8.30 43.42 19.32
N GLY C 463 8.57 44.67 19.62
CA GLY C 463 7.91 45.28 20.76
C GLY C 463 8.06 46.78 20.78
N VAL C 464 7.47 47.40 21.79
CA VAL C 464 7.48 48.84 21.90
C VAL C 464 7.91 49.28 23.27
N ALA C 465 8.29 50.54 23.38
CA ALA C 465 8.61 51.18 24.66
C ALA C 465 8.49 52.70 24.53
N PRO C 466 8.15 53.46 25.59
CA PRO C 466 8.10 54.90 25.55
C PRO C 466 9.50 55.46 25.51
N THR C 467 9.70 56.47 24.70
CA THR C 467 10.98 57.14 24.69
C THR C 467 10.98 58.47 23.98
N ARG C 468 12.17 59.00 23.83
CA ARG C 468 12.39 60.22 23.12
C ARG C 468 12.70 59.85 21.69
N CYS C 469 11.73 60.04 20.81
CA CYS C 469 11.85 59.66 19.40
C CYS C 469 10.65 60.23 18.65
N LYS C 470 10.75 61.45 18.15
CA LYS C 470 9.56 62.00 17.49
C LYS C 470 9.79 62.10 15.98
N ARG C 471 8.87 61.55 15.17
CA ARG C 471 9.04 61.61 13.70
C ARG C 471 9.81 62.85 13.26
N GLY D 10 25.50 34.54 19.19
CA GLY D 10 25.23 35.67 20.06
C GLY D 10 23.78 36.02 19.95
N PHE D 11 23.02 35.09 19.41
CA PHE D 11 21.62 35.31 19.11
C PHE D 11 20.82 35.82 20.29
N LEU D 12 20.91 35.20 21.44
CA LEU D 12 20.21 35.76 22.59
C LEU D 12 21.19 36.33 23.59
N GLY D 13 22.38 36.69 23.14
CA GLY D 13 23.39 37.19 24.06
C GLY D 13 22.94 38.41 24.83
N ALA D 14 22.10 39.22 24.22
CA ALA D 14 21.59 40.43 24.81
C ALA D 14 20.40 40.18 25.73
N ALA D 15 19.96 38.95 25.87
CA ALA D 15 18.77 38.68 26.67
C ALA D 15 18.89 39.16 28.10
N GLY D 16 20.08 39.11 28.68
CA GLY D 16 20.23 39.55 30.06
C GLY D 16 20.59 41.04 30.18
N SER D 17 20.73 41.73 29.05
CA SER D 17 21.14 43.13 29.03
C SER D 17 19.94 44.01 29.22
N THR D 18 20.18 45.24 29.63
CA THR D 18 19.08 46.17 29.79
C THR D 18 18.60 46.63 28.44
N MET D 19 17.43 47.20 28.37
CA MET D 19 16.86 47.62 27.10
C MET D 19 17.73 48.60 26.35
N GLY D 20 18.32 49.54 27.07
CA GLY D 20 19.15 50.55 26.43
C GLY D 20 20.51 50.01 26.01
N ALA D 21 20.83 48.81 26.45
CA ALA D 21 22.09 48.17 26.11
C ALA D 21 21.89 47.12 25.05
N ALA D 22 20.77 46.43 25.14
CA ALA D 22 20.39 45.36 24.26
C ALA D 22 20.10 45.87 22.88
N SER D 23 19.53 47.06 22.77
CA SER D 23 19.13 47.57 21.45
C SER D 23 20.28 48.13 20.63
N MET D 24 21.25 47.26 20.36
CA MET D 24 22.46 47.50 19.60
C MET D 24 22.76 46.22 18.86
N THR D 25 22.09 45.15 19.29
CA THR D 25 22.30 43.81 18.75
C THR D 25 21.12 43.39 17.92
N LEU D 26 20.25 44.34 17.66
CA LEU D 26 18.98 44.11 17.01
C LEU D 26 19.19 43.47 15.66
N THR D 27 20.30 43.78 14.98
CA THR D 27 20.58 43.19 13.70
C THR D 27 20.63 41.68 13.82
N VAL D 28 21.25 41.17 14.86
CA VAL D 28 21.43 39.75 14.99
C VAL D 28 20.12 39.05 15.23
N GLN D 29 19.32 39.63 16.10
CA GLN D 29 18.06 38.97 16.38
C GLN D 29 17.12 39.06 15.20
N ALA D 30 17.14 40.19 14.49
CA ALA D 30 16.31 40.38 13.33
C ALA D 30 16.79 39.55 12.12
N ARG D 31 18.10 39.36 12.01
CA ARG D 31 18.68 38.63 10.91
C ARG D 31 18.48 37.14 11.01
N ASN D 32 18.71 36.56 12.18
CA ASN D 32 18.64 35.12 12.24
C ASN D 32 17.24 34.58 12.44
N LEU D 33 16.35 35.01 11.56
CA LEU D 33 14.99 34.56 11.50
C LEU D 33 14.80 33.73 10.25
N LEU D 34 15.61 33.98 9.23
CA LEU D 34 15.41 33.23 7.98
C LEU D 34 16.33 32.03 7.86
N SER D 35 17.48 32.09 8.52
CA SER D 35 18.51 31.06 8.42
C SER D 35 18.39 30.26 7.15
N LEU D 57 10.75 11.51 1.45
CA LEU D 57 9.73 12.24 0.72
C LEU D 57 8.34 11.82 1.18
N THR D 58 8.28 11.26 2.39
CA THR D 58 7.02 10.82 2.96
C THR D 58 6.54 11.79 4.04
N VAL D 59 6.51 11.31 5.28
CA VAL D 59 6.00 12.12 6.38
C VAL D 59 6.97 13.18 6.82
N TRP D 60 8.25 12.90 6.76
CA TRP D 60 9.17 13.90 7.23
C TRP D 60 9.28 14.97 6.19
N GLY D 61 9.04 14.60 4.95
CA GLY D 61 9.08 15.53 3.86
C GLY D 61 8.01 16.58 4.11
N ILE D 62 6.79 16.13 4.38
CA ILE D 62 5.75 17.12 4.59
C ILE D 62 5.97 17.89 5.88
N LYS D 63 6.45 17.26 6.94
CA LYS D 63 6.65 18.03 8.15
C LYS D 63 7.72 19.09 7.97
N GLN D 64 8.78 18.78 7.26
CA GLN D 64 9.80 19.79 7.08
C GLN D 64 9.25 20.94 6.27
N LEU D 65 8.44 20.66 5.24
CA LEU D 65 7.90 21.80 4.51
C LEU D 65 7.00 22.61 5.39
N GLN D 66 6.20 21.98 6.25
CA GLN D 66 5.33 22.80 7.05
C GLN D 66 6.15 23.76 7.90
N ALA D 67 7.27 23.28 8.44
CA ALA D 67 8.10 24.14 9.25
C ALA D 67 8.68 25.31 8.47
N ARG D 68 9.02 25.08 7.20
CA ARG D 68 9.63 26.12 6.39
C ARG D 68 8.61 27.15 5.96
N VAL D 69 7.42 26.69 5.63
CA VAL D 69 6.38 27.59 5.22
C VAL D 69 6.01 28.46 6.37
N LEU D 70 5.90 27.87 7.56
CA LEU D 70 5.56 28.66 8.71
C LEU D 70 6.60 29.70 9.00
N ALA D 71 7.89 29.37 8.93
CA ALA D 71 8.87 30.38 9.23
C ALA D 71 8.71 31.57 8.30
N VAL D 72 8.42 31.31 7.03
CA VAL D 72 8.22 32.41 6.12
C VAL D 72 7.01 33.22 6.48
N GLU D 73 5.91 32.56 6.80
CA GLU D 73 4.71 33.30 7.13
C GLU D 73 4.90 34.17 8.35
N ARG D 74 5.61 33.68 9.36
CA ARG D 74 5.79 34.50 10.53
C ARG D 74 6.63 35.71 10.21
N TYR D 75 7.66 35.52 9.39
CA TYR D 75 8.52 36.60 9.01
C TYR D 75 7.73 37.68 8.30
N LEU D 76 6.92 37.27 7.34
CA LEU D 76 6.18 38.25 6.59
C LEU D 76 5.17 38.98 7.43
N ARG D 77 4.53 38.33 8.40
CA ARG D 77 3.59 39.10 9.20
C ARG D 77 4.29 40.23 9.94
N ASP D 78 5.48 39.97 10.46
CA ASP D 78 6.15 41.07 11.15
C ASP D 78 6.55 42.16 10.20
N GLN D 79 6.98 41.78 8.99
CA GLN D 79 7.36 42.82 8.07
C GLN D 79 6.16 43.61 7.63
N GLN D 80 5.01 42.97 7.48
CA GLN D 80 3.87 43.71 7.05
C GLN D 80 3.47 44.72 8.09
N LEU D 81 3.55 44.37 9.38
CA LEU D 81 3.18 45.36 10.38
C LEU D 81 4.13 46.52 10.37
N LEU D 82 5.42 46.28 10.19
CA LEU D 82 6.32 47.41 10.17
C LEU D 82 5.99 48.28 8.97
N GLY D 83 5.60 47.67 7.87
CA GLY D 83 5.19 48.44 6.72
C GLY D 83 3.99 49.32 7.04
N ILE D 84 2.97 48.72 7.64
CA ILE D 84 1.75 49.42 7.96
C ILE D 84 1.98 50.56 8.93
N TRP D 85 2.84 50.38 9.90
CA TRP D 85 3.11 51.41 10.88
C TRP D 85 4.07 52.50 10.41
N GLY D 86 4.62 52.37 9.19
CA GLY D 86 5.57 53.33 8.70
C GLY D 86 6.99 53.11 9.19
N CYS D 87 7.30 51.88 9.58
CA CYS D 87 8.61 51.53 10.11
C CYS D 87 9.37 50.56 9.21
N SER D 88 8.97 50.48 7.96
CA SER D 88 9.66 49.56 7.07
C SER D 88 11.08 49.96 6.89
N GLY D 89 11.96 48.99 6.90
CA GLY D 89 13.36 49.24 6.64
C GLY D 89 14.14 49.72 7.85
N LYS D 90 13.50 49.78 9.02
CA LYS D 90 14.20 50.26 10.19
C LYS D 90 14.16 49.27 11.32
N LEU D 91 15.22 49.21 12.12
CA LEU D 91 15.16 48.38 13.31
C LEU D 91 14.51 49.19 14.42
N ILE D 92 14.71 50.50 14.37
CA ILE D 92 14.11 51.38 15.36
C ILE D 92 13.36 52.48 14.63
N CYS D 93 12.09 52.68 14.95
CA CYS D 93 11.39 53.78 14.28
C CYS D 93 10.58 54.64 15.21
N CYS D 94 10.56 55.93 14.90
CA CYS D 94 9.80 56.89 15.65
C CYS D 94 8.38 56.91 15.20
N THR D 95 7.52 57.34 16.10
CA THR D 95 6.12 57.49 15.81
C THR D 95 5.63 58.88 16.07
N ASN D 96 4.33 59.05 15.87
CA ASN D 96 3.65 60.27 16.23
C ASN D 96 2.50 60.00 17.20
N VAL D 97 2.49 58.78 17.75
CA VAL D 97 1.53 58.34 18.74
C VAL D 97 2.17 58.39 20.12
N PRO D 98 1.63 59.16 21.08
CA PRO D 98 2.13 59.33 22.42
C PRO D 98 1.92 58.11 23.27
N TRP D 99 2.74 57.97 24.28
CA TRP D 99 2.56 56.93 25.27
C TRP D 99 1.35 57.35 26.10
N ASN D 100 0.46 56.40 26.44
CA ASN D 100 -0.78 56.75 27.14
C ASN D 100 -0.84 56.51 28.65
N SER D 101 0.30 56.44 29.30
CA SER D 101 0.43 56.31 30.78
C SER D 101 -0.09 55.03 31.41
N SER D 102 -1.36 54.69 31.19
CA SER D 102 -1.96 53.50 31.80
C SER D 102 -1.27 52.22 31.35
N TRP D 103 -0.56 52.32 30.22
CA TRP D 103 0.22 51.24 29.68
C TRP D 103 1.37 50.92 30.65
N SER D 104 1.98 51.97 31.18
CA SER D 104 3.05 51.89 32.18
C SER D 104 3.35 53.28 32.68
N ASN D 105 3.51 53.41 34.00
CA ASN D 105 3.80 54.68 34.62
C ASN D 105 5.24 54.77 35.11
N ARG D 106 6.10 53.89 34.61
CA ARG D 106 7.50 53.90 35.01
C ARG D 106 8.26 55.03 34.33
N ASN D 107 9.30 55.51 35.01
CA ASN D 107 10.15 56.56 34.46
C ASN D 107 10.90 56.01 33.29
N LEU D 108 11.19 56.83 32.29
CA LEU D 108 11.91 56.27 31.17
C LEU D 108 13.31 55.82 31.59
N SER D 109 13.91 56.44 32.61
CA SER D 109 15.23 56.01 33.01
C SER D 109 15.16 54.65 33.70
N GLU D 110 14.00 54.31 34.24
CA GLU D 110 13.81 53.06 34.91
C GLU D 110 13.63 51.99 33.85
N ILE D 111 12.89 52.35 32.82
CA ILE D 111 12.63 51.43 31.75
C ILE D 111 13.86 51.11 30.95
N TRP D 112 14.60 52.12 30.54
CA TRP D 112 15.74 51.84 29.72
C TRP D 112 16.97 51.31 30.46
N ASP D 113 17.20 51.72 31.72
CA ASP D 113 18.37 51.24 32.45
C ASP D 113 18.14 50.10 33.46
N ASN D 114 16.94 49.95 34.04
CA ASN D 114 16.75 48.92 35.07
C ASN D 114 15.92 47.73 34.60
N MET D 115 15.67 47.65 33.30
CA MET D 115 14.89 46.55 32.74
C MET D 115 15.55 45.95 31.54
N THR D 116 15.38 44.65 31.39
CA THR D 116 15.78 43.94 30.19
C THR D 116 14.56 43.94 29.30
N TRP D 117 14.72 43.60 28.01
CA TRP D 117 13.55 43.57 27.16
C TRP D 117 12.56 42.50 27.54
N LEU D 118 13.04 41.41 28.11
CA LEU D 118 12.16 40.34 28.50
C LEU D 118 11.33 40.78 29.68
N GLN D 119 11.95 41.47 30.64
CA GLN D 119 11.20 41.92 31.78
C GLN D 119 10.17 42.94 31.37
N TRP D 120 10.55 43.80 30.45
CA TRP D 120 9.67 44.82 29.93
C TRP D 120 8.51 44.21 29.21
N ASP D 121 8.76 43.21 28.37
CA ASP D 121 7.67 42.61 27.66
C ASP D 121 6.68 42.05 28.65
N LYS D 122 7.16 41.48 29.74
CA LYS D 122 6.23 40.97 30.71
C LYS D 122 5.46 42.13 31.35
N GLU D 123 6.14 43.22 31.67
CA GLU D 123 5.51 44.38 32.30
C GLU D 123 4.33 44.91 31.50
N ILE D 124 4.47 44.96 30.18
CA ILE D 124 3.39 45.48 29.34
C ILE D 124 2.82 44.41 28.41
N SER D 125 2.82 43.15 28.86
CA SER D 125 2.35 42.04 28.02
C SER D 125 0.89 42.12 27.66
N ASN D 126 0.13 42.90 28.41
CA ASN D 126 -1.29 43.06 28.19
C ASN D 126 -1.67 44.28 27.37
N TYR D 127 -0.69 44.93 26.77
CA TYR D 127 -0.96 46.11 25.95
C TYR D 127 -0.41 45.94 24.55
N THR D 128 -1.18 45.31 23.69
CA THR D 128 -0.75 44.93 22.36
C THR D 128 -1.53 45.66 21.29
N GLN D 129 -2.69 45.13 20.89
CA GLN D 129 -3.42 45.80 19.82
C GLN D 129 -3.90 47.18 20.23
N ILE D 130 -3.91 47.44 21.55
CA ILE D 130 -4.29 48.73 22.11
C ILE D 130 -3.33 49.81 21.59
N ILE D 131 -2.11 49.40 21.23
CA ILE D 131 -1.10 50.28 20.71
C ILE D 131 -1.06 50.15 19.19
N TYR D 132 -1.13 48.93 18.71
CA TYR D 132 -0.95 48.71 17.28
C TYR D 132 -2.00 49.40 16.45
N GLY D 133 -3.24 49.39 16.89
CA GLY D 133 -4.29 50.03 16.10
C GLY D 133 -4.03 51.52 15.94
N LEU D 134 -3.45 52.14 16.97
CA LEU D 134 -3.17 53.55 16.92
C LEU D 134 -2.08 53.81 15.92
N LEU D 135 -1.10 52.91 15.89
CA LEU D 135 0.00 53.10 14.98
C LEU D 135 -0.51 52.98 13.55
N GLU D 136 -1.47 52.07 13.31
CA GLU D 136 -2.00 51.90 11.94
C GLU D 136 -2.76 53.13 11.51
N GLU D 137 -3.53 53.71 12.43
CA GLU D 137 -4.33 54.86 12.10
C GLU D 137 -3.45 56.04 11.80
N SER D 138 -2.39 56.18 12.58
CA SER D 138 -1.50 57.28 12.35
C SER D 138 -0.86 57.22 11.00
N GLN D 139 -0.37 56.06 10.60
CA GLN D 139 0.29 56.01 9.32
C GLN D 139 -0.68 56.28 8.19
N ASN D 140 -1.92 55.82 8.30
CA ASN D 140 -2.83 56.09 7.21
C ASN D 140 -3.10 57.58 7.09
N GLN D 141 -3.25 58.29 8.21
CA GLN D 141 -3.51 59.70 8.13
C GLN D 141 -2.32 60.43 7.53
N GLN D 142 -1.12 59.99 7.88
CA GLN D 142 0.05 60.65 7.36
C GLN D 142 0.15 60.47 5.86
N GLU D 143 -0.18 59.29 5.34
CA GLU D 143 -0.07 59.12 3.91
C GLU D 143 -1.08 59.96 3.18
N LYS D 144 -2.28 60.10 3.75
CA LYS D 144 -3.26 60.95 3.09
C LYS D 144 -2.76 62.37 3.06
N ASN D 145 -2.17 62.84 4.16
CA ASN D 145 -1.71 64.20 4.18
C ASN D 145 -0.61 64.40 3.15
N GLU D 146 0.28 63.41 2.99
CA GLU D 146 1.35 63.56 2.02
C GLU D 146 0.79 63.61 0.61
N GLN D 147 -0.22 62.80 0.30
CA GLN D 147 -0.77 62.86 -1.05
C GLN D 147 -1.39 64.22 -1.28
N ASP D 148 -2.11 64.75 -0.29
CA ASP D 148 -2.76 66.02 -0.49
C ASP D 148 -1.75 67.13 -0.74
N LEU D 149 -0.56 67.03 -0.15
CA LEU D 149 0.46 68.02 -0.41
C LEU D 149 1.11 67.82 -1.78
N LEU D 150 1.35 66.57 -2.19
CA LEU D 150 1.97 66.32 -3.49
C LEU D 150 1.00 66.59 -4.62
N ALA D 151 -0.28 66.53 -4.30
CA ALA D 151 -1.36 66.86 -5.19
C ALA D 151 -1.42 68.35 -5.51
N LEU D 152 -0.81 69.18 -4.67
CA LEU D 152 -0.87 70.61 -4.82
C LEU D 152 0.11 71.07 -5.89
N ASP E 1 -49.20 -26.26 18.97
CA ASP E 1 -48.82 -26.19 20.37
C ASP E 1 -49.76 -25.30 21.12
N ILE E 2 -50.48 -24.48 20.39
CA ILE E 2 -51.41 -23.59 21.03
C ILE E 2 -52.77 -24.20 20.92
N VAL E 3 -53.36 -24.50 22.04
CA VAL E 3 -54.62 -25.20 22.09
C VAL E 3 -55.71 -24.37 22.72
N MET E 4 -56.92 -24.44 22.15
CA MET E 4 -57.98 -23.65 22.73
C MET E 4 -59.18 -24.47 23.21
N THR E 5 -59.65 -24.08 24.39
CA THR E 5 -60.75 -24.71 25.11
C THR E 5 -62.03 -23.92 25.03
N GLN E 6 -63.13 -24.61 24.73
CA GLN E 6 -64.40 -23.91 24.66
C GLN E 6 -65.27 -24.14 25.86
N THR E 7 -66.13 -23.19 26.11
CA THR E 7 -67.12 -23.34 27.15
C THR E 7 -68.28 -22.37 26.95
N PRO E 8 -69.50 -22.75 27.34
CA PRO E 8 -70.00 -24.05 27.72
C PRO E 8 -69.95 -24.93 26.50
N ALA E 9 -69.80 -26.24 26.68
CA ALA E 9 -69.80 -27.13 25.52
C ALA E 9 -71.10 -27.04 24.75
N SER E 10 -72.20 -26.83 25.46
CA SER E 10 -73.48 -26.67 24.82
C SER E 10 -74.37 -25.80 25.67
N VAL E 11 -75.22 -25.05 24.99
CA VAL E 11 -76.20 -24.19 25.62
C VAL E 11 -77.55 -24.34 24.95
N SER E 12 -78.59 -23.91 25.64
CA SER E 12 -79.92 -23.85 25.05
C SER E 12 -80.64 -22.62 25.54
N GLU E 13 -81.15 -21.83 24.61
CA GLU E 13 -81.85 -20.60 24.96
C GLU E 13 -83.03 -20.37 24.01
N PRO E 14 -84.18 -19.88 24.48
CA PRO E 14 -85.33 -19.49 23.69
C PRO E 14 -85.05 -18.40 22.67
N VAL E 15 -85.81 -18.45 21.59
CA VAL E 15 -85.71 -17.47 20.51
C VAL E 15 -85.85 -16.06 21.03
N GLY E 16 -84.92 -15.22 20.56
CA GLY E 16 -84.80 -13.83 20.91
C GLY E 16 -83.73 -13.59 21.97
N GLY E 17 -83.18 -14.65 22.52
CA GLY E 17 -82.16 -14.53 23.56
C GLY E 17 -80.73 -14.26 23.05
N THR E 18 -79.78 -14.25 23.99
CA THR E 18 -78.38 -13.95 23.66
C THR E 18 -77.42 -14.98 24.25
N VAL E 19 -76.50 -15.48 23.42
CA VAL E 19 -75.58 -16.49 23.93
C VAL E 19 -74.15 -16.03 23.99
N THR E 20 -73.52 -16.29 25.13
CA THR E 20 -72.13 -15.97 25.25
C THR E 20 -71.36 -17.25 25.03
N ILE E 21 -70.40 -17.20 24.11
CA ILE E 21 -69.58 -18.34 23.77
C ILE E 21 -68.15 -18.02 24.13
N LYS E 22 -67.50 -18.83 24.95
CA LYS E 22 -66.14 -18.51 25.34
C LYS E 22 -65.08 -19.49 24.86
N CYS E 23 -63.94 -18.91 24.48
CA CYS E 23 -62.77 -19.63 24.01
C CYS E 23 -61.50 -19.19 24.74
N GLN E 24 -60.83 -20.14 25.37
CA GLN E 24 -59.61 -19.86 26.15
C GLN E 24 -58.37 -20.52 25.58
N ALA E 25 -57.42 -19.69 25.16
CA ALA E 25 -56.17 -20.18 24.58
C ALA E 25 -55.11 -20.46 25.61
N SER E 26 -54.24 -21.42 25.29
CA SER E 26 -53.08 -21.73 26.12
C SER E 26 -51.95 -20.70 26.03
N HIS E 27 -51.97 -19.92 24.98
CA HIS E 27 -50.96 -18.90 24.73
C HIS E 27 -51.60 -17.62 24.26
N ASN E 28 -50.89 -16.52 24.44
CA ASN E 28 -51.34 -15.23 23.95
C ASN E 28 -51.31 -15.30 22.44
N ILE E 29 -52.42 -14.98 21.80
CA ILE E 29 -52.44 -15.08 20.35
C ILE E 29 -52.60 -13.76 19.61
N ARG E 30 -52.33 -12.66 20.30
CA ARG E 30 -52.29 -11.32 19.70
C ARG E 30 -53.52 -10.95 18.89
N SER E 31 -54.68 -11.35 19.37
CA SER E 31 -55.95 -11.07 18.74
C SER E 31 -56.11 -11.42 17.24
N TYR E 32 -55.59 -12.56 16.80
CA TYR E 32 -55.75 -12.99 15.40
C TYR E 32 -56.80 -14.08 15.21
N LEU E 33 -57.57 -14.32 16.24
CA LEU E 33 -58.58 -15.35 16.28
C LEU E 33 -59.75 -15.16 15.34
N SER E 34 -60.22 -16.24 14.72
CA SER E 34 -61.41 -16.19 13.88
C SER E 34 -62.48 -17.12 14.44
N TRP E 35 -63.74 -16.88 14.06
CA TRP E 35 -64.85 -17.71 14.50
C TRP E 35 -65.71 -18.18 13.35
N TYR E 36 -66.18 -19.42 13.47
CA TYR E 36 -67.03 -20.04 12.46
C TYR E 36 -68.36 -20.58 12.96
N GLN E 37 -69.34 -20.61 12.06
CA GLN E 37 -70.67 -21.17 12.31
C GLN E 37 -70.95 -22.39 11.44
N GLN E 38 -71.16 -23.54 12.03
CA GLN E 38 -71.40 -24.73 11.22
C GLN E 38 -72.79 -25.30 11.30
N LYS E 39 -73.40 -25.40 10.14
CA LYS E 39 -74.71 -25.98 10.01
C LYS E 39 -74.49 -27.44 9.67
N VAL E 40 -75.45 -28.28 9.96
CA VAL E 40 -75.25 -29.68 9.68
C VAL E 40 -75.21 -29.96 8.20
N GLY E 41 -74.16 -30.67 7.77
CA GLY E 41 -73.96 -31.06 6.40
C GLY E 41 -73.18 -30.02 5.61
N GLN E 42 -72.84 -28.90 6.24
CA GLN E 42 -72.13 -27.84 5.58
C GLN E 42 -70.75 -27.63 6.17
N PRO E 43 -69.80 -27.05 5.42
CA PRO E 43 -68.55 -26.61 5.95
C PRO E 43 -68.89 -25.40 6.80
N PRO E 44 -68.13 -25.07 7.83
CA PRO E 44 -68.33 -23.90 8.66
C PRO E 44 -68.24 -22.57 7.90
N LYS E 45 -69.10 -21.63 8.23
CA LYS E 45 -69.06 -20.31 7.62
C LYS E 45 -68.27 -19.37 8.50
N ARG E 46 -67.46 -18.52 7.92
CA ARG E 46 -66.74 -17.59 8.76
C ARG E 46 -67.62 -16.45 9.20
N LEU E 47 -67.63 -16.16 10.50
CA LEU E 47 -68.41 -15.06 11.03
C LEU E 47 -67.53 -13.87 11.30
N ILE E 48 -66.41 -14.17 11.92
CA ILE E 48 -65.40 -13.20 12.35
C ILE E 48 -64.08 -13.57 11.81
N TYR E 49 -63.39 -12.62 11.22
CA TYR E 49 -62.08 -12.96 10.70
C TYR E 49 -60.98 -12.47 11.62
N GLU E 50 -61.22 -11.41 12.36
CA GLU E 50 -60.14 -10.93 13.22
C GLU E 50 -60.64 -10.39 14.56
N THR E 51 -60.79 -11.28 15.52
CA THR E 51 -61.26 -11.03 16.89
C THR E 51 -62.65 -10.42 17.02
N SER E 52 -62.81 -9.21 16.52
CA SER E 52 -64.07 -8.50 16.53
C SER E 52 -64.57 -8.14 15.14
N ASN E 53 -63.72 -8.26 14.14
CA ASN E 53 -64.10 -7.85 12.81
C ASN E 53 -64.84 -8.93 12.08
N LEU E 54 -66.10 -8.60 11.78
CA LEU E 54 -67.05 -9.49 11.12
C LEU E 54 -66.75 -9.65 9.66
N ALA E 55 -66.99 -10.85 9.20
CA ALA E 55 -66.87 -11.25 7.83
C ALA E 55 -67.96 -10.59 7.02
N SER E 56 -67.68 -10.34 5.76
CA SER E 56 -68.66 -9.70 4.93
C SER E 56 -69.91 -10.54 4.84
N GLY E 57 -71.06 -9.87 4.90
CA GLY E 57 -72.35 -10.52 4.78
C GLY E 57 -72.89 -11.02 6.12
N VAL E 58 -72.13 -10.88 7.18
CA VAL E 58 -72.55 -11.35 8.48
C VAL E 58 -73.21 -10.24 9.31
N PRO E 59 -74.44 -10.45 9.82
CA PRO E 59 -75.17 -9.53 10.65
C PRO E 59 -74.44 -9.20 11.95
N SER E 60 -74.70 -8.01 12.45
CA SER E 60 -74.09 -7.46 13.67
C SER E 60 -74.43 -8.25 14.92
N ARG E 61 -75.43 -9.10 14.82
CA ARG E 61 -75.86 -9.91 15.94
C ARG E 61 -74.74 -10.85 16.34
N PHE E 62 -73.78 -11.11 15.44
CA PHE E 62 -72.70 -12.06 15.70
C PHE E 62 -71.42 -11.43 16.18
N ALA E 63 -71.49 -10.18 16.59
CA ALA E 63 -70.31 -9.49 17.07
C ALA E 63 -69.69 -10.17 18.30
N GLY E 64 -68.39 -9.93 18.48
CA GLY E 64 -67.65 -10.49 19.60
C GLY E 64 -66.38 -9.68 19.91
N SER E 65 -65.63 -10.13 20.91
CA SER E 65 -64.43 -9.42 21.37
C SER E 65 -63.49 -10.28 22.21
N GLY E 66 -62.32 -9.73 22.51
CA GLY E 66 -61.37 -10.40 23.38
C GLY E 66 -59.97 -9.89 23.18
N SER E 67 -59.05 -10.45 23.94
CA SER E 67 -57.64 -10.09 23.87
C SER E 67 -56.80 -11.15 24.56
N GLY E 68 -55.49 -11.10 24.36
CA GLY E 68 -54.68 -12.02 25.13
C GLY E 68 -55.03 -13.45 24.80
N THR E 69 -55.49 -14.17 25.81
CA THR E 69 -55.86 -15.55 25.65
C THR E 69 -57.37 -15.77 25.77
N GLU E 70 -58.12 -14.71 26.08
CA GLU E 70 -59.55 -14.88 26.34
C GLU E 70 -60.46 -14.18 25.35
N PHE E 71 -61.26 -14.97 24.65
CA PHE E 71 -62.15 -14.42 23.65
C PHE E 71 -63.58 -14.91 23.77
N THR E 72 -64.54 -14.02 23.49
CA THR E 72 -65.93 -14.42 23.50
C THR E 72 -66.80 -13.90 22.35
N LEU E 73 -67.88 -14.61 22.09
CA LEU E 73 -68.92 -14.14 21.20
C LEU E 73 -70.12 -13.83 22.01
N THR E 74 -70.91 -12.88 21.58
CA THR E 74 -72.18 -12.60 22.23
C THR E 74 -73.22 -12.53 21.14
N ILE E 75 -73.87 -13.64 20.85
CA ILE E 75 -74.74 -13.62 19.70
C ILE E 75 -76.14 -13.29 20.11
N SER E 76 -76.62 -12.13 19.68
CA SER E 76 -77.93 -11.61 20.06
C SER E 76 -79.07 -12.03 19.16
N ASP E 77 -80.30 -11.80 19.64
CA ASP E 77 -81.52 -12.01 18.88
C ASP E 77 -81.56 -13.38 18.24
N LEU E 78 -81.23 -14.40 19.00
CA LEU E 78 -81.16 -15.73 18.41
C LEU E 78 -82.43 -16.23 17.79
N GLU E 79 -82.31 -16.72 16.57
CA GLU E 79 -83.42 -17.32 15.83
C GLU E 79 -83.23 -18.82 15.74
N CYS E 80 -84.27 -19.58 15.45
CA CYS E 80 -84.03 -21.02 15.32
C CYS E 80 -83.02 -21.29 14.19
N ALA E 81 -82.99 -20.39 13.21
CA ALA E 81 -82.09 -20.43 12.07
C ALA E 81 -80.61 -20.31 12.48
N ASP E 82 -80.35 -19.79 13.68
CA ASP E 82 -79.01 -19.58 14.19
C ASP E 82 -78.53 -20.75 15.01
N ALA E 83 -79.35 -21.79 15.18
CA ALA E 83 -78.81 -22.90 15.95
C ALA E 83 -77.69 -23.49 15.09
N ALA E 84 -76.54 -23.68 15.71
CA ALA E 84 -75.36 -24.15 14.98
C ALA E 84 -74.26 -24.55 15.92
N THR E 85 -73.24 -25.22 15.41
CA THR E 85 -72.07 -25.41 16.25
C THR E 85 -71.14 -24.26 15.95
N TYR E 86 -70.69 -23.59 16.98
CA TYR E 86 -69.81 -22.47 16.77
C TYR E 86 -68.40 -22.87 17.12
N TYR E 87 -67.42 -22.43 16.33
CA TYR E 87 -66.03 -22.82 16.58
C TYR E 87 -65.05 -21.69 16.67
N CYS E 88 -64.03 -21.91 17.48
CA CYS E 88 -62.93 -20.98 17.67
C CYS E 88 -61.66 -21.44 16.92
N GLN E 89 -61.08 -20.64 16.00
CA GLN E 89 -59.84 -21.04 15.25
C GLN E 89 -58.66 -20.09 15.52
N SER E 90 -57.50 -20.65 15.92
CA SER E 90 -56.35 -19.85 16.37
C SER E 90 -55.64 -18.87 15.44
N ASN E 91 -55.23 -19.31 14.26
CA ASN E 91 -54.56 -18.44 13.30
C ASN E 91 -53.35 -17.70 13.82
N PHE E 92 -52.52 -18.30 14.68
CA PHE E 92 -51.40 -17.49 15.18
C PHE E 92 -50.35 -17.19 14.12
N GLY E 93 -49.85 -18.21 13.44
CA GLY E 93 -48.90 -18.00 12.35
C GLY E 93 -47.41 -17.77 12.70
N LEU E 94 -46.71 -17.17 11.73
CA LEU E 94 -45.27 -16.82 11.73
C LEU E 94 -44.24 -17.92 11.74
N SER E 95 -44.31 -18.79 12.74
CA SER E 95 -43.30 -19.82 12.96
C SER E 95 -43.39 -20.89 11.94
N ASP E 96 -42.41 -21.79 11.88
CA ASP E 96 -42.53 -22.91 10.98
C ASP E 96 -43.16 -24.11 11.65
N SER E 97 -43.56 -23.93 12.89
CA SER E 97 -44.28 -24.94 13.62
C SER E 97 -45.76 -24.70 13.36
N ARG E 98 -46.12 -23.45 13.12
CA ARG E 98 -47.48 -23.03 12.85
C ARG E 98 -48.46 -23.75 13.73
N THR E 99 -49.14 -24.70 13.13
CA THR E 99 -50.17 -25.47 13.74
C THR E 99 -51.37 -24.63 14.02
N TYR E 100 -52.18 -24.42 13.00
CA TYR E 100 -53.33 -23.58 13.17
C TYR E 100 -54.43 -24.38 13.81
N ASN E 101 -54.24 -24.68 15.09
CA ASN E 101 -55.21 -25.49 15.76
C ASN E 101 -56.54 -24.85 15.73
N PHE E 102 -57.45 -25.68 15.33
CA PHE E 102 -58.82 -25.35 15.21
C PHE E 102 -59.23 -25.75 16.60
N GLY E 103 -59.86 -24.89 17.33
CA GLY E 103 -60.18 -25.24 18.69
C GLY E 103 -61.45 -26.02 18.69
N GLY E 104 -61.97 -26.30 19.87
CA GLY E 104 -63.21 -27.05 19.88
C GLY E 104 -64.32 -26.06 19.61
N GLY E 105 -65.55 -26.52 19.67
CA GLY E 105 -66.68 -25.62 19.44
C GLY E 105 -67.72 -25.82 20.48
N THR E 106 -68.82 -25.10 20.34
CA THR E 106 -69.92 -25.23 21.28
C THR E 106 -71.22 -25.39 20.51
N GLU E 107 -72.16 -26.08 21.10
CA GLU E 107 -73.45 -26.23 20.45
C GLU E 107 -74.49 -25.26 20.94
N VAL E 108 -75.05 -24.48 20.04
CA VAL E 108 -76.07 -23.54 20.45
C VAL E 108 -77.42 -23.94 19.93
N VAL E 109 -78.31 -24.24 20.86
CA VAL E 109 -79.66 -24.64 20.55
C VAL E 109 -80.59 -23.47 20.77
N VAL E 110 -81.38 -23.15 19.76
CA VAL E 110 -82.29 -22.04 19.94
C VAL E 110 -83.69 -22.62 19.97
N LYS E 111 -84.35 -22.43 21.09
CA LYS E 111 -85.64 -23.04 21.35
C LYS E 111 -86.89 -22.24 20.97
N GLY E 112 -87.78 -22.89 20.25
CA GLY E 112 -89.05 -22.27 19.84
C GLY E 112 -90.16 -22.63 20.83
N ASP E 113 -91.39 -22.60 20.34
CA ASP E 113 -92.59 -22.87 21.15
C ASP E 113 -92.56 -24.25 21.78
N ARG F 1 -65.37 -19.42 -8.35
CA ARG F 1 -64.22 -19.79 -7.53
C ARG F 1 -64.64 -20.73 -6.42
N GLN F 2 -64.53 -22.02 -6.69
CA GLN F 2 -64.96 -23.03 -5.74
C GLN F 2 -64.02 -24.22 -5.65
N LEU F 3 -63.60 -24.52 -4.43
CA LEU F 3 -62.78 -25.70 -4.24
C LEU F 3 -63.61 -26.96 -4.34
N VAL F 4 -63.12 -27.92 -5.11
CA VAL F 4 -63.83 -29.19 -5.23
C VAL F 4 -62.96 -30.40 -4.94
N GLU F 5 -63.36 -31.15 -3.95
CA GLU F 5 -62.69 -32.36 -3.51
C GLU F 5 -63.10 -33.59 -4.30
N SER F 6 -62.15 -34.50 -4.42
CA SER F 6 -62.34 -35.83 -4.97
C SER F 6 -61.45 -36.85 -4.29
N GLY F 7 -61.50 -38.08 -4.77
CA GLY F 7 -60.71 -39.16 -4.18
C GLY F 7 -61.29 -39.74 -2.89
N GLY F 8 -62.60 -39.65 -2.71
CA GLY F 8 -63.23 -40.15 -1.48
C GLY F 8 -63.46 -41.65 -1.55
N GLY F 9 -64.13 -42.20 -0.54
CA GLY F 9 -64.38 -43.64 -0.42
C GLY F 9 -63.58 -44.20 0.74
N LEU F 10 -64.16 -45.11 1.50
CA LEU F 10 -63.44 -45.61 2.65
C LEU F 10 -62.52 -46.76 2.27
N VAL F 11 -61.34 -46.76 2.87
CA VAL F 11 -60.32 -47.77 2.70
C VAL F 11 -60.02 -48.47 4.02
N GLN F 12 -59.94 -49.78 3.94
CA GLN F 12 -59.69 -50.69 5.03
C GLN F 12 -58.42 -50.36 5.84
N PRO F 13 -58.34 -50.78 7.11
CA PRO F 13 -57.22 -50.53 7.99
C PRO F 13 -55.91 -50.98 7.36
N GLU F 14 -54.90 -50.16 7.60
CA GLU F 14 -53.53 -50.29 7.13
C GLU F 14 -53.40 -50.03 5.62
N GLY F 15 -54.45 -49.52 5.01
CA GLY F 15 -54.37 -49.15 3.61
C GLY F 15 -53.94 -47.69 3.51
N SER F 16 -54.09 -47.13 2.32
CA SER F 16 -53.72 -45.75 2.06
C SER F 16 -54.62 -45.19 0.97
N LEU F 17 -54.70 -43.87 0.91
CA LEU F 17 -55.45 -43.19 -0.14
C LEU F 17 -54.91 -41.79 -0.37
N THR F 18 -55.22 -41.20 -1.52
CA THR F 18 -54.84 -39.81 -1.73
C THR F 18 -56.04 -38.97 -2.12
N LEU F 19 -56.23 -37.86 -1.42
CA LEU F 19 -57.35 -36.95 -1.71
C LEU F 19 -56.90 -35.87 -2.65
N THR F 20 -57.80 -35.44 -3.52
CA THR F 20 -57.48 -34.40 -4.50
C THR F 20 -58.42 -33.21 -4.41
N CYS F 21 -57.90 -32.00 -4.50
CA CYS F 21 -58.72 -30.81 -4.46
C CYS F 21 -58.37 -29.80 -5.55
N LYS F 22 -59.38 -29.37 -6.31
CA LYS F 22 -59.15 -28.40 -7.38
C LYS F 22 -59.76 -27.02 -7.18
N ALA F 23 -59.00 -26.02 -7.59
CA ALA F 23 -59.38 -24.62 -7.58
C ALA F 23 -60.23 -24.28 -8.78
N SER F 24 -61.47 -24.71 -8.79
CA SER F 24 -62.21 -24.42 -9.99
C SER F 24 -62.45 -22.93 -10.03
N GLY F 25 -62.10 -22.27 -11.14
CA GLY F 25 -62.31 -20.83 -11.26
C GLY F 25 -61.12 -19.94 -10.85
N PHE F 26 -60.06 -20.53 -10.31
CA PHE F 26 -58.93 -19.70 -9.89
C PHE F 26 -57.62 -20.46 -9.88
N SER F 27 -56.54 -19.73 -9.77
CA SER F 27 -55.22 -20.32 -9.67
C SER F 27 -54.68 -19.92 -8.33
N PHE F 28 -53.67 -20.65 -7.86
CA PHE F 28 -53.05 -20.32 -6.60
C PHE F 28 -52.09 -19.18 -6.79
N SER F 29 -52.01 -18.31 -5.80
CA SER F 29 -51.14 -17.16 -5.83
C SER F 29 -50.65 -16.86 -4.43
N ARG F 30 -49.79 -15.86 -4.30
CA ARG F 30 -49.16 -15.55 -3.02
C ARG F 30 -50.07 -15.18 -1.87
N SER F 31 -51.27 -14.69 -2.15
CA SER F 31 -52.15 -14.31 -1.07
C SER F 31 -52.98 -15.46 -0.55
N GLN F 32 -52.88 -16.61 -1.22
CA GLN F 32 -53.70 -17.74 -0.86
C GLN F 32 -52.90 -18.77 -0.12
N TYR F 33 -53.51 -19.40 0.86
CA TYR F 33 -52.78 -20.41 1.60
C TYR F 33 -53.72 -21.63 1.67
N MET F 34 -53.25 -22.82 1.28
CA MET F 34 -54.15 -23.99 1.25
C MET F 34 -54.01 -24.94 2.39
N CYS F 35 -55.14 -25.40 2.93
CA CYS F 35 -55.11 -26.32 4.05
C CYS F 35 -56.14 -27.43 3.98
N TRP F 36 -55.90 -28.46 4.79
CA TRP F 36 -56.87 -29.53 4.98
C TRP F 36 -57.24 -29.65 6.45
N VAL F 37 -58.52 -29.88 6.66
CA VAL F 37 -59.13 -30.04 7.98
C VAL F 37 -60.05 -31.25 7.94
N ARG F 38 -60.14 -32.02 9.01
CA ARG F 38 -61.10 -33.14 8.97
C ARG F 38 -62.09 -33.12 10.09
N GLN F 39 -63.24 -33.70 9.83
CA GLN F 39 -64.26 -33.82 10.85
C GLN F 39 -64.87 -35.19 10.91
N ALA F 40 -64.62 -35.91 11.98
CA ALA F 40 -65.20 -37.21 12.14
C ALA F 40 -66.68 -36.92 12.24
N PRO F 41 -67.59 -37.79 11.82
CA PRO F 41 -69.01 -37.51 11.84
C PRO F 41 -69.59 -37.17 13.22
N GLY F 42 -68.95 -37.61 14.31
CA GLY F 42 -69.47 -37.27 15.64
C GLY F 42 -68.63 -36.20 16.35
N LYS F 43 -67.68 -35.60 15.64
CA LYS F 43 -66.76 -34.65 16.25
C LYS F 43 -66.75 -33.24 15.67
N GLY F 44 -65.91 -32.40 16.24
CA GLY F 44 -65.71 -31.03 15.78
C GLY F 44 -64.61 -31.08 14.73
N LEU F 45 -63.95 -29.98 14.46
CA LEU F 45 -63.00 -30.02 13.37
C LEU F 45 -61.57 -30.02 13.86
N GLU F 46 -60.76 -30.83 13.20
CA GLU F 46 -59.36 -30.95 13.52
C GLU F 46 -58.47 -30.54 12.37
N TRP F 47 -57.58 -29.60 12.62
CA TRP F 47 -56.68 -29.11 11.58
C TRP F 47 -55.61 -30.14 11.31
N ILE F 48 -55.29 -30.37 10.03
CA ILE F 48 -54.27 -31.35 9.71
C ILE F 48 -53.00 -30.71 9.20
N THR F 49 -53.13 -29.99 8.09
CA THR F 49 -51.96 -29.48 7.40
C THR F 49 -52.21 -28.35 6.41
N CYS F 50 -51.17 -27.55 6.16
CA CYS F 50 -51.23 -26.50 5.14
C CYS F 50 -50.04 -26.44 4.22
N VAL F 51 -50.23 -25.88 3.03
CA VAL F 51 -49.12 -25.64 2.14
C VAL F 51 -49.18 -24.24 1.56
N TYR F 52 -48.04 -23.59 1.46
CA TYR F 52 -48.00 -22.28 0.84
C TYR F 52 -47.48 -22.41 -0.60
N PRO F 53 -48.29 -22.15 -1.63
CA PRO F 53 -48.04 -22.40 -3.04
C PRO F 53 -46.86 -21.70 -3.70
N ASP F 54 -46.35 -20.61 -3.16
CA ASP F 54 -45.21 -20.02 -3.83
C ASP F 54 -43.89 -20.72 -3.53
N ASP F 55 -43.83 -21.58 -2.52
CA ASP F 55 -42.56 -22.21 -2.27
C ASP F 55 -42.82 -23.61 -1.79
N ASP F 56 -44.10 -23.91 -1.77
CA ASP F 56 -44.66 -25.19 -1.38
C ASP F 56 -44.23 -25.65 -0.02
N THR F 57 -44.06 -24.75 0.95
CA THR F 57 -43.70 -25.21 2.27
C THR F 57 -44.89 -25.83 2.95
N PRO F 58 -44.83 -27.10 3.37
CA PRO F 58 -45.86 -27.77 4.10
C PRO F 58 -45.78 -27.42 5.57
N TYR F 59 -46.90 -27.46 6.27
CA TYR F 59 -46.93 -27.35 7.71
C TYR F 59 -47.78 -28.47 8.26
N TYR F 60 -47.37 -29.12 9.32
CA TYR F 60 -48.21 -30.22 9.82
C TYR F 60 -48.52 -30.19 11.27
N ALA F 61 -49.71 -30.68 11.59
CA ALA F 61 -50.07 -30.90 12.97
C ALA F 61 -49.19 -31.98 13.49
N THR F 62 -48.80 -31.94 14.75
CA THR F 62 -47.94 -32.98 15.26
C THR F 62 -48.54 -34.36 15.05
N TRP F 63 -49.82 -34.51 15.36
CA TRP F 63 -50.48 -35.80 15.29
C TRP F 63 -50.49 -36.40 13.88
N ALA F 64 -50.37 -35.54 12.88
CA ALA F 64 -50.45 -35.90 11.49
C ALA F 64 -49.09 -36.03 10.81
N LYS F 65 -48.02 -35.63 11.49
CA LYS F 65 -46.77 -35.49 10.77
C LYS F 65 -46.24 -36.77 10.14
N GLY F 66 -46.44 -37.91 10.81
CA GLY F 66 -45.91 -39.15 10.27
C GLY F 66 -46.87 -39.91 9.36
N ARG F 67 -48.06 -39.37 9.12
CA ARG F 67 -49.04 -40.09 8.30
C ARG F 67 -49.59 -39.30 7.13
N PHE F 68 -49.55 -37.99 7.20
CA PHE F 68 -50.14 -37.17 6.17
C PHE F 68 -49.10 -36.38 5.41
N THR F 69 -49.22 -36.38 4.08
CA THR F 69 -48.34 -35.56 3.24
C THR F 69 -49.11 -34.63 2.33
N ILE F 70 -48.77 -33.35 2.38
CA ILE F 70 -49.48 -32.39 1.53
C ILE F 70 -48.55 -31.92 0.45
N SER F 71 -49.06 -31.87 -0.77
CA SER F 71 -48.25 -31.41 -1.88
C SER F 71 -49.04 -30.73 -2.98
N LYS F 72 -48.46 -29.69 -3.56
CA LYS F 72 -49.07 -29.00 -4.67
C LYS F 72 -48.78 -29.81 -5.92
N THR F 73 -49.78 -29.99 -6.78
CA THR F 73 -49.52 -30.75 -8.00
C THR F 73 -49.64 -29.90 -9.25
N SER F 74 -50.35 -28.79 -9.17
CA SER F 74 -50.54 -27.90 -10.29
C SER F 74 -50.89 -26.54 -9.77
N SER F 75 -50.98 -25.56 -10.64
CA SER F 75 -51.38 -24.21 -10.26
C SER F 75 -52.83 -24.16 -9.77
N THR F 76 -53.60 -25.22 -10.06
CA THR F 76 -54.98 -25.32 -9.63
C THR F 76 -55.23 -26.49 -8.69
N THR F 77 -54.29 -27.41 -8.51
CA THR F 77 -54.62 -28.53 -7.64
C THR F 77 -53.61 -28.85 -6.58
N VAL F 78 -54.14 -29.41 -5.49
CA VAL F 78 -53.33 -29.93 -4.40
C VAL F 78 -53.82 -31.31 -4.03
N THR F 79 -52.95 -32.10 -3.43
CA THR F 79 -53.37 -33.38 -2.92
C THR F 79 -52.89 -33.63 -1.52
N LEU F 80 -53.57 -34.56 -0.87
CA LEU F 80 -53.19 -35.00 0.46
C LEU F 80 -53.06 -36.50 0.48
N ARG F 81 -51.88 -36.99 0.80
CA ARG F 81 -51.67 -38.43 0.85
C ARG F 81 -51.82 -38.90 2.27
N LEU F 82 -52.66 -39.89 2.46
CA LEU F 82 -52.90 -40.43 3.78
C LEU F 82 -52.43 -41.86 3.87
N THR F 83 -51.63 -42.18 4.87
CA THR F 83 -51.22 -43.57 5.01
C THR F 83 -51.50 -44.11 6.38
N SER F 84 -51.22 -45.40 6.55
CA SER F 84 -51.40 -46.09 7.82
C SER F 84 -52.81 -45.81 8.32
N LEU F 85 -53.78 -45.98 7.43
CA LEU F 85 -55.15 -45.63 7.79
C LEU F 85 -55.73 -46.52 8.85
N THR F 86 -56.48 -45.93 9.76
CA THR F 86 -57.21 -46.70 10.76
C THR F 86 -58.68 -46.36 10.64
N GLU F 87 -59.55 -47.12 11.29
CA GLU F 87 -60.98 -46.82 11.22
C GLU F 87 -61.29 -45.53 11.96
N ALA F 88 -60.38 -45.13 12.83
CA ALA F 88 -60.48 -43.96 13.65
C ALA F 88 -60.28 -42.71 12.82
N ASP F 89 -59.77 -42.88 11.61
CA ASP F 89 -59.51 -41.77 10.73
C ASP F 89 -60.69 -41.57 9.80
N THR F 90 -61.78 -42.33 10.02
CA THR F 90 -62.93 -42.11 9.17
C THR F 90 -63.37 -40.70 9.48
N ALA F 91 -63.51 -39.89 8.46
CA ALA F 91 -63.91 -38.52 8.66
C ALA F 91 -64.24 -37.87 7.36
N THR F 92 -64.90 -36.74 7.45
CA THR F 92 -65.10 -35.95 6.26
C THR F 92 -63.89 -35.03 6.15
N TYR F 93 -63.22 -35.06 5.03
CA TYR F 93 -62.05 -34.23 4.84
C TYR F 93 -62.37 -33.06 3.95
N PHE F 94 -61.94 -31.89 4.40
CA PHE F 94 -62.19 -30.68 3.66
C PHE F 94 -60.95 -30.00 3.18
N CYS F 95 -61.06 -29.47 1.98
CA CYS F 95 -60.06 -28.65 1.34
C CYS F 95 -60.47 -27.21 1.57
N ALA F 96 -59.57 -26.38 2.05
CA ALA F 96 -59.97 -25.02 2.34
C ALA F 96 -58.89 -23.99 2.06
N ARG F 97 -59.33 -22.79 1.73
CA ARG F 97 -58.41 -21.71 1.46
C ARG F 97 -58.54 -20.56 2.42
N THR F 98 -57.41 -20.15 2.96
CA THR F 98 -57.36 -19.02 3.87
C THR F 98 -56.77 -17.82 3.23
N SER F 99 -56.92 -16.69 3.91
CA SER F 99 -56.42 -15.40 3.48
C SER F 99 -55.88 -14.66 4.67
N GLY F 100 -55.20 -13.53 4.46
CA GLY F 100 -54.61 -12.79 5.58
C GLY F 100 -54.01 -11.46 5.15
N PHE F 101 -52.91 -11.09 5.80
CA PHE F 101 -52.23 -9.83 5.54
C PHE F 101 -50.82 -10.02 5.11
N GLY F 102 -50.33 -9.17 4.22
CA GLY F 102 -48.92 -9.23 3.85
C GLY F 102 -48.01 -8.96 5.02
N GLY F 103 -48.47 -8.11 5.93
CA GLY F 103 -47.71 -7.73 7.09
C GLY F 103 -47.79 -8.77 8.20
N TYR F 104 -48.56 -9.83 8.01
CA TYR F 104 -48.67 -10.84 9.03
C TYR F 104 -49.44 -12.02 8.52
N SER F 105 -48.78 -12.99 7.91
CA SER F 105 -49.47 -14.21 7.51
C SER F 105 -50.66 -14.09 6.58
N TYR F 106 -50.54 -14.60 5.36
CA TYR F 106 -51.73 -14.67 4.50
C TYR F 106 -52.58 -15.89 4.86
N ALA F 107 -52.97 -15.95 6.12
CA ALA F 107 -53.79 -16.98 6.68
C ALA F 107 -54.49 -16.37 7.87
N ALA F 108 -54.00 -15.21 8.27
CA ALA F 108 -54.52 -14.54 9.45
C ALA F 108 -55.80 -13.79 9.17
N HIS F 109 -56.85 -14.55 8.96
CA HIS F 109 -58.22 -14.16 8.66
C HIS F 109 -59.00 -15.44 8.60
N GLY F 110 -58.28 -16.55 8.52
CA GLY F 110 -58.91 -17.86 8.49
C GLY F 110 -59.42 -18.19 7.11
N VAL F 111 -60.32 -19.18 7.04
CA VAL F 111 -60.81 -19.70 5.77
C VAL F 111 -61.90 -18.87 5.17
N ASP F 112 -61.72 -18.48 3.91
CA ASP F 112 -62.79 -17.74 3.28
C ASP F 112 -63.57 -18.67 2.37
N LEU F 113 -62.89 -19.72 1.90
CA LEU F 113 -63.52 -20.68 1.00
C LEU F 113 -63.32 -22.12 1.38
N TRP F 114 -64.42 -22.85 1.48
CA TRP F 114 -64.39 -24.26 1.79
C TRP F 114 -64.95 -25.05 0.64
N GLY F 115 -64.41 -26.25 0.39
CA GLY F 115 -65.03 -27.14 -0.56
C GLY F 115 -66.07 -27.98 0.17
N PRO F 116 -66.93 -28.75 -0.52
CA PRO F 116 -67.84 -29.70 0.07
C PRO F 116 -66.94 -30.69 0.71
N GLY F 117 -67.27 -31.28 1.81
CA GLY F 117 -66.30 -32.24 2.31
C GLY F 117 -66.45 -33.57 1.60
N THR F 118 -65.40 -34.39 1.63
CA THR F 118 -65.42 -35.74 1.06
C THR F 118 -65.08 -36.76 2.12
N LEU F 119 -65.85 -37.82 2.23
CA LEU F 119 -65.57 -38.80 3.28
C LEU F 119 -64.84 -40.03 2.83
N VAL F 120 -63.91 -40.42 3.70
CA VAL F 120 -63.12 -41.63 3.60
C VAL F 120 -63.08 -42.26 4.98
N ALA G 1 -4.91 67.74 -22.66
CA ALA G 1 -5.62 67.06 -21.59
C ALA G 1 -5.17 67.57 -20.24
N GLU G 2 -5.98 67.33 -19.22
CA GLU G 2 -5.64 67.73 -17.87
C GLU G 2 -4.37 67.00 -17.48
N ASN G 3 -3.39 67.71 -16.91
CA ASN G 3 -2.14 67.05 -16.58
C ASN G 3 -2.21 66.28 -15.25
N LEU G 4 -2.90 65.14 -15.34
CA LEU G 4 -3.09 64.23 -14.22
C LEU G 4 -2.14 63.11 -14.40
N TRP G 5 -1.63 62.59 -13.30
CA TRP G 5 -0.63 61.55 -13.34
C TRP G 5 -1.14 60.22 -12.81
N VAL G 6 -0.49 59.13 -13.22
CA VAL G 6 -0.94 57.81 -12.79
C VAL G 6 -0.62 57.56 -11.32
N THR G 7 -1.62 57.35 -10.52
CA THR G 7 -1.35 57.15 -9.09
C THR G 7 -1.68 55.72 -8.76
N VAL G 8 -0.77 55.08 -8.03
CA VAL G 8 -0.96 53.68 -7.74
C VAL G 8 -1.51 53.47 -6.35
N TYR G 9 -2.57 52.68 -6.26
CA TYR G 9 -3.24 52.37 -5.01
C TYR G 9 -3.21 50.89 -4.64
N TYR G 10 -2.79 50.62 -3.42
CA TYR G 10 -2.74 49.25 -2.94
C TYR G 10 -3.67 49.08 -1.76
N GLY G 11 -4.45 48.00 -1.82
CA GLY G 11 -5.48 47.77 -0.82
C GLY G 11 -6.82 48.12 -1.46
N VAL G 12 -6.87 48.06 -2.78
CA VAL G 12 -8.08 48.36 -3.50
C VAL G 12 -9.13 47.25 -3.39
N PRO G 13 -10.38 47.51 -2.95
CA PRO G 13 -11.41 46.51 -2.72
C PRO G 13 -12.09 45.98 -3.97
N VAL G 14 -11.33 45.26 -4.81
CA VAL G 14 -11.86 44.68 -6.04
C VAL G 14 -11.56 43.20 -6.17
N TRP G 15 -12.30 42.52 -7.04
CA TRP G 15 -12.14 41.09 -7.23
C TRP G 15 -12.52 40.55 -8.60
N LYS G 16 -12.08 39.31 -8.82
CA LYS G 16 -12.40 38.54 -10.02
C LYS G 16 -12.88 37.13 -9.66
N ASP G 17 -13.66 36.52 -10.53
CA ASP G 17 -14.09 35.15 -10.28
C ASP G 17 -12.90 34.23 -10.22
N ALA G 18 -12.91 33.26 -9.31
CA ALA G 18 -11.76 32.37 -9.24
C ALA G 18 -12.08 31.01 -8.66
N GLU G 19 -11.21 30.05 -8.95
CA GLU G 19 -11.38 28.72 -8.38
C GLU G 19 -10.19 28.34 -7.54
N THR G 20 -10.44 28.06 -6.29
CA THR G 20 -9.42 27.66 -5.35
C THR G 20 -9.90 26.57 -4.46
N THR G 21 -9.07 26.20 -3.51
CA THR G 21 -9.40 25.16 -2.56
C THR G 21 -9.98 25.77 -1.31
N LEU G 22 -11.15 25.33 -0.91
CA LEU G 22 -11.75 25.83 0.31
C LEU G 22 -11.50 24.85 1.42
N PHE G 23 -11.45 25.33 2.64
CA PHE G 23 -11.15 24.44 3.74
C PHE G 23 -12.32 24.11 4.62
N CYS G 24 -12.30 22.89 5.15
CA CYS G 24 -13.33 22.40 6.06
C CYS G 24 -13.27 23.05 7.41
N ALA G 25 -14.41 23.45 7.93
CA ALA G 25 -14.47 23.97 9.27
C ALA G 25 -15.72 23.48 9.96
N SER G 26 -15.64 23.31 11.27
CA SER G 26 -16.81 22.81 12.01
C SER G 26 -17.06 23.46 13.34
N ASP G 27 -17.78 22.76 14.18
CA ASP G 27 -18.10 23.28 15.51
C ASP G 27 -16.99 22.80 16.43
N ALA G 28 -17.07 23.16 17.70
CA ALA G 28 -16.08 22.71 18.68
C ALA G 28 -16.41 21.30 19.14
N LYS G 29 -17.62 20.88 18.85
CA LYS G 29 -18.15 19.61 19.25
C LYS G 29 -17.67 18.50 18.33
N LYS G 34 -18.90 13.03 19.37
CA LYS G 34 -18.54 12.43 18.09
C LYS G 34 -17.07 12.08 18.13
N LYS G 35 -16.74 10.80 18.35
CA LYS G 35 -15.34 10.42 18.46
C LYS G 35 -14.76 9.73 17.23
N HIS G 36 -15.60 9.03 16.49
CA HIS G 36 -15.08 8.29 15.35
C HIS G 36 -15.87 8.62 14.11
N ASN G 37 -16.38 9.83 14.09
CA ASN G 37 -17.16 10.39 13.00
C ASN G 37 -16.23 11.04 12.01
N VAL G 38 -16.21 10.54 10.80
CA VAL G 38 -15.23 11.01 9.82
C VAL G 38 -15.29 12.49 9.55
N TRP G 39 -16.42 13.13 9.78
CA TRP G 39 -16.50 14.54 9.52
C TRP G 39 -15.85 15.30 10.68
N ALA G 40 -15.86 14.71 11.89
CA ALA G 40 -15.31 15.32 13.09
C ALA G 40 -13.83 14.97 13.24
N THR G 41 -13.45 13.84 12.70
CA THR G 41 -12.08 13.35 12.82
C THR G 41 -11.31 13.91 11.67
N HIS G 42 -11.98 14.77 10.90
CA HIS G 42 -11.38 15.44 9.79
C HIS G 42 -10.94 16.82 10.27
N CYS G 43 -10.94 16.97 11.61
CA CYS G 43 -10.49 18.15 12.33
C CYS G 43 -11.39 19.33 12.04
N CYS G 44 -11.32 19.86 10.83
CA CYS G 44 -12.21 20.92 10.44
C CYS G 44 -12.21 22.00 11.50
N VAL G 45 -11.11 22.76 11.53
CA VAL G 45 -10.88 23.75 12.55
C VAL G 45 -12.18 24.43 12.90
N PRO G 46 -12.51 24.61 14.18
CA PRO G 46 -13.72 25.24 14.59
C PRO G 46 -13.86 26.59 13.98
N THR G 47 -15.07 26.93 13.56
CA THR G 47 -15.33 28.23 13.01
C THR G 47 -15.50 29.23 14.12
N ASP G 48 -15.41 30.49 13.76
CA ASP G 48 -15.74 31.60 14.63
C ASP G 48 -17.25 31.77 14.57
N PRO G 49 -18.02 31.61 15.66
CA PRO G 49 -19.46 31.73 15.71
C PRO G 49 -19.97 33.08 15.19
N ASN G 50 -19.10 34.09 15.17
CA ASN G 50 -19.47 35.41 14.71
C ASN G 50 -19.29 35.57 13.19
N PRO G 51 -20.37 35.75 12.41
CA PRO G 51 -20.34 35.87 10.98
C PRO G 51 -19.78 37.24 10.70
N GLN G 52 -19.19 37.44 9.54
CA GLN G 52 -18.73 38.76 9.23
C GLN G 52 -19.82 39.57 8.57
N GLU G 53 -20.50 38.94 7.62
CA GLU G 53 -21.59 39.49 6.83
C GLU G 53 -21.16 40.68 5.97
N ILE G 54 -20.79 41.76 6.60
CA ILE G 54 -20.33 42.94 5.90
C ILE G 54 -21.22 43.20 4.70
N HIS G 55 -22.42 43.69 4.93
CA HIS G 55 -23.32 43.91 3.82
C HIS G 55 -22.70 44.84 2.79
N LEU G 56 -22.77 44.49 1.51
CA LEU G 56 -22.23 45.35 0.48
C LEU G 56 -23.39 46.12 -0.15
N GLU G 57 -23.49 47.39 0.22
CA GLU G 57 -24.69 48.17 -0.08
C GLU G 57 -25.04 48.34 -1.54
N ASN G 58 -24.08 48.49 -2.40
CA ASN G 58 -24.38 48.70 -3.80
C ASN G 58 -23.80 47.61 -4.68
N VAL G 59 -23.65 46.41 -4.14
CA VAL G 59 -23.10 45.36 -4.98
C VAL G 59 -24.17 44.47 -5.56
N THR G 60 -24.10 44.32 -6.88
CA THR G 60 -25.00 43.51 -7.66
C THR G 60 -24.17 42.50 -8.44
N GLU G 61 -23.93 41.35 -7.82
CA GLU G 61 -23.00 40.37 -8.37
C GLU G 61 -23.73 39.31 -9.17
N GLU G 62 -23.05 38.70 -10.16
CA GLU G 62 -23.65 37.65 -11.00
C GLU G 62 -23.28 36.22 -10.61
N PHE G 63 -24.32 35.41 -10.40
CA PHE G 63 -24.19 34.04 -9.98
C PHE G 63 -24.63 33.01 -11.02
N ASN G 64 -24.08 31.80 -10.90
CA ASN G 64 -24.54 30.70 -11.71
C ASN G 64 -24.33 29.39 -10.98
N MET G 65 -25.37 28.91 -10.32
CA MET G 65 -25.25 27.71 -9.50
C MET G 65 -24.92 26.48 -10.32
N TRP G 66 -25.18 26.50 -11.60
CA TRP G 66 -24.99 25.29 -12.39
C TRP G 66 -23.54 25.11 -12.77
N LYS G 67 -22.73 26.13 -12.48
CA LYS G 67 -21.33 26.15 -12.80
C LYS G 67 -20.53 26.36 -11.51
N ASN G 68 -21.15 26.08 -10.37
CA ASN G 68 -20.46 26.36 -9.12
C ASN G 68 -19.42 25.30 -8.77
N ASN G 69 -18.16 25.69 -8.80
CA ASN G 69 -17.08 24.76 -8.57
C ASN G 69 -16.99 24.37 -7.11
N MET G 70 -17.74 25.04 -6.25
CA MET G 70 -17.76 24.68 -4.86
C MET G 70 -18.45 23.34 -4.72
N VAL G 71 -19.35 23.05 -5.66
CA VAL G 71 -20.09 21.81 -5.64
C VAL G 71 -19.11 20.75 -6.05
N GLU G 72 -18.32 21.06 -7.07
CA GLU G 72 -17.36 20.08 -7.52
C GLU G 72 -16.35 19.77 -6.44
N GLN G 73 -15.93 20.78 -5.70
CA GLN G 73 -14.99 20.47 -4.65
C GLN G 73 -15.65 19.61 -3.61
N MET G 74 -16.87 19.93 -3.21
CA MET G 74 -17.47 19.13 -2.16
C MET G 74 -17.59 17.69 -2.59
N HIS G 75 -17.92 17.46 -3.85
CA HIS G 75 -18.02 16.10 -4.35
C HIS G 75 -16.70 15.39 -4.23
N THR G 76 -15.65 16.04 -4.69
CA THR G 76 -14.35 15.42 -4.64
C THR G 76 -13.91 15.16 -3.20
N ASP G 77 -14.13 16.11 -2.31
CA ASP G 77 -13.70 15.95 -0.93
C ASP G 77 -14.41 14.82 -0.25
N ILE G 78 -15.70 14.67 -0.52
CA ILE G 78 -16.44 13.60 0.10
C ILE G 78 -15.92 12.29 -0.35
N ILE G 79 -15.66 12.14 -1.63
CA ILE G 79 -15.16 10.89 -2.08
C ILE G 79 -13.82 10.60 -1.47
N SER G 80 -12.93 11.58 -1.45
CA SER G 80 -11.63 11.32 -0.89
C SER G 80 -11.68 10.91 0.57
N LEU G 81 -12.50 11.58 1.37
CA LEU G 81 -12.57 11.23 2.77
C LEU G 81 -13.11 9.83 2.91
N TRP G 82 -14.13 9.52 2.13
CA TRP G 82 -14.74 8.23 2.18
C TRP G 82 -13.70 7.17 1.87
N ASP G 83 -12.97 7.34 0.78
CA ASP G 83 -12.03 6.32 0.38
C ASP G 83 -10.92 6.12 1.37
N GLN G 84 -10.43 7.18 1.99
CA GLN G 84 -9.31 6.99 2.90
C GLN G 84 -9.75 6.27 4.16
N SER G 85 -11.02 6.41 4.53
CA SER G 85 -11.53 5.75 5.71
C SER G 85 -11.58 4.24 5.53
N LEU G 86 -11.49 3.76 4.28
CA LEU G 86 -11.53 2.35 4.00
C LEU G 86 -10.16 1.73 3.81
N LYS G 87 -9.08 2.50 3.94
CA LYS G 87 -7.79 1.89 3.81
C LYS G 87 -7.48 0.86 4.91
N PRO G 88 -7.77 1.15 6.20
CA PRO G 88 -7.56 0.26 7.31
C PRO G 88 -8.70 -0.71 7.34
N CYS G 89 -8.66 -1.59 8.32
CA CYS G 89 -9.75 -2.53 8.58
C CYS G 89 -9.86 -3.59 7.47
N VAL G 90 -10.74 -4.54 7.71
CA VAL G 90 -10.81 -5.81 7.00
C VAL G 90 -11.27 -5.83 5.57
N LYS G 91 -10.54 -6.58 4.77
CA LYS G 91 -10.87 -6.78 3.38
C LYS G 91 -11.57 -8.13 3.38
N LEU G 92 -12.59 -8.30 2.56
CA LEU G 92 -13.37 -9.53 2.60
C LEU G 92 -13.21 -10.50 1.46
N THR G 93 -12.08 -10.45 0.79
CA THR G 93 -11.83 -11.40 -0.30
C THR G 93 -12.24 -12.85 0.00
N PRO G 94 -11.96 -13.43 1.20
CA PRO G 94 -12.28 -14.79 1.54
C PRO G 94 -13.75 -15.14 1.51
N LEU G 95 -14.64 -14.16 1.36
CA LEU G 95 -16.05 -14.50 1.30
C LEU G 95 -16.47 -14.87 -0.10
N CYS G 96 -15.59 -14.71 -1.07
CA CYS G 96 -15.98 -15.06 -2.43
C CYS G 96 -15.82 -16.56 -2.67
N VAL G 97 -16.74 -17.28 -2.03
CA VAL G 97 -16.76 -18.72 -1.97
C VAL G 97 -18.13 -19.19 -2.37
N THR G 98 -18.30 -20.48 -2.60
CA THR G 98 -19.63 -20.98 -2.91
C THR G 98 -20.45 -20.96 -1.64
N LEU G 99 -21.68 -20.45 -1.71
CA LEU G 99 -22.56 -20.46 -0.57
C LEU G 99 -23.65 -21.49 -0.80
N GLN G 100 -24.13 -22.14 0.25
CA GLN G 100 -25.28 -23.04 0.12
C GLN G 100 -26.46 -22.43 0.85
N CYS G 101 -27.46 -21.98 0.11
CA CYS G 101 -28.48 -21.18 0.76
C CYS G 101 -29.86 -21.83 0.77
N THR G 102 -30.63 -21.51 1.82
CA THR G 102 -32.02 -21.91 2.01
C THR G 102 -32.82 -20.63 2.19
N ASN G 103 -34.16 -20.70 2.27
CA ASN G 103 -34.96 -19.48 2.24
C ASN G 103 -35.35 -18.83 3.58
N VAL G 104 -34.81 -19.25 4.70
CA VAL G 104 -35.11 -18.55 5.96
C VAL G 104 -36.58 -18.29 6.24
N THR G 105 -37.35 -19.33 6.53
CA THR G 105 -38.78 -19.15 6.73
C THR G 105 -39.35 -19.47 8.12
N ASN G 106 -38.55 -19.52 9.18
CA ASN G 106 -39.11 -19.92 10.47
C ASN G 106 -39.72 -18.86 11.38
N ASN G 107 -39.78 -17.61 10.94
CA ASN G 107 -40.46 -16.59 11.71
C ASN G 107 -40.68 -15.35 10.88
N ILE G 108 -41.53 -15.47 9.88
CA ILE G 108 -41.68 -14.37 8.95
C ILE G 108 -43.09 -13.94 8.66
N THR G 109 -43.23 -12.71 8.20
CA THR G 109 -44.48 -12.28 7.64
C THR G 109 -44.40 -12.67 6.19
N ASP G 110 -45.48 -12.67 5.44
CA ASP G 110 -45.32 -13.15 4.08
C ASP G 110 -44.70 -12.18 3.14
N ASP G 111 -44.84 -10.90 3.37
CA ASP G 111 -44.20 -9.98 2.46
C ASP G 111 -42.66 -10.10 2.51
N MET G 112 -42.11 -10.70 3.56
CA MET G 112 -40.67 -10.90 3.68
C MET G 112 -40.22 -12.27 3.26
N ARG G 113 -41.14 -13.07 2.75
CA ARG G 113 -40.81 -14.45 2.46
C ARG G 113 -39.66 -14.69 1.53
N GLY G 114 -39.47 -13.87 0.53
CA GLY G 114 -38.37 -14.12 -0.38
C GLY G 114 -37.14 -13.25 -0.10
N GLU G 115 -37.12 -12.50 1.00
CA GLU G 115 -36.03 -11.57 1.22
C GLU G 115 -34.74 -12.09 1.84
N LEU G 116 -34.78 -13.16 2.62
CA LEU G 116 -33.53 -13.59 3.26
C LEU G 116 -33.04 -14.95 2.83
N LYS G 117 -31.73 -15.08 2.76
CA LYS G 117 -31.08 -16.34 2.44
C LYS G 117 -30.26 -16.81 3.63
N ASN G 118 -30.21 -18.12 3.89
CA ASN G 118 -29.48 -18.66 5.04
C ASN G 118 -27.96 -18.77 4.85
N CYS G 119 -27.55 -19.09 3.65
CA CYS G 119 -26.16 -19.19 3.16
C CYS G 119 -25.01 -19.70 4.03
N SER G 120 -24.85 -21.02 4.11
CA SER G 120 -23.72 -21.66 4.81
C SER G 120 -22.47 -21.73 3.92
N PHE G 121 -21.28 -21.53 4.48
CA PHE G 121 -20.04 -21.58 3.71
C PHE G 121 -18.79 -21.97 4.50
N ASN G 122 -17.71 -22.33 3.77
CA ASN G 122 -16.43 -22.72 4.37
C ASN G 122 -15.39 -21.62 4.36
N MET G 123 -14.99 -21.15 5.52
CA MET G 123 -13.98 -20.08 5.63
C MET G 123 -12.99 -20.41 6.73
N THR G 124 -11.71 -19.97 6.65
CA THR G 124 -10.79 -20.32 7.75
C THR G 124 -10.21 -19.16 8.52
N THR G 125 -9.47 -19.50 9.58
CA THR G 125 -8.83 -18.54 10.47
C THR G 125 -7.30 -18.63 10.54
N GLU G 126 -6.77 -19.71 9.99
CA GLU G 126 -5.34 -20.04 10.01
C GLU G 126 -4.95 -20.56 8.64
N LEU G 127 -3.69 -20.50 8.24
CA LEU G 127 -3.38 -21.10 6.95
C LEU G 127 -3.07 -22.56 7.21
N ARG G 128 -4.07 -23.25 7.69
CA ARG G 128 -3.98 -24.60 8.17
C ARG G 128 -4.76 -25.54 7.35
N ASP G 129 -5.33 -25.04 6.28
CA ASP G 129 -6.21 -25.84 5.46
C ASP G 129 -7.29 -26.43 6.38
N LYS G 130 -7.77 -25.60 7.31
CA LYS G 130 -8.77 -25.96 8.27
C LYS G 130 -9.89 -24.96 8.26
N LYS G 131 -10.84 -25.21 7.40
CA LYS G 131 -11.93 -24.31 7.22
C LYS G 131 -13.00 -24.68 8.20
N GLN G 132 -13.85 -23.75 8.52
CA GLN G 132 -14.95 -23.97 9.43
C GLN G 132 -16.25 -23.56 8.79
N LYS G 133 -17.35 -24.16 9.20
CA LYS G 133 -18.59 -23.69 8.67
C LYS G 133 -19.07 -22.46 9.38
N VAL G 134 -19.44 -21.51 8.57
CA VAL G 134 -19.94 -20.24 9.00
C VAL G 134 -21.23 -20.01 8.28
N TYR G 135 -22.22 -19.46 8.94
CA TYR G 135 -23.41 -19.16 8.18
C TYR G 135 -23.76 -17.75 8.48
N SER G 136 -24.40 -17.12 7.55
CA SER G 136 -24.88 -15.77 7.77
C SER G 136 -26.07 -15.54 6.97
N LEU G 137 -26.97 -14.79 7.49
CA LEU G 137 -28.08 -14.50 6.67
C LEU G 137 -27.63 -13.41 5.77
N PHE G 138 -28.20 -13.38 4.60
CA PHE G 138 -27.98 -12.30 3.66
C PHE G 138 -29.28 -11.85 3.06
N TYR G 139 -29.34 -10.61 2.67
CA TYR G 139 -30.51 -10.16 1.96
C TYR G 139 -30.42 -10.66 0.54
N ARG G 140 -31.55 -10.94 -0.05
CA ARG G 140 -31.58 -11.45 -1.41
C ARG G 140 -30.86 -10.58 -2.40
N LEU G 141 -30.90 -9.28 -2.24
CA LEU G 141 -30.28 -8.41 -3.22
C LEU G 141 -28.76 -8.53 -3.28
N ASP G 142 -28.14 -9.10 -2.25
CA ASP G 142 -26.69 -9.24 -2.21
C ASP G 142 -26.21 -10.58 -2.69
N VAL G 143 -27.12 -11.50 -2.99
CA VAL G 143 -26.74 -12.86 -3.34
C VAL G 143 -27.31 -13.28 -4.67
N VAL G 144 -26.46 -13.82 -5.53
CA VAL G 144 -26.90 -14.25 -6.85
C VAL G 144 -26.66 -15.71 -7.10
N GLN G 145 -27.63 -16.38 -7.71
CA GLN G 145 -27.51 -17.80 -7.97
C GLN G 145 -26.49 -18.10 -9.03
N ILE G 146 -25.72 -19.15 -8.80
CA ILE G 146 -24.74 -19.58 -9.76
C ILE G 146 -25.39 -20.31 -10.91
N LYS G 159 -29.28 -23.90 -5.73
CA LYS G 159 -28.93 -24.01 -4.34
C LYS G 159 -27.60 -23.34 -4.07
N GLU G 160 -26.71 -23.39 -5.05
CA GLU G 160 -25.41 -22.76 -4.94
C GLU G 160 -25.48 -21.31 -5.35
N TYR G 161 -24.96 -20.45 -4.50
CA TYR G 161 -24.95 -19.00 -4.66
C TYR G 161 -23.60 -18.37 -4.43
N ARG G 162 -23.44 -17.16 -4.95
CA ARG G 162 -22.25 -16.38 -4.68
C ARG G 162 -22.64 -14.98 -4.32
N LEU G 163 -21.73 -14.22 -3.72
CA LEU G 163 -22.07 -12.83 -3.44
C LEU G 163 -22.10 -12.10 -4.75
N ILE G 164 -23.00 -11.14 -4.86
CA ILE G 164 -23.17 -10.42 -6.10
C ILE G 164 -21.95 -9.72 -6.65
N ASN G 165 -21.07 -9.20 -5.82
CA ASN G 165 -19.93 -8.49 -6.36
C ASN G 165 -18.66 -9.29 -6.52
N CYS G 166 -18.68 -10.58 -6.25
CA CYS G 166 -17.42 -11.31 -6.38
C CYS G 166 -17.03 -11.60 -7.80
N ASN G 167 -17.89 -11.20 -8.70
CA ASN G 167 -17.68 -11.38 -10.12
C ASN G 167 -17.02 -10.13 -10.71
N THR G 168 -17.16 -8.97 -10.06
CA THR G 168 -16.62 -7.78 -10.65
C THR G 168 -15.71 -6.92 -9.77
N SER G 169 -15.73 -7.09 -8.46
CA SER G 169 -15.00 -6.15 -7.63
C SER G 169 -14.46 -6.64 -6.30
N ALA G 170 -13.54 -5.87 -5.74
CA ALA G 170 -13.04 -6.18 -4.41
C ALA G 170 -14.08 -5.80 -3.38
N ILE G 171 -14.24 -6.59 -2.32
CA ILE G 171 -15.18 -6.21 -1.30
C ILE G 171 -14.44 -5.85 -0.01
N THR G 172 -14.68 -4.65 0.48
CA THR G 172 -14.06 -4.11 1.68
C THR G 172 -15.07 -3.94 2.79
N GLN G 173 -14.77 -4.38 4.00
CA GLN G 173 -15.74 -4.23 5.06
C GLN G 173 -15.70 -2.83 5.59
N ALA G 174 -16.85 -2.20 5.77
CA ALA G 174 -16.83 -0.89 6.35
C ALA G 174 -16.32 -1.10 7.73
N CYS G 175 -15.55 -0.19 8.25
CA CYS G 175 -15.01 -0.45 9.54
C CYS G 175 -16.09 -0.07 10.55
N PRO G 176 -16.57 -0.97 11.43
CA PRO G 176 -17.71 -0.82 12.32
C PRO G 176 -17.59 0.27 13.35
N LYS G 177 -16.37 0.71 13.62
CA LYS G 177 -16.17 1.74 14.60
C LYS G 177 -16.24 3.13 13.99
N VAL G 178 -16.37 3.22 12.68
CA VAL G 178 -16.36 4.49 11.99
C VAL G 178 -17.73 4.96 11.58
N SER G 179 -18.08 6.17 11.99
CA SER G 179 -19.36 6.74 11.66
C SER G 179 -19.31 7.75 10.54
N PHE G 180 -20.32 7.70 9.71
CA PHE G 180 -20.44 8.66 8.63
C PHE G 180 -21.59 9.64 8.85
N GLU G 181 -22.13 9.63 10.07
CA GLU G 181 -23.27 10.49 10.37
C GLU G 181 -22.98 11.94 10.01
N PRO G 182 -23.74 12.57 9.12
CA PRO G 182 -23.52 13.92 8.69
C PRO G 182 -23.51 14.95 9.82
N ILE G 183 -22.49 15.78 9.79
CA ILE G 183 -22.26 16.90 10.69
C ILE G 183 -22.17 18.09 9.77
N PRO G 184 -22.84 19.20 10.00
CA PRO G 184 -22.79 20.31 9.08
C PRO G 184 -21.39 20.81 8.96
N ILE G 185 -20.95 20.97 7.72
CA ILE G 185 -19.63 21.48 7.41
C ILE G 185 -19.67 22.81 6.76
N HIS G 186 -18.83 23.71 7.24
CA HIS G 186 -18.76 25.04 6.70
C HIS G 186 -17.56 25.10 5.79
N TYR G 187 -17.66 25.72 4.62
CA TYR G 187 -16.43 25.88 3.85
C TYR G 187 -15.88 27.25 4.05
N CYS G 188 -14.58 27.34 4.27
CA CYS G 188 -13.95 28.64 4.52
C CYS G 188 -12.94 29.02 3.46
N ALA G 189 -12.90 30.31 3.13
CA ALA G 189 -11.96 30.80 2.14
C ALA G 189 -10.52 30.83 2.67
N PRO G 190 -9.51 30.54 1.83
CA PRO G 190 -8.11 30.69 2.10
C PRO G 190 -7.74 32.15 2.02
N ALA G 191 -6.63 32.54 2.59
CA ALA G 191 -6.23 33.92 2.49
C ALA G 191 -6.09 34.34 1.03
N GLY G 192 -6.57 35.54 0.74
CA GLY G 192 -6.52 36.13 -0.58
C GLY G 192 -7.82 35.95 -1.34
N PHE G 193 -8.72 35.16 -0.78
CA PHE G 193 -10.02 34.87 -1.35
C PHE G 193 -11.17 35.22 -0.43
N ALA G 194 -12.33 35.38 -1.02
CA ALA G 194 -13.53 35.67 -0.24
C ALA G 194 -14.73 35.01 -0.86
N ILE G 195 -15.73 34.71 -0.05
CA ILE G 195 -16.94 34.12 -0.58
C ILE G 195 -18.08 35.14 -0.55
N LEU G 196 -18.75 35.30 -1.67
CA LEU G 196 -19.86 36.24 -1.73
C LEU G 196 -21.16 35.48 -1.75
N LYS G 197 -22.23 36.06 -1.18
CA LYS G 197 -23.51 35.38 -1.31
C LYS G 197 -24.70 36.28 -1.56
N CYS G 198 -25.73 35.73 -2.21
CA CYS G 198 -26.99 36.46 -2.37
C CYS G 198 -27.87 36.32 -1.16
N LYS G 199 -28.50 37.40 -0.72
CA LYS G 199 -29.49 37.30 0.33
C LYS G 199 -30.90 37.38 -0.19
N ASP G 200 -31.06 37.54 -1.48
CA ASP G 200 -32.40 37.67 -2.05
C ASP G 200 -33.29 36.47 -1.93
N LYS G 201 -34.53 36.77 -1.67
CA LYS G 201 -35.58 35.80 -1.65
C LYS G 201 -36.01 35.67 -3.08
N LYS G 202 -36.59 34.55 -3.43
CA LYS G 202 -37.09 34.34 -4.78
C LYS G 202 -35.97 34.49 -5.80
N PHE G 203 -34.80 33.98 -5.46
CA PHE G 203 -33.68 34.04 -6.36
C PHE G 203 -33.52 32.75 -7.14
N ASN G 204 -33.31 32.93 -8.44
CA ASN G 204 -33.17 31.88 -9.45
C ASN G 204 -32.02 30.93 -9.19
N GLY G 205 -31.00 31.42 -8.53
CA GLY G 205 -29.77 30.67 -8.30
C GLY G 205 -28.79 31.06 -9.40
N THR G 206 -29.30 31.83 -10.35
CA THR G 206 -28.55 32.33 -11.48
C THR G 206 -28.83 33.79 -11.70
N GLY G 207 -27.94 34.45 -12.41
CA GLY G 207 -28.16 35.83 -12.79
C GLY G 207 -27.70 36.72 -11.66
N PRO G 208 -27.85 38.03 -11.80
CA PRO G 208 -27.43 39.01 -10.85
C PRO G 208 -28.28 39.07 -9.62
N CYS G 209 -27.69 39.49 -8.51
CA CYS G 209 -28.52 39.79 -7.37
C CYS G 209 -27.87 40.92 -6.57
N PRO G 210 -28.66 41.85 -6.04
CA PRO G 210 -28.32 42.92 -5.14
C PRO G 210 -28.21 42.33 -3.77
N SER G 211 -27.85 43.13 -2.79
CA SER G 211 -27.82 42.64 -1.41
C SER G 211 -26.94 41.44 -1.26
N VAL G 212 -25.74 41.59 -1.79
CA VAL G 212 -24.67 40.64 -1.73
C VAL G 212 -23.90 40.92 -0.46
N SER G 213 -23.53 39.88 0.24
CA SER G 213 -22.75 40.08 1.46
C SER G 213 -21.55 39.15 1.45
N THR G 214 -20.63 39.32 2.38
CA THR G 214 -19.44 38.49 2.34
C THR G 214 -19.47 37.42 3.39
N VAL G 215 -18.80 36.36 3.04
CA VAL G 215 -18.70 35.17 3.79
C VAL G 215 -17.27 34.74 4.03
N GLN G 216 -16.93 34.45 5.29
CA GLN G 216 -15.61 33.89 5.50
C GLN G 216 -15.77 32.40 5.40
N CYS G 217 -16.83 31.93 6.05
CA CYS G 217 -17.20 30.54 6.10
C CYS G 217 -18.67 30.45 5.77
N THR G 218 -19.05 29.46 4.99
CA THR G 218 -20.44 29.29 4.58
C THR G 218 -21.21 28.77 5.73
N HIS G 219 -22.53 28.76 5.63
CA HIS G 219 -23.30 28.17 6.69
C HIS G 219 -22.95 26.71 6.65
N GLY G 220 -23.19 25.99 7.73
CA GLY G 220 -22.83 24.59 7.65
C GLY G 220 -23.84 23.81 6.83
N ILE G 221 -23.35 22.92 6.00
CA ILE G 221 -24.17 22.02 5.21
C ILE G 221 -23.89 20.59 5.55
N LYS G 222 -24.91 19.83 5.89
CA LYS G 222 -24.68 18.43 6.16
C LYS G 222 -24.51 17.69 4.86
N PRO G 223 -23.47 16.88 4.69
CA PRO G 223 -23.18 16.11 3.49
C PRO G 223 -24.04 14.87 3.42
N VAL G 224 -25.33 15.09 3.28
CA VAL G 224 -26.29 14.02 3.19
C VAL G 224 -26.37 13.53 1.77
N VAL G 225 -26.30 12.23 1.58
CA VAL G 225 -26.39 11.70 0.24
C VAL G 225 -27.64 10.90 0.08
N SER G 226 -28.43 11.25 -0.92
CA SER G 226 -29.69 10.60 -1.20
C SER G 226 -30.05 10.62 -2.67
N THR G 227 -31.08 9.86 -3.00
CA THR G 227 -31.63 9.85 -4.35
C THR G 227 -33.07 10.26 -4.28
N GLN G 228 -33.56 10.90 -5.35
CA GLN G 228 -34.95 11.33 -5.57
C GLN G 228 -35.44 12.41 -4.62
N LEU G 229 -35.38 12.15 -3.33
CA LEU G 229 -35.80 13.17 -2.40
C LEU G 229 -34.58 13.76 -1.73
N LEU G 230 -34.64 15.05 -1.51
CA LEU G 230 -33.60 15.77 -0.83
C LEU G 230 -33.95 15.81 0.63
N LEU G 231 -33.05 15.34 1.47
CA LEU G 231 -33.32 15.28 2.90
C LEU G 231 -32.51 16.27 3.69
N ASN G 232 -33.10 16.73 4.78
CA ASN G 232 -32.50 17.66 5.72
C ASN G 232 -31.95 18.88 4.98
N GLY G 233 -30.70 19.24 5.14
CA GLY G 233 -30.25 20.45 4.44
C GLY G 233 -31.04 21.67 4.91
N SER G 234 -31.55 22.49 3.98
CA SER G 234 -32.31 23.70 4.39
C SER G 234 -33.56 23.96 3.57
N LEU G 235 -34.39 24.89 4.07
CA LEU G 235 -35.66 25.26 3.44
C LEU G 235 -35.62 26.61 2.77
N ALA G 236 -36.48 26.78 1.77
CA ALA G 236 -36.66 28.02 1.03
C ALA G 236 -37.26 29.08 1.95
N GLU G 237 -36.93 30.33 1.70
CA GLU G 237 -37.39 31.42 2.56
C GLU G 237 -38.91 31.68 2.61
N GLU G 238 -39.61 31.58 1.49
CA GLU G 238 -41.05 31.86 1.52
C GLU G 238 -41.95 30.88 0.80
N GLU G 239 -41.56 30.49 -0.40
CA GLU G 239 -42.38 29.66 -1.26
C GLU G 239 -41.52 28.62 -1.91
N VAL G 240 -42.10 27.50 -2.29
CA VAL G 240 -41.27 26.51 -2.92
C VAL G 240 -40.66 27.08 -4.18
N MET G 241 -39.37 26.87 -4.33
CA MET G 241 -38.64 27.37 -5.46
C MET G 241 -38.33 26.33 -6.45
N ILE G 242 -38.50 26.68 -7.71
CA ILE G 242 -38.15 25.76 -8.76
C ILE G 242 -36.99 26.29 -9.54
N ARG G 243 -35.91 25.53 -9.58
CA ARG G 243 -34.72 25.99 -10.26
C ARG G 243 -34.23 24.97 -11.25
N SER G 244 -33.77 25.45 -12.38
CA SER G 244 -33.22 24.54 -13.37
C SER G 244 -32.20 25.25 -14.22
N GLU G 245 -31.34 24.49 -14.88
CA GLU G 245 -30.35 25.05 -15.77
C GLU G 245 -30.96 25.46 -17.10
N ASN G 246 -31.86 24.64 -17.57
CA ASN G 246 -32.51 24.76 -18.87
C ASN G 246 -33.95 24.27 -18.75
N ILE G 247 -34.86 25.13 -18.32
CA ILE G 247 -36.20 24.66 -17.95
C ILE G 247 -37.03 24.05 -19.07
N THR G 248 -36.77 24.44 -20.31
CA THR G 248 -37.56 23.91 -21.40
C THR G 248 -36.91 22.67 -21.99
N ASN G 249 -35.78 22.27 -21.44
CA ASN G 249 -35.03 21.12 -21.91
C ASN G 249 -35.31 19.90 -21.04
N ASN G 250 -35.97 18.90 -21.59
CA ASN G 250 -36.35 17.74 -20.79
C ASN G 250 -35.18 16.86 -20.38
N ALA G 251 -33.98 17.21 -20.84
CA ALA G 251 -32.79 16.48 -20.47
C ALA G 251 -32.24 16.93 -19.12
N LYS G 252 -32.79 17.99 -18.54
CA LYS G 252 -32.27 18.49 -17.27
C LYS G 252 -33.10 18.15 -16.07
N ASN G 253 -32.43 18.08 -14.93
CA ASN G 253 -33.12 17.89 -13.68
C ASN G 253 -33.64 19.21 -13.18
N ILE G 254 -34.76 19.17 -12.51
CA ILE G 254 -35.35 20.32 -11.87
C ILE G 254 -35.18 20.16 -10.39
N LEU G 255 -34.60 21.15 -9.75
CA LEU G 255 -34.41 21.05 -8.33
C LEU G 255 -35.49 21.86 -7.65
N VAL G 256 -36.27 21.18 -6.82
CA VAL G 256 -37.36 21.86 -6.16
C VAL G 256 -37.08 21.97 -4.68
N GLN G 257 -37.03 23.20 -4.17
CA GLN G 257 -36.73 23.41 -2.76
C GLN G 257 -37.96 23.84 -2.00
N PHE G 258 -38.37 23.04 -1.05
CA PHE G 258 -39.58 23.28 -0.29
C PHE G 258 -39.38 24.42 0.67
N ASN G 259 -40.46 25.13 0.99
CA ASN G 259 -40.45 26.19 1.98
C ASN G 259 -40.95 25.74 3.34
N THR G 260 -41.12 24.44 3.47
CA THR G 260 -41.55 23.79 4.69
C THR G 260 -41.20 22.32 4.49
N PRO G 261 -40.74 21.59 5.50
CA PRO G 261 -40.41 20.20 5.43
C PRO G 261 -41.61 19.28 5.42
N VAL G 262 -41.41 18.09 4.87
CA VAL G 262 -42.40 17.04 4.98
C VAL G 262 -41.81 16.02 5.91
N GLN G 263 -42.45 15.72 7.01
CA GLN G 263 -41.78 14.79 7.89
C GLN G 263 -41.95 13.35 7.47
N ILE G 264 -40.82 12.66 7.44
CA ILE G 264 -40.74 11.25 7.11
C ILE G 264 -40.10 10.42 8.22
N ASN G 265 -40.79 9.38 8.59
CA ASN G 265 -40.36 8.43 9.61
C ASN G 265 -40.02 7.10 8.99
N CYS G 266 -38.78 6.65 9.15
CA CYS G 266 -38.36 5.39 8.55
C CYS G 266 -37.86 4.40 9.60
N THR G 267 -38.04 3.11 9.31
CA THR G 267 -37.56 2.09 10.22
C THR G 267 -37.25 0.72 9.65
N ARG G 268 -36.42 0.01 10.40
CA ARG G 268 -36.08 -1.39 10.20
C ARG G 268 -36.47 -2.12 11.47
N PRO G 269 -37.71 -2.57 11.59
CA PRO G 269 -38.32 -3.09 12.78
C PRO G 269 -37.98 -4.55 13.04
N ASN G 270 -36.70 -4.85 13.08
CA ASN G 270 -36.21 -6.21 13.25
C ASN G 270 -35.09 -6.23 14.23
N ASN G 271 -35.25 -6.95 15.33
CA ASN G 271 -34.21 -6.96 16.34
C ASN G 271 -33.10 -7.90 15.93
N ASN G 272 -32.02 -7.36 15.39
CA ASN G 272 -31.04 -8.28 14.82
C ASN G 272 -29.91 -8.59 15.78
N THR G 273 -29.03 -9.49 15.34
CA THR G 273 -27.84 -9.88 16.06
C THR G 273 -26.60 -9.84 15.19
N ARG G 274 -25.56 -9.24 15.72
CA ARG G 274 -24.26 -9.18 15.08
C ARG G 274 -23.46 -10.39 15.53
N LYS G 275 -22.96 -11.14 14.57
CA LYS G 275 -22.19 -12.33 14.85
C LYS G 275 -20.72 -12.14 14.47
N SER G 276 -19.83 -12.18 15.43
CA SER G 276 -18.42 -11.94 15.11
C SER G 276 -17.72 -13.20 14.67
N ILE G 277 -17.20 -13.19 13.46
CA ILE G 277 -16.52 -14.32 12.88
C ILE G 277 -15.05 -14.04 12.73
N ARG G 278 -14.22 -14.93 13.19
CA ARG G 278 -12.81 -14.69 12.99
C ARG G 278 -12.50 -14.99 11.54
N ILE G 279 -11.84 -14.07 10.86
CA ILE G 279 -11.51 -14.29 9.44
C ILE G 279 -10.02 -14.34 9.22
N GLY G 280 -9.25 -13.84 10.16
CA GLY G 280 -7.81 -13.85 10.01
C GLY G 280 -7.10 -13.39 11.28
N PRO G 281 -5.79 -13.28 11.25
CA PRO G 281 -4.93 -12.96 12.37
C PRO G 281 -5.07 -11.53 12.77
N GLY G 282 -6.10 -11.25 13.56
CA GLY G 282 -6.43 -9.91 13.99
C GLY G 282 -7.55 -9.32 13.15
N GLN G 283 -8.18 -10.15 12.35
CA GLN G 283 -9.24 -9.68 11.50
C GLN G 283 -10.57 -10.32 11.81
N TRP G 284 -11.60 -9.48 11.83
CA TRP G 284 -12.94 -9.95 12.06
C TRP G 284 -13.90 -9.59 10.95
N PHE G 285 -14.80 -10.52 10.68
CA PHE G 285 -15.89 -10.36 9.75
C PHE G 285 -17.18 -10.28 10.52
N TYR G 286 -18.04 -9.37 10.12
CA TYR G 286 -19.30 -9.29 10.83
C TYR G 286 -20.43 -9.88 10.04
N ALA G 287 -20.93 -10.97 10.57
CA ALA G 287 -21.99 -11.77 10.01
C ALA G 287 -23.27 -11.36 10.65
N THR G 288 -24.38 -11.77 10.09
CA THR G 288 -25.63 -11.43 10.72
C THR G 288 -26.51 -12.64 10.84
N GLY G 289 -27.34 -12.68 11.85
CA GLY G 289 -28.26 -13.80 11.86
C GLY G 289 -29.05 -13.93 13.12
N ASP G 290 -29.85 -14.98 13.17
CA ASP G 290 -30.62 -15.24 14.35
C ASP G 290 -31.45 -14.05 14.81
N ILE G 291 -32.23 -13.50 13.89
CA ILE G 291 -33.07 -12.35 14.17
C ILE G 291 -34.09 -12.75 15.20
N ILE G 292 -34.26 -11.90 16.20
CA ILE G 292 -35.15 -12.17 17.30
C ILE G 292 -36.52 -11.60 17.02
N GLY G 293 -37.52 -12.44 17.14
CA GLY G 293 -38.88 -12.02 16.91
C GLY G 293 -39.26 -12.11 15.46
N ASP G 294 -40.40 -11.54 15.14
CA ASP G 294 -40.99 -11.61 13.83
C ASP G 294 -40.08 -10.90 12.85
N ILE G 295 -39.98 -11.40 11.62
CA ILE G 295 -39.24 -10.67 10.61
C ILE G 295 -40.21 -9.86 9.76
N ARG G 296 -39.98 -8.55 9.72
CA ARG G 296 -40.86 -7.60 9.04
C ARG G 296 -40.15 -6.74 8.01
N GLN G 297 -40.93 -6.24 7.07
CA GLN G 297 -40.41 -5.38 6.04
C GLN G 297 -40.15 -3.97 6.52
N ALA G 298 -39.00 -3.44 6.11
CA ALA G 298 -38.59 -2.08 6.39
C ALA G 298 -39.50 -1.13 5.66
N HIS G 299 -39.74 0.03 6.24
CA HIS G 299 -40.64 0.97 5.60
C HIS G 299 -40.52 2.42 6.07
N CYS G 300 -41.08 3.34 5.29
CA CYS G 300 -41.21 4.74 5.67
C CYS G 300 -42.68 5.16 5.71
N ASN G 301 -43.08 6.06 6.63
CA ASN G 301 -44.50 6.41 6.76
C ASN G 301 -45.01 7.68 6.07
N VAL G 302 -44.17 8.69 5.82
CA VAL G 302 -44.58 9.99 5.20
C VAL G 302 -45.96 10.55 5.57
N SER G 303 -46.02 11.66 6.30
CA SER G 303 -47.38 12.13 6.60
C SER G 303 -48.16 12.44 5.32
N LYS G 304 -49.38 11.89 5.20
CA LYS G 304 -50.13 12.03 3.96
C LYS G 304 -50.67 13.41 3.66
N ALA G 305 -51.26 14.06 4.65
CA ALA G 305 -51.83 15.35 4.34
C ALA G 305 -50.76 16.34 3.94
N THR G 306 -49.62 16.26 4.60
CA THR G 306 -48.56 17.19 4.34
C THR G 306 -48.07 16.98 2.94
N TRP G 307 -47.89 15.72 2.54
CA TRP G 307 -47.42 15.45 1.20
C TRP G 307 -48.36 16.03 0.17
N ASN G 308 -49.66 15.84 0.35
CA ASN G 308 -50.61 16.34 -0.64
C ASN G 308 -50.56 17.86 -0.73
N GLU G 309 -50.46 18.53 0.43
CA GLU G 309 -50.40 19.99 0.41
C GLU G 309 -49.14 20.47 -0.25
N THR G 310 -48.05 19.76 0.00
CA THR G 310 -46.77 20.11 -0.53
C THR G 310 -46.81 20.01 -2.03
N LEU G 311 -47.42 18.96 -2.56
CA LEU G 311 -47.49 18.90 -3.99
C LEU G 311 -48.33 20.03 -4.50
N GLY G 312 -49.41 20.39 -3.82
CA GLY G 312 -50.20 21.47 -4.37
C GLY G 312 -49.36 22.74 -4.55
N LYS G 313 -48.46 23.01 -3.60
CA LYS G 313 -47.59 24.18 -3.70
C LYS G 313 -46.63 24.03 -4.89
N VAL G 314 -46.11 22.83 -5.09
CA VAL G 314 -45.19 22.58 -6.19
C VAL G 314 -45.90 22.75 -7.51
N VAL G 315 -47.11 22.25 -7.60
CA VAL G 315 -47.87 22.34 -8.82
C VAL G 315 -48.13 23.77 -9.19
N LYS G 316 -48.51 24.60 -8.21
CA LYS G 316 -48.75 26.00 -8.49
C LYS G 316 -47.51 26.67 -9.08
N GLN G 317 -46.35 26.39 -8.50
CA GLN G 317 -45.13 26.99 -9.01
C GLN G 317 -44.74 26.40 -10.37
N LEU G 318 -45.00 25.12 -10.60
CA LEU G 318 -44.70 24.55 -11.91
C LEU G 318 -45.56 25.23 -12.94
N ARG G 319 -46.81 25.52 -12.60
CA ARG G 319 -47.69 26.20 -13.53
C ARG G 319 -47.18 27.60 -13.86
N LYS G 320 -46.61 28.31 -12.89
CA LYS G 320 -46.08 29.61 -13.26
C LYS G 320 -45.06 29.47 -14.39
N HIS G 321 -44.25 28.41 -14.35
CA HIS G 321 -43.27 28.19 -15.40
C HIS G 321 -43.83 27.53 -16.68
N PHE G 322 -44.81 26.62 -16.53
CA PHE G 322 -45.34 25.88 -17.68
C PHE G 322 -46.75 26.24 -18.18
N GLY G 323 -47.41 27.19 -17.55
CA GLY G 323 -48.75 27.63 -17.94
C GLY G 323 -49.81 27.29 -16.89
N ASN G 324 -50.64 28.28 -16.57
CA ASN G 324 -51.66 28.10 -15.56
C ASN G 324 -52.95 27.60 -16.13
N ASN G 325 -52.90 27.19 -17.38
CA ASN G 325 -54.01 26.62 -18.06
C ASN G 325 -53.76 25.17 -18.41
N THR G 326 -52.74 24.54 -17.82
CA THR G 326 -52.53 23.12 -18.14
C THR G 326 -52.58 22.24 -16.92
N ILE G 327 -52.55 20.96 -17.20
CA ILE G 327 -52.62 19.92 -16.20
C ILE G 327 -51.37 19.11 -16.19
N ILE G 328 -50.85 18.91 -15.01
CA ILE G 328 -49.69 18.09 -14.89
C ILE G 328 -49.96 16.96 -13.96
N ARG G 329 -49.18 15.91 -14.10
CA ARG G 329 -49.26 14.74 -13.24
C ARG G 329 -47.90 14.25 -12.81
N PHE G 330 -47.91 13.49 -11.72
CA PHE G 330 -46.72 12.87 -11.20
C PHE G 330 -46.81 11.36 -11.38
N ALA G 331 -45.77 10.80 -11.99
CA ALA G 331 -45.66 9.39 -12.29
C ALA G 331 -44.63 8.71 -11.39
N ASN G 332 -44.68 7.38 -11.30
CA ASN G 332 -43.80 6.63 -10.42
C ASN G 332 -42.44 6.38 -11.04
N SER G 333 -41.72 7.44 -11.24
CA SER G 333 -40.38 7.46 -11.82
C SER G 333 -40.27 6.63 -13.08
N SER G 334 -39.13 5.98 -13.26
CA SER G 334 -38.92 5.17 -14.46
C SER G 334 -38.11 3.95 -14.16
N GLY G 335 -37.68 3.25 -15.20
CA GLY G 335 -36.94 2.01 -15.02
C GLY G 335 -35.46 2.25 -14.74
N GLY G 336 -34.72 1.16 -14.55
CA GLY G 336 -33.30 1.25 -14.23
C GLY G 336 -32.98 0.53 -12.91
N ASP G 337 -31.74 0.68 -12.47
CA ASP G 337 -31.22 0.08 -11.23
C ASP G 337 -31.82 0.71 -9.99
N LEU G 338 -31.78 0.01 -8.86
CA LEU G 338 -32.34 0.55 -7.63
C LEU G 338 -31.68 1.87 -7.26
N GLU G 339 -30.41 2.03 -7.61
CA GLU G 339 -29.72 3.28 -7.28
C GLU G 339 -30.36 4.49 -7.97
N VAL G 340 -31.16 4.22 -9.00
CA VAL G 340 -31.85 5.22 -9.78
C VAL G 340 -33.34 5.26 -9.49
N THR G 341 -33.96 4.09 -9.43
CA THR G 341 -35.40 4.02 -9.36
C THR G 341 -35.99 4.15 -7.97
N THR G 342 -35.21 3.95 -6.92
CA THR G 342 -35.78 4.08 -5.59
C THR G 342 -35.15 5.20 -4.81
N HIS G 343 -35.81 5.55 -3.72
CA HIS G 343 -35.32 6.56 -2.81
C HIS G 343 -34.25 5.96 -2.01
N SER G 344 -33.17 6.69 -1.83
CA SER G 344 -32.08 6.09 -1.08
C SER G 344 -31.51 6.96 -0.03
N PHE G 345 -31.30 6.36 1.12
CA PHE G 345 -30.70 6.98 2.29
C PHE G 345 -30.09 5.90 3.16
N ASN G 346 -29.27 6.25 4.13
CA ASN G 346 -28.68 5.24 5.00
C ASN G 346 -28.79 5.52 6.49
N CYS G 347 -29.96 5.87 6.99
CA CYS G 347 -29.95 6.24 8.38
C CYS G 347 -29.69 5.02 9.24
N GLY G 348 -29.03 5.24 10.36
CA GLY G 348 -28.80 4.18 11.31
C GLY G 348 -27.62 3.32 10.92
N GLY G 349 -27.00 3.61 9.79
CA GLY G 349 -25.89 2.81 9.33
C GLY G 349 -26.26 1.77 8.29
N GLU G 350 -27.54 1.59 7.96
CA GLU G 350 -27.88 0.60 6.94
C GLU G 350 -28.48 1.30 5.76
N PHE G 351 -28.28 0.74 4.58
CA PHE G 351 -28.74 1.32 3.34
C PHE G 351 -30.14 0.89 2.92
N PHE G 352 -31.02 1.87 2.80
CA PHE G 352 -32.41 1.65 2.47
C PHE G 352 -32.74 2.10 1.06
N TYR G 353 -33.53 1.28 0.38
CA TYR G 353 -34.05 1.58 -0.95
C TYR G 353 -35.58 1.56 -0.89
N CYS G 354 -36.23 2.71 -1.05
CA CYS G 354 -37.67 2.74 -0.83
C CYS G 354 -38.48 3.07 -2.08
N ASN G 355 -39.67 2.48 -2.14
CA ASN G 355 -40.55 2.66 -3.29
C ASN G 355 -41.41 3.92 -3.21
N THR G 356 -41.06 4.90 -4.01
CA THR G 356 -41.70 6.20 -4.01
C THR G 356 -42.88 6.23 -4.93
N SER G 357 -43.24 5.07 -5.48
CA SER G 357 -44.41 4.99 -6.32
C SER G 357 -45.63 5.36 -5.52
N GLY G 358 -45.55 5.24 -4.19
CA GLY G 358 -46.68 5.59 -3.36
C GLY G 358 -46.83 7.10 -3.17
N LEU G 359 -45.83 7.87 -3.58
CA LEU G 359 -45.87 9.32 -3.41
C LEU G 359 -46.15 10.03 -4.72
N PHE G 360 -45.49 9.60 -5.78
CA PHE G 360 -45.62 10.28 -7.06
C PHE G 360 -46.67 9.62 -7.90
N ASN G 361 -47.90 9.76 -7.44
CA ASN G 361 -49.05 9.16 -8.08
C ASN G 361 -50.25 10.09 -8.04
N SER G 362 -50.25 11.13 -8.87
CA SER G 362 -51.37 12.07 -8.84
C SER G 362 -51.52 12.89 -10.11
N THR G 363 -52.72 13.40 -10.33
CA THR G 363 -53.00 14.32 -11.43
C THR G 363 -53.64 15.56 -10.86
N TRP G 364 -53.17 16.73 -11.28
CA TRP G 364 -53.66 17.98 -10.74
C TRP G 364 -54.40 18.82 -11.76
N SER G 381 -51.15 8.77 6.46
CA SER G 381 -49.81 8.20 6.26
C SER G 381 -49.72 7.44 4.96
N ILE G 382 -48.59 7.58 4.27
CA ILE G 382 -48.36 6.85 3.05
C ILE G 382 -47.22 5.89 3.28
N THR G 383 -47.50 4.60 3.38
CA THR G 383 -46.41 3.69 3.67
C THR G 383 -45.64 3.35 2.42
N LEU G 384 -44.33 3.49 2.50
CA LEU G 384 -43.44 3.17 1.40
C LEU G 384 -42.65 1.93 1.79
N PRO G 385 -42.79 0.80 1.11
CA PRO G 385 -42.02 -0.39 1.36
C PRO G 385 -40.57 -0.12 1.06
N CYS G 386 -39.66 -0.71 1.83
CA CYS G 386 -38.24 -0.55 1.58
C CYS G 386 -37.48 -1.88 1.54
N ARG G 387 -36.38 -1.89 0.80
CA ARG G 387 -35.47 -3.03 0.76
C ARG G 387 -34.14 -2.61 1.30
N ILE G 388 -33.39 -3.56 1.83
CA ILE G 388 -32.08 -3.26 2.38
C ILE G 388 -30.97 -4.06 1.75
N LYS G 389 -29.86 -3.38 1.49
CA LYS G 389 -28.70 -4.05 0.92
C LYS G 389 -27.52 -3.92 1.85
N GLN G 390 -26.65 -4.92 1.86
CA GLN G 390 -25.41 -4.82 2.58
C GLN G 390 -24.22 -4.56 1.67
N ILE G 391 -24.28 -4.98 0.40
CA ILE G 391 -23.12 -4.74 -0.43
C ILE G 391 -23.40 -3.57 -1.31
N ILE G 392 -22.68 -2.52 -1.08
CA ILE G 392 -22.91 -1.26 -1.72
C ILE G 392 -21.83 -0.84 -2.68
N ASN G 393 -22.21 -0.55 -3.91
CA ASN G 393 -21.25 -0.01 -4.84
C ASN G 393 -21.48 1.45 -4.76
N MET G 394 -20.57 2.17 -4.14
CA MET G 394 -20.81 3.57 -3.95
C MET G 394 -20.96 4.14 -5.33
N TRP G 395 -21.93 5.03 -5.52
CA TRP G 395 -22.27 5.59 -6.83
C TRP G 395 -21.09 6.08 -7.63
N GLN G 396 -20.19 6.72 -6.96
CA GLN G 396 -19.05 7.34 -7.59
C GLN G 396 -18.09 6.42 -8.36
N ARG G 397 -18.13 5.10 -8.19
CA ARG G 397 -17.20 4.28 -8.99
C ARG G 397 -17.53 2.80 -9.05
N ILE G 398 -16.81 2.10 -9.91
CA ILE G 398 -16.91 0.66 -10.00
C ILE G 398 -15.53 0.04 -9.79
N GLY G 399 -15.49 -1.27 -9.51
CA GLY G 399 -14.26 -2.01 -9.27
C GLY G 399 -14.04 -2.30 -7.79
N GLN G 400 -14.82 -1.61 -6.96
CA GLN G 400 -14.80 -1.79 -5.51
C GLN G 400 -16.22 -1.82 -4.99
N ALA G 401 -16.41 -2.53 -3.89
CA ALA G 401 -17.68 -2.55 -3.19
C ALA G 401 -17.46 -2.51 -1.70
N MET G 402 -18.38 -1.89 -1.00
CA MET G 402 -18.31 -1.82 0.44
C MET G 402 -19.29 -2.75 1.09
N TYR G 403 -18.88 -3.45 2.11
CA TYR G 403 -19.82 -4.29 2.84
C TYR G 403 -20.20 -3.63 4.13
N ALA G 404 -21.47 -3.37 4.28
CA ALA G 404 -21.93 -2.74 5.48
C ALA G 404 -22.19 -3.82 6.53
N PRO G 405 -21.56 -3.78 7.70
CA PRO G 405 -21.75 -4.76 8.72
C PRO G 405 -23.14 -4.50 9.21
N PRO G 406 -23.81 -5.47 9.78
CA PRO G 406 -25.14 -5.36 10.33
C PRO G 406 -25.14 -4.53 11.58
N ILE G 407 -26.26 -3.86 11.81
CA ILE G 407 -26.46 -3.10 13.02
C ILE G 407 -27.30 -3.86 14.03
N GLN G 408 -26.76 -3.98 15.23
CA GLN G 408 -27.35 -4.67 16.37
C GLN G 408 -28.60 -3.98 16.88
N GLY G 409 -29.68 -4.72 17.13
CA GLY G 409 -30.89 -4.06 17.62
C GLY G 409 -31.74 -3.60 16.45
N VAL G 410 -32.39 -2.46 16.57
CA VAL G 410 -33.31 -2.00 15.53
C VAL G 410 -32.96 -0.60 15.08
N ILE G 411 -33.45 -0.22 13.91
CA ILE G 411 -33.21 1.13 13.42
C ILE G 411 -34.45 1.97 13.25
N ARG G 412 -34.37 3.16 13.79
CA ARG G 412 -35.41 4.14 13.62
C ARG G 412 -34.80 5.49 13.37
N CYS G 413 -35.35 6.23 12.43
CA CYS G 413 -34.88 7.57 12.20
C CYS G 413 -35.97 8.47 11.66
N VAL G 414 -35.82 9.77 11.91
CA VAL G 414 -36.75 10.77 11.42
C VAL G 414 -36.03 11.85 10.66
N SER G 415 -36.51 12.16 9.48
CA SER G 415 -35.88 13.19 8.70
C SER G 415 -36.86 14.11 8.04
N ASN G 416 -36.33 15.19 7.51
CA ASN G 416 -37.14 16.21 6.85
C ASN G 416 -36.99 16.17 5.34
N ILE G 417 -38.05 15.92 4.61
CA ILE G 417 -37.87 15.98 3.18
C ILE G 417 -37.90 17.45 2.93
N THR G 418 -36.87 17.98 2.28
CA THR G 418 -36.80 19.40 2.01
C THR G 418 -36.85 19.72 0.54
N GLY G 419 -36.88 18.70 -0.30
CA GLY G 419 -36.96 18.97 -1.73
C GLY G 419 -37.02 17.74 -2.61
N LEU G 420 -37.11 18.00 -3.90
CA LEU G 420 -37.25 16.94 -4.90
C LEU G 420 -36.29 17.09 -6.06
N ILE G 421 -35.91 15.97 -6.67
CA ILE G 421 -35.21 16.08 -7.94
C ILE G 421 -36.14 15.52 -9.00
N LEU G 422 -36.64 16.37 -9.87
CA LEU G 422 -37.62 15.94 -10.86
C LEU G 422 -37.19 16.09 -12.30
N THR G 423 -37.73 15.26 -13.16
CA THR G 423 -37.54 15.45 -14.59
C THR G 423 -38.91 15.50 -15.22
N ARG G 424 -39.01 15.99 -16.46
CA ARG G 424 -40.31 15.99 -17.11
C ARG G 424 -40.19 15.10 -18.33
N ASP G 425 -41.29 14.50 -18.74
CA ASP G 425 -41.26 13.69 -19.95
C ASP G 425 -40.95 14.57 -21.16
N THR G 432 -52.60 20.45 -24.25
CA THR G 432 -51.70 19.39 -23.79
C THR G 432 -51.52 19.42 -22.29
N THR G 433 -50.92 18.34 -21.79
CA THR G 433 -50.61 18.09 -20.39
C THR G 433 -49.14 17.72 -20.28
N GLU G 434 -48.64 17.64 -19.05
CA GLU G 434 -47.24 17.25 -18.81
C GLU G 434 -47.08 16.29 -17.63
N THR G 435 -46.02 15.49 -17.67
CA THR G 435 -45.73 14.51 -16.63
C THR G 435 -44.35 14.66 -16.00
N PHE G 436 -44.33 14.61 -14.68
CA PHE G 436 -43.11 14.72 -13.92
C PHE G 436 -42.78 13.41 -13.22
N ARG G 437 -41.49 13.13 -13.11
CA ARG G 437 -40.99 11.92 -12.48
C ARG G 437 -39.81 12.20 -11.55
N PRO G 438 -39.68 11.51 -10.43
CA PRO G 438 -38.50 11.51 -9.61
C PRO G 438 -37.33 11.02 -10.40
N GLY G 439 -36.22 11.71 -10.26
CA GLY G 439 -34.97 11.36 -10.94
C GLY G 439 -33.79 11.63 -10.03
N GLY G 440 -32.72 12.16 -10.62
CA GLY G 440 -31.51 12.41 -9.87
C GLY G 440 -30.66 11.17 -9.86
N GLY G 441 -29.88 11.00 -8.82
CA GLY G 441 -28.91 9.90 -8.71
C GLY G 441 -27.49 10.42 -8.78
N ASP G 442 -27.34 11.64 -9.28
CA ASP G 442 -26.05 12.29 -9.35
C ASP G 442 -25.83 12.95 -8.03
N MET G 443 -24.84 12.51 -7.29
CA MET G 443 -24.61 12.97 -5.93
C MET G 443 -24.52 14.48 -5.85
N ARG G 444 -24.00 15.13 -6.89
CA ARG G 444 -23.79 16.56 -6.84
C ARG G 444 -25.05 17.38 -6.73
N ASP G 445 -26.19 16.83 -7.11
CA ASP G 445 -27.44 17.58 -7.05
C ASP G 445 -27.83 17.85 -5.61
N ASN G 446 -27.32 17.05 -4.69
CA ASN G 446 -27.69 17.20 -3.31
C ASN G 446 -26.94 18.30 -2.62
N TRP G 447 -25.93 18.84 -3.29
CA TRP G 447 -25.13 19.89 -2.69
C TRP G 447 -25.36 21.13 -3.49
N ARG G 448 -25.61 20.95 -4.78
CA ARG G 448 -25.86 22.07 -5.66
C ARG G 448 -27.08 22.81 -5.18
N SER G 449 -28.05 22.07 -4.65
CA SER G 449 -29.28 22.63 -4.15
C SER G 449 -29.08 23.49 -2.90
N GLU G 450 -27.93 23.40 -2.24
CA GLU G 450 -27.64 24.22 -1.08
C GLU G 450 -26.68 25.34 -1.49
N LEU G 451 -25.71 25.00 -2.33
CA LEU G 451 -24.70 25.95 -2.77
C LEU G 451 -25.12 26.70 -4.02
N TYR G 452 -26.20 27.43 -3.90
CA TYR G 452 -26.70 28.23 -5.03
C TYR G 452 -26.65 29.67 -4.64
N LYS G 453 -26.23 29.90 -3.41
CA LYS G 453 -26.16 31.23 -2.86
C LYS G 453 -24.74 31.71 -2.77
N TYR G 454 -23.75 30.81 -2.83
CA TYR G 454 -22.38 31.24 -2.62
C TYR G 454 -21.53 31.23 -3.88
N LYS G 455 -20.60 32.19 -3.96
CA LYS G 455 -19.64 32.27 -5.06
C LYS G 455 -18.22 32.59 -4.53
N VAL G 456 -17.20 32.01 -5.15
CA VAL G 456 -15.81 32.30 -4.73
C VAL G 456 -15.11 33.30 -5.63
N VAL G 457 -14.54 34.35 -5.02
CA VAL G 457 -13.78 35.32 -5.79
C VAL G 457 -12.40 35.53 -5.22
N LYS G 458 -11.50 36.00 -6.07
CA LYS G 458 -10.12 36.32 -5.74
C LYS G 458 -9.95 37.79 -5.58
N ILE G 459 -9.24 38.19 -4.54
CA ILE G 459 -9.03 39.59 -4.29
C ILE G 459 -7.77 40.03 -5.00
N GLU G 460 -7.87 41.13 -5.74
CA GLU G 460 -6.74 41.66 -6.49
C GLU G 460 -6.52 43.13 -6.15
N PRO G 461 -5.96 43.43 -4.98
CA PRO G 461 -5.96 44.74 -4.39
C PRO G 461 -4.94 45.71 -4.92
N LEU G 462 -4.83 45.82 -6.22
CA LEU G 462 -3.86 46.74 -6.79
C LEU G 462 -4.38 47.36 -8.05
N GLY G 463 -4.31 48.67 -8.13
CA GLY G 463 -4.77 49.34 -9.34
C GLY G 463 -4.33 50.77 -9.40
N VAL G 464 -4.68 51.43 -10.50
CA VAL G 464 -4.27 52.79 -10.73
C VAL G 464 -5.44 53.66 -11.09
N ALA G 465 -5.26 54.97 -10.98
CA ALA G 465 -6.24 55.96 -11.44
C ALA G 465 -5.55 57.31 -11.67
N PRO G 466 -6.01 58.17 -12.58
CA PRO G 466 -5.45 59.49 -12.78
C PRO G 466 -5.82 60.39 -11.64
N THR G 467 -4.88 61.19 -11.19
CA THR G 467 -5.20 62.17 -10.17
C THR G 467 -4.13 63.23 -10.00
N ARG G 468 -4.34 64.02 -8.96
CA ARG G 468 -3.41 65.04 -8.59
C ARG G 468 -2.49 64.42 -7.55
N CYS G 469 -1.26 64.11 -7.97
CA CYS G 469 -0.28 63.44 -7.12
C CYS G 469 1.06 63.45 -7.84
N LYS G 470 1.87 64.49 -7.68
CA LYS G 470 3.11 64.50 -8.42
C LYS G 470 4.31 64.29 -7.50
N ARG G 471 5.19 63.32 -7.82
CA ARG G 471 6.35 63.06 -6.95
C ARG G 471 6.83 64.32 -6.22
N GLY H 10 -14.80 43.94 7.91
CA GLY H 10 -15.00 45.12 7.10
C GLY H 10 -14.17 45.01 5.86
N PHE H 11 -13.72 43.80 5.60
CA PHE H 11 -12.79 43.54 4.53
C PHE H 11 -13.25 44.08 3.19
N LEU H 12 -14.46 43.81 2.77
CA LEU H 12 -14.91 44.41 1.52
C LEU H 12 -15.97 45.46 1.79
N GLY H 13 -15.98 46.02 2.99
CA GLY H 13 -17.01 46.99 3.35
C GLY H 13 -17.03 48.19 2.41
N ALA H 14 -15.87 48.55 1.89
CA ALA H 14 -15.72 49.69 1.00
C ALA H 14 -16.06 49.34 -0.44
N ALA H 15 -16.41 48.11 -0.74
CA ALA H 15 -16.66 47.72 -2.11
C ALA H 15 -17.74 48.56 -2.79
N GLY H 16 -18.76 48.99 -2.05
CA GLY H 16 -19.81 49.78 -2.67
C GLY H 16 -19.54 51.28 -2.60
N SER H 17 -18.42 51.69 -2.01
CA SER H 17 -18.09 53.09 -1.82
C SER H 17 -17.42 53.62 -3.06
N THR H 18 -17.44 54.93 -3.22
CA THR H 18 -16.77 55.52 -4.36
C THR H 18 -15.28 55.49 -4.15
N MET H 19 -14.51 55.67 -5.21
CA MET H 19 -13.07 55.58 -5.11
C MET H 19 -12.48 56.55 -4.11
N GLY H 20 -13.00 57.77 -4.09
CA GLY H 20 -12.47 58.78 -3.20
C GLY H 20 -12.88 58.56 -1.75
N ALA H 21 -13.81 57.64 -1.53
CA ALA H 21 -14.31 57.33 -0.20
C ALA H 21 -13.70 56.03 0.29
N ALA H 22 -13.54 55.10 -0.64
CA ALA H 22 -13.02 53.78 -0.38
C ALA H 22 -11.56 53.83 -0.01
N SER H 23 -10.80 54.75 -0.60
CA SER H 23 -9.37 54.78 -0.35
C SER H 23 -8.97 55.43 0.98
N MET H 24 -9.47 54.83 2.05
CA MET H 24 -9.28 55.20 3.43
C MET H 24 -9.24 53.92 4.22
N THR H 25 -9.68 52.84 3.57
CA THR H 25 -9.80 51.52 4.20
C THR H 25 -8.74 50.59 3.66
N LEU H 26 -7.82 51.17 2.91
CA LEU H 26 -6.82 50.44 2.18
C LEU H 26 -6.00 49.57 3.11
N THR H 27 -5.81 50.01 4.35
CA THR H 27 -5.08 49.22 5.30
C THR H 27 -5.72 47.86 5.49
N VAL H 28 -7.05 47.82 5.57
CA VAL H 28 -7.72 46.58 5.84
C VAL H 28 -7.60 45.63 4.69
N GLN H 29 -7.79 46.15 3.49
CA GLN H 29 -7.71 45.26 2.36
C GLN H 29 -6.28 44.79 2.12
N ALA H 30 -5.31 45.66 2.36
CA ALA H 30 -3.92 45.32 2.20
C ALA H 30 -3.41 44.39 3.30
N ARG H 31 -3.95 44.55 4.51
CA ARG H 31 -3.53 43.77 5.65
C ARG H 31 -4.06 42.36 5.62
N ASN H 32 -5.34 42.17 5.31
CA ASN H 32 -5.86 40.83 5.41
C ASN H 32 -5.61 39.99 4.17
N LEU H 33 -4.35 39.92 3.80
CA LEU H 33 -3.87 39.10 2.72
C LEU H 33 -3.04 37.97 3.27
N LEU H 34 -2.45 38.18 4.45
CA LEU H 34 -1.59 37.12 5.00
C LEU H 34 -2.31 36.24 6.00
N SER H 35 -3.33 36.77 6.66
CA SER H 35 -4.05 36.09 7.72
C SER H 35 -3.23 35.00 8.35
N LEU H 57 -1.78 14.06 7.02
CA LEU H 57 -0.48 14.27 6.44
C LEU H 57 -0.41 13.60 5.06
N THR H 58 -1.60 13.36 4.47
CA THR H 58 -1.68 12.74 3.16
C THR H 58 -2.04 13.77 2.08
N VAL H 59 -3.22 13.62 1.51
CA VAL H 59 -3.62 14.49 0.42
C VAL H 59 -4.04 15.87 0.90
N TRP H 60 -4.63 15.95 2.07
CA TRP H 60 -5.07 17.25 2.49
C TRP H 60 -3.88 18.02 2.97
N GLY H 61 -2.87 17.30 3.43
CA GLY H 61 -1.66 17.90 3.87
C GLY H 61 -1.04 18.64 2.70
N ILE H 62 -0.90 17.95 1.57
CA ILE H 62 -0.28 18.63 0.47
C ILE H 62 -1.16 19.72 -0.09
N LYS H 63 -2.48 19.53 -0.13
CA LYS H 63 -3.31 20.60 -0.66
C LYS H 63 -3.24 21.84 0.20
N GLN H 64 -3.22 21.68 1.52
CA GLN H 64 -3.15 22.86 2.35
C GLN H 64 -1.83 23.57 2.12
N LEU H 65 -0.73 22.83 1.99
CA LEU H 65 0.49 23.55 1.74
C LEU H 65 0.45 24.26 0.42
N GLN H 66 -0.14 23.67 -0.60
CA GLN H 66 -0.15 24.39 -1.86
C GLN H 66 -0.87 25.71 -1.69
N ALA H 67 -1.96 25.71 -0.95
CA ALA H 67 -2.70 26.95 -0.74
C ALA H 67 -1.88 28.01 0.00
N ARG H 68 -1.06 27.57 0.95
CA ARG H 68 -0.28 28.51 1.74
C ARG H 68 0.87 29.07 0.94
N VAL H 69 1.50 28.22 0.15
CA VAL H 69 2.61 28.67 -0.65
C VAL H 69 2.11 29.66 -1.66
N LEU H 70 0.96 29.38 -2.27
CA LEU H 70 0.42 30.29 -3.23
C LEU H 70 0.10 31.62 -2.62
N ALA H 71 -0.51 31.65 -1.44
CA ALA H 71 -0.82 32.94 -0.87
C ALA H 71 0.43 33.77 -0.70
N VAL H 72 1.53 33.15 -0.28
CA VAL H 72 2.76 33.88 -0.14
C VAL H 72 3.26 34.38 -1.47
N GLU H 73 3.24 33.53 -2.49
CA GLU H 73 3.74 33.97 -3.77
C GLU H 73 2.94 35.13 -4.32
N ARG H 74 1.64 35.12 -4.16
CA ARG H 74 0.86 36.22 -4.69
C ARG H 74 1.20 37.50 -3.96
N TYR H 75 1.37 37.41 -2.65
CA TYR H 75 1.70 38.56 -1.86
C TYR H 75 3.01 39.17 -2.32
N LEU H 76 4.02 38.32 -2.49
CA LEU H 76 5.30 38.83 -2.87
C LEU H 76 5.28 39.44 -4.25
N ARG H 77 4.52 38.90 -5.20
CA ARG H 77 4.53 39.54 -6.50
C ARG H 77 4.02 40.96 -6.40
N ASP H 78 2.98 41.19 -5.61
CA ASP H 78 2.50 42.57 -5.53
C ASP H 78 3.51 43.45 -4.85
N GLN H 79 4.19 42.93 -3.84
CA GLN H 79 5.17 43.78 -3.18
C GLN H 79 6.33 44.06 -4.09
N GLN H 80 6.72 43.11 -4.92
CA GLN H 80 7.83 43.37 -5.79
C GLN H 80 7.49 44.45 -6.77
N LEU H 81 6.26 44.46 -7.29
CA LEU H 81 5.92 45.52 -8.24
C LEU H 81 5.93 46.86 -7.58
N LEU H 82 5.45 46.96 -6.35
CA LEU H 82 5.47 48.25 -5.70
C LEU H 82 6.92 48.67 -5.50
N GLY H 83 7.79 47.73 -5.22
CA GLY H 83 9.20 48.05 -5.08
C GLY H 83 9.74 48.60 -6.39
N ILE H 84 9.47 47.91 -7.49
CA ILE H 84 9.98 48.29 -8.79
C ILE H 84 9.48 49.65 -9.22
N TRP H 85 8.25 49.96 -8.93
CA TRP H 85 7.67 51.24 -9.33
C TRP H 85 8.03 52.40 -8.40
N GLY H 86 8.76 52.13 -7.32
CA GLY H 86 9.11 53.17 -6.37
C GLY H 86 8.00 53.49 -5.38
N CYS H 87 7.11 52.53 -5.13
CA CYS H 87 5.99 52.70 -4.24
C CYS H 87 6.07 51.80 -3.02
N SER H 88 7.24 51.30 -2.72
CA SER H 88 7.37 50.43 -1.58
C SER H 88 7.05 51.15 -0.31
N GLY H 89 6.32 50.50 0.56
CA GLY H 89 6.03 51.06 1.86
C GLY H 89 4.85 52.02 1.85
N LYS H 90 4.18 52.19 0.73
CA LYS H 90 3.07 53.12 0.69
C LYS H 90 1.80 52.47 0.21
N LEU H 91 0.65 52.91 0.72
CA LEU H 91 -0.60 52.42 0.19
C LEU H 91 -0.95 53.25 -1.02
N ILE H 92 -0.54 54.51 -0.99
CA ILE H 92 -0.79 55.40 -2.11
C ILE H 92 0.52 56.03 -2.54
N CYS H 93 0.87 55.95 -3.80
CA CYS H 93 2.11 56.60 -4.21
C CYS H 93 1.99 57.40 -5.48
N CYS H 94 2.71 58.51 -5.51
CA CYS H 94 2.75 59.38 -6.66
C CYS H 94 3.75 58.88 -7.66
N THR H 95 3.51 59.26 -8.89
CA THR H 95 4.40 58.94 -9.98
C THR H 95 4.89 60.15 -10.70
N ASN H 96 5.67 59.90 -11.74
CA ASN H 96 6.10 60.93 -12.66
C ASN H 96 5.69 60.59 -14.09
N VAL H 97 4.81 59.60 -14.22
CA VAL H 97 4.24 59.16 -15.47
C VAL H 97 2.84 59.72 -15.62
N PRO H 98 2.54 60.52 -16.66
CA PRO H 98 1.27 61.15 -16.92
C PRO H 98 0.24 60.17 -17.37
N TRP H 99 -1.01 60.52 -17.15
CA TRP H 99 -2.13 59.75 -17.67
C TRP H 99 -2.15 60.00 -19.17
N ASN H 100 -2.38 58.96 -19.98
CA ASN H 100 -2.30 59.10 -21.44
C ASN H 100 -3.62 59.23 -22.21
N SER H 101 -4.68 59.65 -21.54
CA SER H 101 -6.00 59.93 -22.14
C SER H 101 -6.76 58.75 -22.76
N SER H 102 -6.16 58.03 -23.69
CA SER H 102 -6.81 56.90 -24.35
C SER H 102 -7.19 55.80 -23.37
N TRP H 103 -6.53 55.82 -22.22
CA TRP H 103 -6.79 54.90 -21.13
C TRP H 103 -8.20 55.17 -20.59
N SER H 104 -8.54 56.44 -20.46
CA SER H 104 -9.85 56.91 -20.04
C SER H 104 -9.91 58.41 -20.21
N ASN H 105 -11.03 58.89 -20.73
CA ASN H 105 -11.22 60.31 -20.96
C ASN H 105 -12.22 60.92 -19.98
N ARG H 106 -12.47 60.22 -18.88
CA ARG H 106 -13.41 60.72 -17.89
C ARG H 106 -12.78 61.82 -17.03
N ASN H 107 -13.63 62.72 -16.54
CA ASN H 107 -13.17 63.80 -15.68
C ASN H 107 -12.71 63.22 -14.37
N LEU H 108 -11.71 63.81 -13.74
CA LEU H 108 -11.29 63.21 -12.49
C LEU H 108 -12.39 63.29 -11.44
N SER H 109 -13.27 64.29 -11.51
CA SER H 109 -14.33 64.36 -10.52
C SER H 109 -15.36 63.25 -10.75
N GLU H 110 -15.43 62.74 -11.98
CA GLU H 110 -16.35 61.69 -12.31
C GLU H 110 -15.76 60.39 -11.80
N ILE H 111 -14.45 60.26 -11.96
CA ILE H 111 -13.77 59.07 -11.55
C ILE H 111 -13.76 58.92 -10.05
N TRP H 112 -13.38 59.97 -9.34
CA TRP H 112 -13.28 59.83 -7.91
C TRP H 112 -14.62 59.87 -7.16
N ASP H 113 -15.61 60.62 -7.65
CA ASP H 113 -16.89 60.68 -6.95
C ASP H 113 -18.03 59.81 -7.49
N ASN H 114 -18.05 59.47 -8.79
CA ASN H 114 -19.19 58.72 -9.34
C ASN H 114 -18.86 57.27 -9.66
N MET H 115 -17.71 56.80 -9.22
CA MET H 115 -17.29 55.43 -9.47
C MET H 115 -16.79 54.76 -8.23
N THR H 116 -17.05 53.47 -8.14
CA THR H 116 -16.47 52.63 -7.11
C THR H 116 -15.19 52.06 -7.71
N TRP H 117 -14.32 51.48 -6.89
CA TRP H 117 -13.10 50.91 -7.46
C TRP H 117 -13.38 49.74 -8.37
N LEU H 118 -14.45 49.00 -8.09
CA LEU H 118 -14.77 47.85 -8.90
C LEU H 118 -15.24 48.32 -10.26
N GLN H 119 -16.06 49.37 -10.29
CA GLN H 119 -16.53 49.86 -11.57
C GLN H 119 -15.38 50.41 -12.38
N TRP H 120 -14.48 51.09 -11.70
CA TRP H 120 -13.31 51.66 -12.33
C TRP H 120 -12.43 50.59 -12.90
N ASP H 121 -12.19 49.53 -12.13
CA ASP H 121 -11.34 48.49 -12.63
C ASP H 121 -11.93 47.93 -13.90
N LYS H 122 -13.25 47.81 -13.95
CA LYS H 122 -13.83 47.31 -15.18
C LYS H 122 -13.63 48.33 -16.31
N GLU H 123 -13.80 49.62 -16.02
CA GLU H 123 -13.65 50.67 -17.02
C GLU H 123 -12.29 50.63 -17.70
N ILE H 124 -11.24 50.39 -16.94
CA ILE H 124 -9.89 50.36 -17.51
C ILE H 124 -9.25 48.98 -17.40
N SER H 125 -10.05 47.92 -17.45
CA SER H 125 -9.55 46.56 -17.31
C SER H 125 -8.59 46.13 -18.40
N ASN H 126 -8.62 46.82 -19.51
CA ASN H 126 -7.77 46.51 -20.64
C ASN H 126 -6.50 47.34 -20.72
N TYR H 127 -6.18 48.07 -19.66
CA TYR H 127 -4.98 48.89 -19.64
C TYR H 127 -4.11 48.54 -18.45
N THR H 128 -3.28 47.53 -18.61
CA THR H 128 -2.49 46.97 -17.52
C THR H 128 -1.02 47.16 -17.74
N GLN H 129 -0.38 46.25 -18.48
CA GLN H 129 1.07 46.40 -18.66
C GLN H 129 1.42 47.65 -19.45
N ILE H 130 0.42 48.21 -20.15
CA ILE H 130 0.57 49.43 -20.91
C ILE H 130 0.96 50.58 -19.97
N ILE H 131 0.59 50.46 -18.69
CA ILE H 131 0.91 51.43 -17.68
C ILE H 131 2.10 50.95 -16.87
N TYR H 132 2.12 49.67 -16.54
CA TYR H 132 3.14 49.17 -15.64
C TYR H 132 4.53 49.31 -16.22
N GLY H 133 4.70 49.06 -17.52
CA GLY H 133 6.02 49.17 -18.10
C GLY H 133 6.56 50.58 -17.98
N LEU H 134 5.68 51.57 -18.07
CA LEU H 134 6.11 52.95 -18.00
C LEU H 134 6.55 53.25 -16.59
N LEU H 135 5.84 52.68 -15.62
CA LEU H 135 6.19 52.94 -14.25
C LEU H 135 7.57 52.33 -13.96
N GLU H 136 7.85 51.16 -14.54
CA GLU H 136 9.15 50.52 -14.31
C GLU H 136 10.28 51.34 -14.89
N GLU H 137 10.04 51.88 -16.09
CA GLU H 137 11.06 52.65 -16.76
C GLU H 137 11.35 53.92 -16.00
N SER H 138 10.30 54.54 -15.49
CA SER H 138 10.49 55.75 -14.76
C SER H 138 11.32 55.54 -13.53
N GLN H 139 11.03 54.50 -12.76
CA GLN H 139 11.80 54.33 -11.55
C GLN H 139 13.24 54.03 -11.87
N ASN H 140 13.52 53.28 -12.92
CA ASN H 140 14.92 53.01 -13.20
C ASN H 140 15.66 54.28 -13.55
N GLN H 141 15.03 55.17 -14.33
CA GLN H 141 15.71 56.39 -14.69
C GLN H 141 15.95 57.25 -13.47
N GLN H 142 14.99 57.27 -12.56
CA GLN H 142 15.16 58.08 -11.38
C GLN H 142 16.30 57.58 -10.52
N GLU H 143 16.45 56.26 -10.39
CA GLU H 143 17.53 55.78 -9.56
C GLU H 143 18.88 56.10 -10.18
N LYS H 144 18.97 56.03 -11.51
CA LYS H 144 20.23 56.38 -12.13
C LYS H 144 20.55 57.83 -11.87
N ASN H 145 19.54 58.70 -11.97
CA ASN H 145 19.81 60.10 -11.76
C ASN H 145 20.26 60.34 -10.33
N GLU H 146 19.67 59.63 -9.36
CA GLU H 146 20.06 59.82 -7.98
C GLU H 146 21.50 59.37 -7.76
N GLN H 147 21.90 58.25 -8.37
CA GLN H 147 23.28 57.83 -8.19
C GLN H 147 24.22 58.85 -8.78
N ASP H 148 23.89 59.39 -9.95
CA ASP H 148 24.78 60.34 -10.58
C ASP H 148 24.95 61.59 -9.72
N LEU H 149 23.91 61.98 -8.98
CA LEU H 149 24.03 63.12 -8.11
C LEU H 149 24.82 62.78 -6.84
N LEU H 150 24.62 61.58 -6.27
CA LEU H 150 25.35 61.21 -5.06
C LEU H 150 26.80 60.91 -5.37
N ALA H 151 27.06 60.58 -6.61
CA ALA H 151 28.39 60.35 -7.14
C ALA H 151 29.20 61.64 -7.22
N LEU H 152 28.52 62.79 -7.22
CA LEU H 152 29.18 64.06 -7.38
C LEU H 152 29.81 64.49 -6.08
N ASP I 1 -3.85 -33.51 -48.29
CA ASP I 1 -5.14 -33.01 -48.67
C ASP I 1 -5.06 -32.25 -49.96
N ILE I 2 -3.85 -31.88 -50.32
CA ILE I 2 -3.67 -31.15 -51.55
C ILE I 2 -3.21 -32.13 -52.58
N VAL I 3 -4.00 -32.30 -53.61
CA VAL I 3 -3.74 -33.30 -54.62
C VAL I 3 -3.51 -32.68 -55.98
N MET I 4 -2.54 -33.22 -56.72
CA MET I 4 -2.27 -32.64 -58.02
C MET I 4 -2.45 -33.62 -59.19
N THR I 5 -3.10 -33.10 -60.23
CA THR I 5 -3.44 -33.82 -61.45
C THR I 5 -2.55 -33.46 -62.61
N GLN I 6 -2.07 -34.48 -63.31
CA GLN I 6 -1.22 -34.21 -64.46
C GLN I 6 -1.92 -34.37 -65.77
N THR I 7 -1.43 -33.67 -66.76
CA THR I 7 -1.92 -33.84 -68.10
C THR I 7 -0.92 -33.31 -69.13
N PRO I 8 -0.84 -33.91 -70.31
CA PRO I 8 -1.40 -35.16 -70.77
C PRO I 8 -0.73 -36.27 -70.01
N ALA I 9 -1.40 -37.39 -69.80
CA ALA I 9 -0.75 -38.50 -69.10
C ALA I 9 0.49 -38.97 -69.85
N SER I 10 0.44 -38.92 -71.18
CA SER I 10 1.58 -39.29 -71.98
C SER I 10 1.57 -38.52 -73.27
N VAL I 11 2.76 -38.23 -73.76
CA VAL I 11 2.96 -37.55 -75.03
C VAL I 11 4.04 -38.24 -75.83
N SER I 12 4.07 -37.96 -77.13
CA SER I 12 5.15 -38.43 -77.98
C SER I 12 5.49 -37.36 -79.01
N GLU I 13 6.76 -37.01 -79.08
CA GLU I 13 7.19 -35.98 -80.00
C GLU I 13 8.57 -36.32 -80.58
N PRO I 14 8.85 -36.08 -81.86
CA PRO I 14 10.14 -36.24 -82.51
C PRO I 14 11.26 -35.39 -81.89
N VAL I 15 12.46 -35.92 -82.01
CA VAL I 15 13.65 -35.25 -81.50
C VAL I 15 13.77 -33.85 -82.06
N GLY I 16 14.07 -32.93 -81.14
CA GLY I 16 14.21 -31.52 -81.39
C GLY I 16 12.96 -30.73 -81.02
N GLY I 17 11.88 -31.43 -80.70
CA GLY I 17 10.63 -30.78 -80.34
C GLY I 17 10.53 -30.25 -78.91
N THR I 18 9.35 -29.74 -78.55
CA THR I 18 9.12 -29.15 -77.23
C THR I 18 7.86 -29.69 -76.57
N VAL I 19 7.97 -30.10 -75.31
CA VAL I 19 6.80 -30.65 -74.64
C VAL I 19 6.30 -29.81 -73.51
N THR I 20 4.98 -29.60 -73.50
CA THR I 20 4.40 -28.88 -72.39
C THR I 20 3.81 -29.90 -71.47
N ILE I 21 4.18 -29.81 -70.21
CA ILE I 21 3.70 -30.72 -69.17
C ILE I 21 2.91 -29.93 -68.17
N LYS I 22 1.66 -30.30 -67.92
CA LYS I 22 0.86 -29.53 -66.98
C LYS I 22 0.46 -30.25 -65.71
N CYS I 23 0.49 -29.49 -64.62
CA CYS I 23 0.13 -29.94 -63.28
C CYS I 23 -0.87 -29.00 -62.61
N GLN I 24 -2.03 -29.54 -62.23
CA GLN I 24 -3.08 -28.74 -61.61
C GLN I 24 -3.38 -29.15 -60.18
N ALA I 25 -3.16 -28.21 -59.26
CA ALA I 25 -3.37 -28.46 -57.84
C ALA I 25 -4.80 -28.17 -57.41
N SER I 26 -5.24 -28.89 -56.38
CA SER I 26 -6.54 -28.65 -55.75
C SER I 26 -6.59 -27.40 -54.87
N HIS I 27 -5.43 -26.93 -54.47
CA HIS I 27 -5.29 -25.77 -53.61
C HIS I 27 -4.18 -24.88 -54.08
N ASN I 28 -4.25 -23.62 -53.71
CA ASN I 28 -3.19 -22.67 -54.01
C ASN I 28 -1.98 -23.09 -53.24
N ILE I 29 -0.85 -23.26 -53.90
CA ILE I 29 0.33 -23.72 -53.18
C ILE I 29 1.48 -22.72 -53.13
N ARG I 30 1.17 -21.46 -53.37
CA ARG I 30 2.12 -20.35 -53.22
C ARG I 30 3.46 -20.56 -53.92
N SER I 31 3.41 -21.13 -55.10
CA SER I 31 4.59 -21.38 -55.91
C SER I 31 5.77 -22.12 -55.26
N TYR I 32 5.51 -23.14 -54.44
CA TYR I 32 6.60 -23.93 -53.84
C TYR I 32 6.83 -25.29 -54.50
N LEU I 33 6.21 -25.47 -55.63
CA LEU I 33 6.25 -26.70 -56.39
C LEU I 33 7.62 -27.08 -56.96
N SER I 34 7.96 -28.37 -56.91
CA SER I 34 9.17 -28.87 -57.52
C SER I 34 8.85 -29.89 -58.60
N TRP I 35 9.79 -30.11 -59.52
CA TRP I 35 9.60 -31.09 -60.59
C TRP I 35 10.77 -32.05 -60.69
N TYR I 36 10.43 -33.30 -61.00
CA TYR I 36 11.42 -34.36 -61.14
C TYR I 36 11.39 -35.12 -62.45
N GLN I 37 12.55 -35.64 -62.85
CA GLN I 37 12.71 -36.48 -64.04
C GLN I 37 13.13 -37.90 -63.70
N GLN I 38 12.32 -38.88 -64.03
CA GLN I 38 12.67 -40.25 -63.68
C GLN I 38 13.01 -41.15 -64.84
N LYS I 39 14.21 -41.70 -64.77
CA LYS I 39 14.68 -42.64 -65.75
C LYS I 39 14.35 -44.02 -65.21
N VAL I 40 14.23 -44.99 -66.08
CA VAL I 40 13.87 -46.31 -65.58
C VAL I 40 14.99 -46.92 -64.77
N GLY I 41 14.65 -47.38 -63.58
CA GLY I 41 15.58 -48.02 -62.66
C GLY I 41 16.25 -47.03 -61.72
N GLN I 42 15.98 -45.75 -61.90
CA GLN I 42 16.60 -44.73 -61.09
C GLN I 42 15.59 -44.00 -60.23
N PRO I 43 16.00 -43.38 -59.12
CA PRO I 43 15.18 -42.49 -58.37
C PRO I 43 15.04 -41.25 -59.24
N PRO I 44 13.98 -40.48 -59.13
CA PRO I 44 13.78 -39.24 -59.87
C PRO I 44 14.85 -38.18 -59.59
N LYS I 45 15.27 -37.46 -60.61
CA LYS I 45 16.22 -36.38 -60.45
C LYS I 45 15.48 -35.07 -60.32
N ARG I 46 15.91 -34.20 -59.44
CA ARG I 46 15.23 -32.92 -59.37
C ARG I 46 15.65 -32.00 -60.50
N LEU I 47 14.67 -31.42 -61.17
CA LEU I 47 14.94 -30.48 -62.25
C LEU I 47 14.76 -29.07 -61.79
N ILE I 48 13.66 -28.87 -61.10
CA ILE I 48 13.21 -27.59 -60.56
C ILE I 48 12.96 -27.70 -59.12
N TYR I 49 13.49 -26.77 -58.35
CA TYR I 49 13.24 -26.84 -56.94
C TYR I 49 12.18 -25.85 -56.49
N GLU I 50 12.03 -24.75 -57.21
CA GLU I 50 11.01 -23.79 -56.78
C GLU I 50 10.32 -23.10 -57.94
N THR I 51 9.27 -23.74 -58.44
CA THR I 51 8.41 -23.30 -59.56
C THR I 51 9.13 -23.09 -60.89
N SER I 52 10.04 -22.13 -60.93
CA SER I 52 10.82 -21.83 -62.11
C SER I 52 12.31 -21.97 -61.88
N ASN I 53 12.73 -22.10 -60.64
CA ASN I 53 14.15 -22.15 -60.36
C ASN I 53 14.70 -23.54 -60.49
N LEU I 54 15.60 -23.66 -61.47
CA LEU I 54 16.25 -24.92 -61.84
C LEU I 54 17.28 -25.34 -60.84
N ALA I 55 17.34 -26.63 -60.67
CA ALA I 55 18.29 -27.31 -59.82
C ALA I 55 19.67 -27.20 -60.44
N SER I 56 20.68 -27.20 -59.60
CA SER I 56 22.02 -27.09 -60.12
C SER I 56 22.33 -28.24 -61.04
N GLY I 57 23.01 -27.93 -62.14
CA GLY I 57 23.44 -28.93 -63.10
C GLY I 57 22.39 -29.22 -64.17
N VAL I 58 21.22 -28.60 -64.07
CA VAL I 58 20.16 -28.84 -65.01
C VAL I 58 20.14 -27.78 -66.14
N PRO I 59 20.16 -28.20 -67.41
CA PRO I 59 20.11 -27.35 -68.58
C PRO I 59 18.84 -26.52 -68.63
N SER I 60 18.95 -25.36 -69.25
CA SER I 60 17.86 -24.39 -69.41
C SER I 60 16.69 -24.90 -70.22
N ARG I 61 16.91 -26.00 -70.93
CA ARG I 61 15.88 -26.60 -71.74
C ARG I 61 14.73 -27.06 -70.86
N PHE I 62 14.98 -27.25 -69.55
CA PHE I 62 13.97 -27.76 -68.64
C PHE I 62 13.23 -26.70 -67.86
N ALA I 63 13.36 -25.46 -68.29
CA ALA I 63 12.70 -24.36 -67.60
C ALA I 63 11.18 -24.52 -67.60
N GLY I 64 10.55 -23.89 -66.60
CA GLY I 64 9.09 -23.92 -66.45
C GLY I 64 8.59 -22.74 -65.62
N SER I 65 7.27 -22.70 -65.42
CA SER I 65 6.62 -21.59 -64.71
C SER I 65 5.22 -21.91 -64.21
N GLY I 66 4.66 -21.00 -63.42
CA GLY I 66 3.29 -21.14 -62.96
C GLY I 66 3.03 -20.32 -61.72
N SER I 67 1.81 -20.40 -61.24
CA SER I 67 1.38 -19.69 -60.03
C SER I 67 0.08 -20.26 -59.52
N GLY I 68 -0.31 -19.90 -58.30
CA GLY I 68 -1.62 -20.33 -57.88
C GLY I 68 -1.69 -21.84 -57.82
N THR I 69 -2.58 -22.39 -58.64
CA THR I 69 -2.78 -23.81 -58.70
C THR I 69 -2.32 -24.41 -60.03
N GLU I 70 -1.87 -23.57 -60.96
CA GLU I 70 -1.52 -24.06 -62.29
C GLU I 70 -0.07 -23.90 -62.66
N PHE I 71 0.58 -25.04 -62.90
CA PHE I 71 1.99 -25.02 -63.25
C PHE I 71 2.33 -25.86 -64.47
N THR I 72 3.29 -25.37 -65.27
CA THR I 72 3.74 -26.13 -66.42
C THR I 72 5.24 -26.16 -66.65
N LEU I 73 5.68 -27.20 -67.36
CA LEU I 73 7.04 -27.27 -67.87
C LEU I 73 6.98 -27.12 -69.34
N THR I 74 8.02 -26.57 -69.93
CA THR I 74 8.13 -26.51 -71.38
C THR I 74 9.49 -27.00 -71.72
N ILE I 75 9.63 -28.29 -72.01
CA ILE I 75 10.97 -28.79 -72.18
C ILE I 75 11.34 -28.78 -73.63
N SER I 76 12.32 -27.95 -73.97
CA SER I 76 12.74 -27.74 -75.35
C SER I 76 13.84 -28.67 -75.84
N ASP I 77 14.04 -28.68 -77.16
CA ASP I 77 15.13 -29.41 -77.80
C ASP I 77 15.20 -30.85 -77.35
N LEU I 78 14.07 -31.51 -77.30
CA LEU I 78 14.05 -32.87 -76.78
C LEU I 78 14.95 -33.85 -77.51
N GLU I 79 15.74 -34.57 -76.73
CA GLU I 79 16.62 -35.62 -77.23
C GLU I 79 16.08 -36.98 -76.83
N CYS I 80 16.51 -38.05 -77.48
CA CYS I 80 16.00 -39.35 -77.02
C CYS I 80 16.42 -39.60 -75.57
N ALA I 81 17.53 -38.99 -75.16
CA ALA I 81 18.08 -39.05 -73.82
C ALA I 81 17.15 -38.43 -72.78
N ASP I 82 16.22 -37.58 -73.22
CA ASP I 82 15.30 -36.88 -72.35
C ASP I 82 13.99 -37.63 -72.18
N ALA I 83 13.83 -38.78 -72.85
CA ALA I 83 12.58 -39.47 -72.62
C ALA I 83 12.60 -39.91 -71.16
N ALA I 84 11.52 -39.62 -70.45
CA ALA I 84 11.46 -39.90 -69.02
C ALA I 84 10.06 -39.72 -68.49
N THR I 85 9.81 -40.19 -67.28
CA THR I 85 8.55 -39.83 -66.67
C THR I 85 8.80 -38.58 -65.86
N TYR I 86 7.99 -37.57 -66.07
CA TYR I 86 8.17 -36.34 -65.36
C TYR I 86 7.13 -36.23 -64.27
N TYR I 87 7.53 -35.74 -63.10
CA TYR I 87 6.59 -35.65 -61.98
C TYR I 87 6.48 -34.30 -61.32
N CYS I 88 5.30 -34.03 -60.83
CA CYS I 88 5.00 -32.80 -60.10
C CYS I 88 4.91 -33.06 -58.58
N GLN I 89 5.71 -32.38 -57.73
CA GLN I 89 5.66 -32.58 -56.24
C GLN I 89 5.26 -31.31 -55.48
N SER I 90 4.23 -31.40 -54.61
CA SER I 90 3.64 -30.22 -53.96
C SER I 90 4.46 -29.35 -53.01
N ASN I 91 5.10 -29.93 -52.02
CA ASN I 91 5.92 -29.17 -51.07
C ASN I 91 5.22 -28.01 -50.38
N PHE I 92 3.95 -28.13 -50.02
CA PHE I 92 3.34 -26.94 -49.41
C PHE I 92 3.87 -26.62 -48.02
N GLY I 93 3.87 -27.60 -47.13
CA GLY I 93 4.43 -27.40 -45.78
C GLY I 93 3.58 -26.68 -44.72
N LEU I 94 4.29 -26.17 -43.72
CA LEU I 94 3.81 -25.44 -42.53
C LEU I 94 2.96 -26.17 -41.50
N SER I 95 1.86 -26.75 -41.95
CA SER I 95 0.88 -27.37 -41.06
C SER I 95 1.38 -28.64 -40.49
N ASP I 96 0.70 -29.21 -39.51
CA ASP I 96 1.11 -30.51 -39.01
C ASP I 96 0.40 -31.63 -39.74
N SER I 97 -0.40 -31.27 -40.73
CA SER I 97 -1.03 -32.23 -41.57
C SER I 97 -0.12 -32.49 -42.75
N ARG I 98 0.69 -31.48 -43.09
CA ARG I 98 1.64 -31.55 -44.19
C ARG I 98 1.07 -32.27 -45.37
N THR I 99 1.53 -33.50 -45.52
CA THR I 99 1.20 -34.35 -46.62
C THR I 99 1.79 -33.83 -47.90
N TYR I 100 3.05 -34.12 -48.11
CA TYR I 100 3.69 -33.62 -49.29
C TYR I 100 3.35 -34.51 -50.46
N ASN I 101 2.11 -34.43 -50.89
CA ASN I 101 1.67 -35.28 -51.95
C ASN I 101 2.51 -35.08 -53.16
N PHE I 102 2.94 -36.20 -53.63
CA PHE I 102 3.73 -36.31 -54.79
C PHE I 102 2.61 -36.45 -55.78
N GLY I 103 2.58 -35.65 -56.80
CA GLY I 103 1.47 -35.73 -57.70
C GLY I 103 1.73 -36.81 -58.69
N GLY I 104 0.88 -36.93 -59.69
CA GLY I 104 1.14 -37.97 -60.66
C GLY I 104 2.20 -37.43 -61.61
N GLY I 105 2.51 -38.18 -62.64
CA GLY I 105 3.50 -37.73 -63.60
C GLY I 105 3.01 -37.95 -64.99
N THR I 106 3.85 -37.62 -65.96
CA THR I 106 3.51 -37.82 -67.34
C THR I 106 4.64 -38.52 -68.05
N GLU I 107 4.32 -39.28 -69.07
CA GLU I 107 5.36 -39.95 -69.84
C GLU I 107 5.74 -39.21 -71.09
N VAL I 108 7.01 -38.87 -71.23
CA VAL I 108 7.43 -38.19 -72.43
C VAL I 108 8.30 -39.06 -73.28
N VAL I 109 7.81 -39.37 -74.46
CA VAL I 109 8.50 -40.19 -75.42
C VAL I 109 9.13 -39.31 -76.47
N VAL I 110 10.42 -39.48 -76.69
CA VAL I 110 11.07 -38.67 -77.70
C VAL I 110 11.43 -39.60 -78.84
N LYS I 111 10.85 -39.33 -79.99
CA LYS I 111 10.97 -40.19 -81.15
C LYS I 111 12.11 -39.89 -82.14
N GLY I 112 12.87 -40.92 -82.47
CA GLY I 112 13.96 -40.81 -83.42
C GLY I 112 13.49 -41.21 -84.82
N ASP I 113 14.45 -41.66 -85.64
CA ASP I 113 14.19 -42.03 -87.03
C ASP I 113 13.16 -43.15 -87.15
N ARG J 1 28.23 -38.45 -49.43
CA ARG J 1 26.92 -38.27 -48.82
C ARG J 1 25.86 -38.98 -49.61
N GLN J 2 25.58 -40.22 -49.22
CA GLN J 2 24.61 -41.04 -49.93
C GLN J 2 23.71 -41.85 -49.02
N LEU J 3 22.42 -41.72 -49.22
CA LEU J 3 21.49 -42.53 -48.47
C LEU J 3 21.50 -43.96 -48.96
N VAL J 4 21.58 -44.91 -48.04
CA VAL J 4 21.55 -46.31 -48.41
C VAL J 4 20.50 -47.11 -47.66
N GLU J 5 19.59 -47.68 -48.41
CA GLU J 5 18.52 -48.51 -47.90
C GLU J 5 18.90 -49.95 -47.70
N SER J 6 18.28 -50.56 -46.70
CA SER J 6 18.35 -51.99 -46.42
C SER J 6 17.05 -52.51 -45.87
N GLY J 7 17.03 -53.78 -45.52
CA GLY J 7 15.83 -54.42 -44.99
C GLY J 7 14.80 -54.80 -46.06
N GLY J 8 15.24 -55.04 -47.29
CA GLY J 8 14.32 -55.38 -48.37
C GLY J 8 13.94 -56.86 -48.34
N GLY J 9 13.20 -57.31 -49.35
CA GLY J 9 12.71 -58.68 -49.44
C GLY J 9 11.20 -58.69 -49.26
N LEU J 10 10.49 -59.51 -50.02
CA LEU J 10 9.04 -59.49 -49.91
C LEU J 10 8.57 -60.39 -48.79
N VAL J 11 7.56 -59.91 -48.07
CA VAL J 11 6.91 -60.60 -46.98
C VAL J 11 5.45 -60.84 -47.29
N GLN J 12 5.01 -62.06 -47.01
CA GLN J 12 3.68 -62.56 -47.23
C GLN J 12 2.58 -61.70 -46.58
N PRO J 13 1.33 -61.75 -47.08
CA PRO J 13 0.21 -60.99 -46.59
C PRO J 13 0.01 -61.19 -45.11
N GLU J 14 -0.33 -60.09 -44.45
CA GLU J 14 -0.57 -59.94 -43.03
C GLU J 14 0.70 -60.03 -42.21
N GLY J 15 1.86 -60.01 -42.87
CA GLY J 15 3.11 -59.98 -42.16
C GLY J 15 3.52 -58.53 -41.91
N SER J 16 4.77 -58.35 -41.53
CA SER J 16 5.33 -57.04 -41.26
C SER J 16 6.81 -57.03 -41.56
N LEU J 17 7.36 -55.84 -41.77
CA LEU J 17 8.79 -55.68 -41.98
C LEU J 17 9.24 -54.29 -41.58
N THR J 18 10.53 -54.11 -41.35
CA THR J 18 11.04 -52.77 -41.09
C THR J 18 12.17 -52.42 -42.03
N LEU J 19 12.07 -51.27 -42.69
CA LEU J 19 13.10 -50.82 -43.62
C LEU J 19 14.07 -49.92 -42.90
N THR J 20 15.34 -49.99 -43.31
CA THR J 20 16.37 -49.17 -42.68
C THR J 20 17.13 -48.31 -43.68
N CYS J 21 17.40 -47.07 -43.33
CA CYS J 21 18.15 -46.19 -44.21
C CYS J 21 19.24 -45.42 -43.50
N LYS J 22 20.47 -45.49 -44.04
CA LYS J 22 21.60 -44.79 -43.45
C LYS J 22 22.17 -43.64 -44.24
N ALA J 23 22.54 -42.59 -43.51
CA ALA J 23 23.19 -41.40 -44.03
C ALA J 23 24.67 -41.62 -44.21
N SER J 24 25.06 -42.37 -45.22
CA SER J 24 26.48 -42.60 -45.28
C SER J 24 27.15 -41.30 -45.66
N GLY J 25 28.13 -40.86 -44.89
CA GLY J 25 28.84 -39.61 -45.18
C GLY J 25 28.30 -38.35 -44.49
N PHE J 26 27.19 -38.46 -43.77
CA PHE J 26 26.65 -37.27 -43.11
C PHE J 26 25.80 -37.61 -41.91
N SER J 27 25.51 -36.60 -41.12
CA SER J 27 24.65 -36.76 -39.97
C SER J 27 23.44 -35.90 -40.22
N PHE J 28 22.37 -36.18 -39.50
CA PHE J 28 21.16 -35.39 -39.63
C PHE J 28 21.31 -34.11 -38.86
N SER J 29 20.75 -33.04 -39.39
CA SER J 29 20.81 -31.73 -38.78
C SER J 29 19.55 -30.97 -39.10
N ARG J 30 19.41 -29.77 -38.55
CA ARG J 30 18.18 -28.99 -38.67
C ARG J 30 17.76 -28.62 -40.08
N SER J 31 18.68 -28.57 -41.03
CA SER J 31 18.30 -28.20 -42.38
C SER J 31 17.80 -29.38 -43.20
N GLN J 32 17.91 -30.57 -42.65
CA GLN J 32 17.58 -31.77 -43.37
C GLN J 32 16.25 -32.31 -42.93
N TYR J 33 15.48 -32.82 -43.85
CA TYR J 33 14.20 -33.38 -43.47
C TYR J 33 14.11 -34.75 -44.15
N MET J 34 13.82 -35.82 -43.40
CA MET J 34 13.82 -37.17 -44.01
C MET J 34 12.47 -37.73 -44.34
N CYS J 35 12.36 -38.34 -45.51
CA CYS J 35 11.08 -38.91 -45.93
C CYS J 35 11.19 -40.24 -46.63
N TRP J 36 10.06 -40.93 -46.71
CA TRP J 36 9.93 -42.15 -47.49
C TRP J 36 8.83 -42.00 -48.53
N VAL J 37 9.12 -42.53 -49.69
CA VAL J 37 8.23 -42.52 -50.85
C VAL J 37 8.24 -43.91 -51.47
N ARG J 38 7.12 -44.39 -51.99
CA ARG J 38 7.17 -45.71 -52.63
C ARG J 38 6.67 -45.69 -54.05
N GLN J 39 7.18 -46.62 -54.84
CA GLN J 39 6.73 -46.76 -56.20
C GLN J 39 6.47 -48.20 -56.58
N ALA J 40 5.21 -48.52 -56.79
CA ALA J 40 4.88 -49.86 -57.22
C ALA J 40 5.53 -49.98 -58.57
N PRO J 41 5.96 -51.15 -59.04
CA PRO J 41 6.65 -51.28 -60.31
C PRO J 41 5.87 -50.79 -61.52
N GLY J 42 4.55 -50.75 -61.47
CA GLY J 42 3.78 -50.25 -62.61
C GLY J 42 3.20 -48.85 -62.38
N LYS J 43 3.59 -48.19 -61.31
CA LYS J 43 3.02 -46.90 -60.92
C LYS J 43 4.00 -45.74 -60.81
N GLY J 44 3.45 -44.58 -60.47
CA GLY J 44 4.23 -43.37 -60.25
C GLY J 44 4.61 -43.37 -58.78
N LEU J 45 4.94 -42.22 -58.22
CA LEU J 45 5.42 -42.26 -56.85
C LEU J 45 4.41 -41.74 -55.87
N GLU J 46 4.32 -42.42 -54.76
CA GLU J 46 3.40 -42.07 -53.70
C GLU J 46 4.13 -41.72 -52.41
N TRP J 47 3.87 -40.54 -51.89
CA TRP J 47 4.51 -40.08 -50.67
C TRP J 47 3.92 -40.81 -49.49
N ILE J 48 4.76 -41.24 -48.55
CA ILE J 48 4.25 -41.95 -47.38
C ILE J 48 4.36 -41.12 -46.12
N THR J 49 5.59 -40.76 -45.78
CA THR J 49 5.84 -40.13 -44.49
C THR J 49 7.16 -39.40 -44.36
N CYS J 50 7.20 -38.43 -43.44
CA CYS J 50 8.44 -37.72 -43.12
C CYS J 50 8.72 -37.55 -41.65
N VAL J 51 9.99 -37.38 -41.29
CA VAL J 51 10.33 -37.06 -39.93
C VAL J 51 11.34 -35.92 -39.87
N TYR J 52 11.15 -35.03 -38.92
CA TYR J 52 12.11 -33.96 -38.75
C TYR J 52 13.04 -34.29 -37.56
N PRO J 53 14.35 -34.52 -37.79
CA PRO J 53 15.32 -35.03 -36.84
C PRO J 53 15.60 -34.22 -35.59
N ASP J 54 15.32 -32.92 -35.56
CA ASP J 54 15.59 -32.23 -34.31
C ASP J 54 14.54 -32.43 -33.25
N ASP J 55 13.36 -32.96 -33.59
CA ASP J 55 12.39 -33.13 -32.54
C ASP J 55 11.61 -34.38 -32.83
N ASP J 56 12.03 -35.01 -33.89
CA ASP J 56 11.50 -36.26 -34.40
C ASP J 56 10.02 -36.23 -34.65
N THR J 57 9.46 -35.11 -35.11
CA THR J 57 8.05 -35.12 -35.39
C THR J 57 7.77 -35.85 -36.67
N PRO J 58 6.95 -36.91 -36.67
CA PRO J 58 6.56 -37.65 -37.84
C PRO J 58 5.43 -36.93 -38.54
N TYR J 59 5.32 -37.11 -39.84
CA TYR J 59 4.16 -36.66 -40.60
C TYR J 59 3.68 -37.81 -41.46
N TYR J 60 2.38 -38.03 -41.56
CA TYR J 60 1.96 -39.16 -42.37
C TYR J 60 0.89 -38.87 -43.38
N ALA J 61 0.95 -39.58 -44.49
CA ALA J 61 -0.11 -39.54 -45.46
C ALA J 61 -1.30 -40.18 -44.82
N THR J 62 -2.50 -39.71 -45.12
CA THR J 62 -3.66 -40.31 -44.50
C THR J 62 -3.72 -41.81 -44.74
N TRP J 63 -3.48 -42.23 -45.97
CA TRP J 63 -3.58 -43.64 -46.34
C TRP J 63 -2.61 -44.54 -45.57
N ALA J 64 -1.53 -43.96 -45.07
CA ALA J 64 -0.47 -44.65 -44.40
C ALA J 64 -0.54 -44.56 -42.88
N LYS J 65 -1.42 -43.72 -42.36
CA LYS J 65 -1.32 -43.42 -40.94
C LYS J 65 -1.47 -44.61 -40.02
N GLY J 66 -2.33 -45.56 -40.36
CA GLY J 66 -2.55 -46.69 -39.48
C GLY J 66 -1.65 -47.89 -39.77
N ARG J 67 -0.75 -47.79 -40.74
CA ARG J 67 0.10 -48.92 -41.08
C ARG J 67 1.59 -48.64 -41.05
N PHE J 68 1.97 -47.40 -41.23
CA PHE J 68 3.37 -47.06 -41.33
C PHE J 68 3.85 -46.21 -40.17
N THR J 69 4.99 -46.57 -39.61
CA THR J 69 5.61 -45.78 -38.54
C THR J 69 7.02 -45.35 -38.86
N ILE J 70 7.29 -44.06 -38.77
CA ILE J 70 8.62 -43.58 -39.07
C ILE J 70 9.29 -43.14 -37.79
N SER J 71 10.55 -43.54 -37.63
CA SER J 71 11.27 -43.17 -36.44
C SER J 71 12.77 -43.03 -36.65
N LYS J 72 13.36 -42.04 -36.01
CA LYS J 72 14.80 -41.84 -36.06
C LYS J 72 15.43 -42.82 -35.10
N THR J 73 16.52 -43.48 -35.49
CA THR J 73 17.15 -44.41 -34.57
C THR J 73 18.54 -43.97 -34.16
N SER J 74 19.16 -43.12 -34.96
CA SER J 74 20.50 -42.63 -34.67
C SER J 74 20.69 -41.34 -35.41
N SER J 75 21.80 -40.66 -35.18
CA SER J 75 22.12 -39.43 -35.88
C SER J 75 22.37 -39.67 -37.37
N THR J 76 22.56 -40.94 -37.76
CA THR J 76 22.75 -41.31 -39.14
C THR J 76 21.67 -42.24 -39.67
N THR J 77 20.80 -42.79 -38.82
CA THR J 77 19.82 -43.70 -39.41
C THR J 77 18.39 -43.46 -39.03
N VAL J 78 17.52 -43.85 -39.96
CA VAL J 78 16.08 -43.84 -39.74
C VAL J 78 15.49 -45.17 -40.16
N THR J 79 14.34 -45.51 -39.62
CA THR J 79 13.66 -46.69 -40.06
C THR J 79 12.20 -46.44 -40.33
N LEU J 80 11.61 -47.33 -41.11
CA LEU J 80 10.20 -47.31 -41.38
C LEU J 80 9.59 -48.66 -41.10
N ARG J 81 8.66 -48.71 -40.17
CA ARG J 81 8.02 -49.96 -39.84
C ARG J 81 6.73 -50.09 -40.60
N LEU J 82 6.58 -51.20 -41.30
CA LEU J 82 5.40 -51.44 -42.09
C LEU J 82 4.62 -52.61 -41.56
N THR J 83 3.34 -52.44 -41.31
CA THR J 83 2.55 -53.58 -40.87
C THR J 83 1.35 -53.82 -41.72
N SER J 84 0.63 -54.89 -41.39
CA SER J 84 -0.58 -55.28 -42.09
C SER J 84 -0.30 -55.29 -43.58
N LEU J 85 0.79 -55.94 -43.97
CA LEU J 85 1.20 -55.91 -45.35
C LEU J 85 0.27 -56.64 -46.27
N THR J 86 0.03 -56.08 -47.44
CA THR J 86 -0.75 -56.75 -48.46
C THR J 86 0.10 -56.88 -49.70
N GLU J 87 -0.34 -57.67 -50.68
CA GLU J 87 0.44 -57.81 -51.90
C GLU J 87 0.42 -56.52 -52.71
N ALA J 88 -0.56 -55.68 -52.41
CA ALA J 88 -0.79 -54.41 -53.05
C ALA J 88 0.25 -53.40 -52.62
N ASP J 89 0.98 -53.72 -51.57
CA ASP J 89 1.99 -52.84 -51.04
C ASP J 89 3.34 -53.20 -51.62
N THR J 90 3.36 -54.16 -52.57
CA THR J 90 4.64 -54.49 -53.16
C THR J 90 5.07 -53.24 -53.89
N ALA J 91 6.25 -52.77 -53.59
CA ALA J 91 6.74 -51.56 -54.21
C ALA J 91 8.20 -51.37 -53.93
N THR J 92 8.81 -50.49 -54.69
CA THR J 92 10.15 -50.11 -54.36
C THR J 92 10.05 -48.94 -53.40
N TYR J 93 10.69 -49.05 -52.25
CA TYR J 93 10.63 -48.01 -51.27
C TYR J 93 11.92 -47.23 -51.25
N PHE J 94 11.78 -45.91 -51.25
CA PHE J 94 12.92 -45.04 -51.25
C PHE J 94 13.03 -44.18 -50.03
N CYS J 95 14.26 -44.02 -49.59
CA CYS J 95 14.65 -43.13 -48.53
C CYS J 95 15.14 -41.85 -49.18
N ALA J 96 14.63 -40.71 -48.76
CA ALA J 96 15.05 -39.49 -49.41
C ALA J 96 15.18 -38.30 -48.49
N ARG J 97 16.08 -37.40 -48.84
CA ARG J 97 16.28 -36.20 -48.06
C ARG J 97 15.94 -34.93 -48.81
N THR J 98 15.15 -34.10 -48.14
CA THR J 98 14.76 -32.82 -48.70
C THR J 98 15.47 -31.69 -48.02
N SER J 99 15.36 -30.53 -48.65
CA SER J 99 15.95 -29.29 -48.15
C SER J 99 14.99 -28.16 -48.39
N GLY J 100 15.27 -26.97 -47.85
CA GLY J 100 14.35 -25.84 -47.98
C GLY J 100 14.91 -24.54 -47.43
N PHE J 101 14.03 -23.73 -46.86
CA PHE J 101 14.40 -22.43 -46.32
C PHE J 101 14.08 -22.32 -44.86
N GLY J 102 14.91 -21.61 -44.11
CA GLY J 102 14.59 -21.37 -42.70
C GLY J 102 13.32 -20.57 -42.53
N GLY J 103 13.07 -19.69 -43.50
CA GLY J 103 11.90 -18.84 -43.48
C GLY J 103 10.65 -19.55 -43.96
N TYR J 104 10.76 -20.80 -44.39
CA TYR J 104 9.60 -21.51 -44.86
C TYR J 104 9.95 -22.95 -45.12
N SER J 105 9.84 -23.82 -44.13
CA SER J 105 10.03 -25.24 -44.35
C SER J 105 11.36 -25.69 -44.93
N TYR J 106 12.15 -26.43 -44.16
CA TYR J 106 13.35 -27.04 -44.73
C TYR J 106 12.98 -28.33 -45.49
N ALA J 107 12.09 -28.18 -46.45
CA ALA J 107 11.61 -29.23 -47.30
C ALA J 107 11.14 -28.57 -48.57
N ALA J 108 11.00 -27.25 -48.50
CA ALA J 108 10.48 -26.49 -49.62
C ALA J 108 11.53 -26.22 -50.68
N HIS J 109 11.89 -27.28 -51.37
CA HIS J 109 12.85 -27.37 -52.45
C HIS J 109 12.79 -28.80 -52.92
N GLY J 110 12.16 -29.64 -52.12
CA GLY J 110 12.00 -31.04 -52.49
C GLY J 110 13.24 -31.83 -52.19
N VAL J 111 13.35 -33.01 -52.80
CA VAL J 111 14.43 -33.95 -52.52
C VAL J 111 15.68 -33.64 -53.26
N ASP J 112 16.79 -33.53 -52.54
CA ASP J 112 18.04 -33.30 -53.24
C ASP J 112 18.80 -34.61 -53.33
N LEU J 113 18.54 -35.50 -52.39
CA LEU J 113 19.22 -36.79 -52.34
C LEU J 113 18.31 -37.98 -52.18
N TRP J 114 18.44 -38.94 -53.09
CA TRP J 114 17.68 -40.17 -53.03
C TRP J 114 18.60 -41.34 -52.84
N GLY J 115 18.15 -42.36 -52.10
CA GLY J 115 18.90 -43.59 -52.04
C GLY J 115 18.44 -44.49 -53.19
N PRO J 116 19.11 -45.61 -53.48
CA PRO J 116 18.68 -46.60 -54.44
C PRO J 116 17.42 -47.12 -53.86
N GLY J 117 16.42 -47.48 -54.62
CA GLY J 117 15.27 -47.98 -53.90
C GLY J 117 15.46 -49.43 -53.51
N THR J 118 14.68 -49.89 -52.52
CA THR J 118 14.70 -51.28 -52.09
C THR J 118 13.30 -51.87 -52.18
N LEU J 119 13.17 -53.05 -52.76
CA LEU J 119 11.84 -53.62 -52.93
C LEU J 119 11.46 -54.66 -51.91
N VAL J 120 10.21 -54.54 -51.51
CA VAL J 120 9.52 -55.48 -50.62
C VAL J 120 8.14 -55.71 -51.19
N ALA K 1 44.75 55.87 -1.61
CA ALA K 1 43.93 55.30 -2.66
C ALA K 1 42.79 56.24 -3.01
N GLU K 2 42.20 56.03 -4.18
CA GLU K 2 41.07 56.84 -4.61
C GLU K 2 39.95 56.61 -3.61
N ASN K 3 39.30 57.68 -3.16
CA ASN K 3 38.25 57.50 -2.17
C ASN K 3 36.92 57.09 -2.79
N LEU K 4 36.88 55.83 -3.19
CA LEU K 4 35.72 55.20 -3.80
C LEU K 4 35.06 54.39 -2.74
N TRP K 5 33.74 54.32 -2.79
CA TRP K 5 32.98 53.63 -1.78
C TRP K 5 32.30 52.38 -2.31
N VAL K 6 31.97 51.45 -1.40
CA VAL K 6 31.35 50.20 -1.84
C VAL K 6 29.91 50.43 -2.26
N THR K 7 29.58 50.15 -3.51
CA THR K 7 28.22 50.39 -3.95
C THR K 7 27.57 49.06 -4.22
N VAL K 8 26.36 48.89 -3.71
CA VAL K 8 25.71 47.61 -3.84
C VAL K 8 24.70 47.61 -4.98
N TYR K 9 24.82 46.60 -5.83
CA TYR K 9 23.96 46.42 -6.99
C TYR K 9 23.11 45.15 -6.95
N TYR K 10 21.82 45.33 -7.18
CA TYR K 10 20.92 44.18 -7.19
C TYR K 10 20.28 44.05 -8.55
N GLY K 11 20.28 42.82 -9.06
CA GLY K 11 19.81 42.56 -10.41
C GLY K 11 21.04 42.36 -11.28
N VAL K 12 22.14 41.96 -10.66
CA VAL K 12 23.37 41.72 -11.38
C VAL K 12 23.34 40.42 -12.19
N PRO K 13 23.59 40.42 -13.51
CA PRO K 13 23.50 39.26 -14.39
C PRO K 13 24.65 38.27 -14.28
N VAL K 14 24.77 37.61 -13.13
CA VAL K 14 25.82 36.62 -12.89
C VAL K 14 25.27 35.30 -12.38
N TRP K 15 26.08 34.24 -12.50
CA TRP K 15 25.66 32.92 -12.07
C TRP K 15 26.77 31.97 -11.66
N LYS K 16 26.34 30.89 -11.01
CA LYS K 16 27.20 29.79 -10.59
C LYS K 16 26.62 28.44 -10.99
N ASP K 17 27.46 27.44 -11.16
CA ASP K 17 26.96 26.11 -11.48
C ASP K 17 26.07 25.61 -10.36
N ALA K 18 24.97 24.93 -10.71
CA ALA K 18 24.11 24.44 -9.64
C ALA K 18 23.28 23.24 -10.03
N GLU K 19 22.82 22.52 -9.02
CA GLU K 19 21.96 21.38 -9.28
C GLU K 19 20.62 21.56 -8.61
N THR K 20 19.57 21.54 -9.42
CA THR K 20 18.21 21.69 -8.96
C THR K 20 17.30 20.76 -9.68
N THR K 21 16.03 20.88 -9.38
CA THR K 21 15.01 20.07 -10.02
C THR K 21 14.43 20.78 -11.20
N LEU K 22 14.45 20.13 -12.35
CA LEU K 22 13.87 20.73 -13.54
C LEU K 22 12.49 20.16 -13.75
N PHE K 23 11.62 20.93 -14.37
CA PHE K 23 10.26 20.45 -14.56
C PHE K 23 9.92 20.03 -15.96
N CYS K 24 9.03 19.05 -16.05
CA CYS K 24 8.55 18.52 -17.31
C CYS K 24 7.63 19.48 -18.02
N ALA K 25 7.84 19.65 -19.31
CA ALA K 25 6.93 20.45 -20.09
C ALA K 25 6.73 19.81 -21.46
N SER K 26 5.54 20.00 -22.01
CA SER K 26 5.26 19.38 -23.31
C SER K 26 4.48 20.25 -24.28
N ASP K 27 3.84 19.60 -25.23
CA ASP K 27 3.06 20.32 -26.22
C ASP K 27 1.64 20.42 -25.68
N ALA K 28 0.75 21.04 -26.41
CA ALA K 28 -0.64 21.14 -26.01
C ALA K 28 -1.39 19.85 -26.33
N LYS K 29 -0.77 19.05 -27.17
CA LYS K 29 -1.32 17.82 -27.67
C LYS K 29 -1.14 16.71 -26.64
N LYS K 34 -3.40 11.54 -27.53
CA LYS K 34 -2.72 10.78 -26.50
C LYS K 34 -3.50 10.87 -25.21
N LYS K 35 -4.27 9.83 -24.88
CA LYS K 35 -5.10 9.89 -23.68
C LYS K 35 -4.57 9.12 -22.49
N HIS K 36 -3.83 8.05 -22.74
CA HIS K 36 -3.37 7.23 -21.64
C HIS K 36 -1.88 7.01 -21.75
N ASN K 37 -1.22 7.98 -22.32
CA ASN K 37 0.21 8.01 -22.52
C ASN K 37 0.86 8.63 -21.32
N VAL K 38 1.70 7.87 -20.62
CA VAL K 38 2.23 8.35 -19.36
C VAL K 38 3.01 9.64 -19.46
N TRP K 39 3.53 9.97 -20.63
CA TRP K 39 4.27 11.19 -20.75
C TRP K 39 3.30 12.36 -20.87
N ALA K 40 2.10 12.11 -21.41
CA ALA K 40 1.07 13.13 -21.61
C ALA K 40 0.19 13.26 -20.38
N THR K 41 0.08 12.18 -19.63
CA THR K 41 -0.77 12.14 -18.46
C THR K 41 0.05 12.60 -17.29
N HIS K 42 1.27 13.02 -17.59
CA HIS K 42 2.17 13.54 -16.61
C HIS K 42 2.06 15.06 -16.64
N CYS K 43 1.01 15.53 -17.33
CA CYS K 43 0.64 16.93 -17.46
C CYS K 43 1.67 17.69 -18.24
N CYS K 44 2.84 17.90 -17.64
CA CYS K 44 3.91 18.54 -18.35
C CYS K 44 3.42 19.81 -19.01
N VAL K 45 3.18 20.82 -18.19
CA VAL K 45 2.59 22.06 -18.62
C VAL K 45 3.08 22.41 -20.00
N PRO K 46 2.22 22.81 -20.94
CA PRO K 46 2.63 23.14 -22.27
C PRO K 46 3.67 24.21 -22.24
N THR K 47 4.65 24.08 -23.12
CA THR K 47 5.68 25.08 -23.23
C THR K 47 5.19 26.23 -24.07
N ASP K 48 5.89 27.34 -23.97
CA ASP K 48 5.70 28.49 -24.83
C ASP K 48 6.46 28.20 -26.11
N PRO K 49 5.81 28.11 -27.30
CA PRO K 49 6.45 27.82 -28.58
C PRO K 49 7.57 28.81 -28.92
N ASN K 50 7.56 29.99 -28.29
CA ASN K 50 8.57 30.99 -28.55
C ASN K 50 9.81 30.81 -27.66
N PRO K 51 10.99 30.49 -28.22
CA PRO K 51 12.21 30.26 -27.50
C PRO K 51 12.69 31.61 -27.06
N GLN K 52 13.46 31.68 -26.00
CA GLN K 52 13.99 32.96 -25.62
C GLN K 52 15.29 33.24 -26.33
N GLU K 53 16.15 32.23 -26.36
CA GLU K 53 17.47 32.24 -26.97
C GLU K 53 18.42 33.25 -26.32
N ILE K 54 18.11 34.51 -26.47
CA ILE K 54 18.91 35.56 -25.87
C ILE K 54 20.40 35.26 -26.07
N HIS K 55 20.88 35.43 -27.28
CA HIS K 55 22.27 35.11 -27.53
C HIS K 55 23.18 35.90 -26.61
N LEU K 56 24.16 35.23 -25.98
CA LEU K 56 25.09 35.93 -25.11
C LEU K 56 26.38 36.17 -25.91
N GLU K 57 26.56 37.40 -26.33
CA GLU K 57 27.60 37.72 -27.30
C GLU K 57 29.02 37.42 -26.92
N ASN K 58 29.38 37.61 -25.67
CA ASN K 58 30.76 37.37 -25.25
C ASN K 58 30.84 36.31 -24.18
N VAL K 59 29.91 35.37 -24.17
CA VAL K 59 30.00 34.35 -23.15
C VAL K 59 30.63 33.08 -23.65
N THR K 60 31.65 32.64 -22.93
CA THR K 60 32.40 31.44 -23.21
C THR K 60 32.34 30.54 -21.98
N GLU K 61 31.32 29.70 -21.93
CA GLU K 61 31.03 28.91 -20.73
C GLU K 61 31.64 27.53 -20.83
N GLU K 62 31.94 26.91 -19.68
CA GLU K 62 32.54 25.56 -19.64
C GLU K 62 31.55 24.43 -19.33
N PHE K 63 31.55 23.45 -20.22
CA PHE K 63 30.65 22.31 -20.15
C PHE K 63 31.33 20.98 -19.88
N ASN K 64 30.59 20.04 -19.31
CA ASN K 64 31.08 18.69 -19.15
C ASN K 64 29.92 17.72 -19.18
N MET K 65 29.64 17.14 -20.34
CA MET K 65 28.50 16.26 -20.49
C MET K 65 28.60 15.02 -19.63
N TRP K 66 29.78 14.64 -19.22
CA TRP K 66 29.93 13.38 -18.52
C TRP K 66 29.56 13.53 -17.06
N LYS K 67 29.33 14.77 -16.64
CA LYS K 67 29.00 15.10 -15.28
C LYS K 67 27.67 15.84 -15.27
N ASN K 68 26.88 15.69 -16.32
CA ASN K 68 25.64 16.45 -16.39
C ASN K 68 24.53 15.85 -15.55
N ASN K 69 24.15 16.55 -14.49
CA ASN K 69 23.16 16.05 -13.56
C ASN K 69 21.78 16.07 -14.16
N MET K 70 21.62 16.70 -15.31
CA MET K 70 20.35 16.70 -15.98
C MET K 70 20.06 15.30 -16.47
N VAL K 71 21.12 14.54 -16.74
CA VAL K 71 20.99 13.20 -17.21
C VAL K 71 20.54 12.39 -16.04
N GLU K 72 21.15 12.64 -14.90
CA GLU K 72 20.78 11.89 -13.72
C GLU K 72 19.34 12.15 -13.35
N GLN K 73 18.88 13.40 -13.48
CA GLN K 73 17.50 13.63 -13.17
C GLN K 73 16.62 12.90 -14.14
N MET K 74 16.93 12.95 -15.43
CA MET K 74 16.03 12.30 -16.37
C MET K 74 15.93 10.82 -16.06
N HIS K 75 17.04 10.21 -15.69
CA HIS K 75 17.02 8.79 -15.36
C HIS K 75 16.11 8.54 -14.19
N THR K 76 16.26 9.32 -13.14
CA THR K 76 15.44 9.12 -11.97
C THR K 76 13.97 9.36 -12.28
N ASP K 77 13.66 10.40 -13.04
CA ASP K 77 12.27 10.71 -13.34
C ASP K 77 11.61 9.63 -14.14
N ILE K 78 12.33 9.06 -15.08
CA ILE K 78 11.76 8.02 -15.89
C ILE K 78 11.44 6.84 -15.06
N ILE K 79 12.35 6.46 -14.18
CA ILE K 79 12.07 5.33 -13.37
C ILE K 79 10.89 5.58 -12.48
N SER K 80 10.83 6.75 -11.86
CA SER K 80 9.71 7.01 -10.98
C SER K 80 8.37 6.98 -11.70
N LEU K 81 8.30 7.57 -12.89
CA LEU K 81 7.04 7.57 -13.60
C LEU K 81 6.67 6.15 -13.94
N TRP K 82 7.64 5.39 -14.40
CA TRP K 82 7.41 4.03 -14.78
C TRP K 82 6.85 3.26 -13.61
N ASP K 83 7.51 3.36 -12.46
CA ASP K 83 7.07 2.57 -11.32
C ASP K 83 5.70 2.94 -10.83
N GLN K 84 5.35 4.22 -10.85
CA GLN K 84 4.05 4.58 -10.33
C GLN K 84 2.94 4.10 -11.23
N SER K 85 3.22 3.96 -12.52
CA SER K 85 2.22 3.50 -13.47
C SER K 85 1.87 2.03 -13.22
N LEU K 86 2.70 1.32 -12.47
CA LEU K 86 2.46 -0.08 -12.19
C LEU K 86 1.80 -0.32 -10.83
N LYS K 87 1.51 0.73 -10.07
CA LYS K 87 0.84 0.50 -8.81
C LYS K 87 -0.55 -0.10 -8.98
N PRO K 88 -1.41 0.41 -9.89
CA PRO K 88 -2.74 -0.09 -10.15
C PRO K 88 -2.62 -1.30 -11.03
N CYS K 89 -3.74 -1.86 -11.37
CA CYS K 89 -3.84 -2.97 -12.31
C CYS K 89 -3.23 -4.26 -11.72
N VAL K 90 -3.39 -5.33 -12.46
CA VAL K 90 -3.21 -6.70 -12.01
C VAL K 90 -1.83 -7.20 -11.70
N LYS K 91 -1.75 -7.90 -10.57
CA LYS K 91 -0.52 -8.51 -10.14
C LYS K 91 -0.69 -9.96 -10.57
N LEU K 92 0.38 -10.61 -11.02
CA LEU K 92 0.24 -11.95 -11.55
C LEU K 92 0.77 -13.09 -10.72
N THR K 93 0.87 -12.90 -9.42
CA THR K 93 1.34 -13.97 -8.55
C THR K 93 0.75 -15.36 -8.86
N PRO K 94 -0.57 -15.52 -9.14
CA PRO K 94 -1.20 -16.79 -9.40
C PRO K 94 -0.65 -17.54 -10.61
N LEU K 95 0.20 -16.91 -11.42
CA LEU K 95 0.73 -17.64 -12.56
C LEU K 95 1.94 -18.45 -12.18
N CYS K 96 2.43 -18.30 -10.96
CA CYS K 96 3.60 -19.06 -10.57
C CYS K 96 3.21 -20.46 -10.14
N VAL K 97 2.82 -21.24 -11.13
CA VAL K 97 2.26 -22.56 -11.01
C VAL K 97 3.02 -23.48 -11.92
N THR K 98 2.84 -24.78 -11.79
CA THR K 98 3.49 -25.70 -12.71
C THR K 98 2.80 -25.60 -14.05
N LEU K 99 3.56 -25.49 -15.12
CA LEU K 99 3.00 -25.46 -16.46
C LEU K 99 3.29 -26.78 -17.14
N GLN K 100 2.38 -27.26 -17.99
CA GLN K 100 2.68 -28.45 -18.80
C GLN K 100 2.79 -28.04 -20.26
N CYS K 101 4.00 -28.08 -20.80
CA CYS K 101 4.17 -27.47 -22.11
C CYS K 101 4.54 -28.45 -23.21
N THR K 102 4.11 -28.11 -24.43
CA THR K 102 4.40 -28.84 -25.67
C THR K 102 5.06 -27.82 -26.61
N ASN K 103 5.52 -28.25 -27.78
CA ASN K 103 6.33 -27.35 -28.62
C ASN K 103 5.61 -26.53 -29.70
N VAL K 104 4.30 -26.48 -29.73
CA VAL K 104 3.62 -25.60 -30.72
C VAL K 104 4.11 -25.72 -32.15
N THR K 105 3.84 -26.83 -32.82
CA THR K 105 4.35 -27.01 -34.17
C THR K 105 3.33 -27.12 -35.31
N ASN K 106 2.09 -26.68 -35.13
CA ASN K 106 1.11 -26.89 -36.21
C ASN K 106 0.99 -25.85 -37.32
N ASN K 107 1.82 -24.83 -37.32
CA ASN K 107 1.82 -23.88 -38.42
C ASN K 107 3.05 -23.00 -38.35
N ILE K 108 4.20 -23.59 -38.57
CA ILE K 108 5.44 -22.85 -38.37
C ILE K 108 6.43 -22.91 -39.50
N THR K 109 7.30 -21.92 -39.54
CA THR K 109 8.46 -22.01 -40.39
C THR K 109 9.49 -22.71 -39.55
N ASP K 110 10.58 -23.20 -40.10
CA ASP K 110 11.48 -23.94 -39.23
C ASP K 110 12.32 -23.09 -38.35
N ASP K 111 12.64 -21.89 -38.76
CA ASP K 111 13.45 -21.08 -37.87
C ASP K 111 12.70 -20.74 -36.56
N MET K 112 11.38 -20.89 -36.53
CA MET K 112 10.60 -20.64 -35.33
C MET K 112 10.28 -21.89 -34.57
N ARG K 113 10.80 -23.01 -34.99
CA ARG K 113 10.43 -24.27 -34.39
C ARG K 113 10.62 -24.40 -32.91
N GLY K 114 11.67 -23.83 -32.36
CA GLY K 114 11.85 -23.97 -30.92
C GLY K 114 11.39 -22.76 -30.12
N GLU K 115 10.74 -21.79 -30.75
CA GLU K 115 10.41 -20.57 -30.04
C GLU K 115 9.16 -20.53 -29.18
N LEU K 116 8.15 -21.34 -29.45
CA LEU K 116 6.93 -21.23 -28.66
C LEU K 116 6.61 -22.46 -27.84
N LYS K 117 6.05 -22.23 -26.67
CA LYS K 117 5.60 -23.29 -25.79
C LYS K 117 4.09 -23.20 -25.61
N ASN K 118 3.39 -24.34 -25.53
CA ASN K 118 1.93 -24.35 -25.41
C ASN K 118 1.40 -24.08 -24.00
N CYS K 119 2.12 -24.55 -23.01
CA CYS K 119 1.88 -24.38 -21.57
C CYS K 119 0.48 -24.31 -20.94
N SER K 120 -0.12 -25.47 -20.67
CA SER K 120 -1.41 -25.57 -19.97
C SER K 120 -1.23 -25.51 -18.44
N PHE K 121 -2.15 -24.84 -17.74
CA PHE K 121 -2.05 -24.74 -16.27
C PHE K 121 -3.38 -24.55 -15.54
N ASN K 122 -3.37 -24.76 -14.22
CA ASN K 122 -4.55 -24.62 -13.37
C ASN K 122 -4.60 -23.30 -12.59
N MET K 123 -5.58 -22.47 -12.90
CA MET K 123 -5.72 -21.17 -12.22
C MET K 123 -7.19 -20.93 -11.88
N THR K 124 -7.51 -20.18 -10.81
CA THR K 124 -8.94 -19.97 -10.50
C THR K 124 -9.42 -18.55 -10.56
N THR K 125 -10.74 -18.39 -10.39
CA THR K 125 -11.42 -17.10 -10.41
C THR K 125 -12.16 -16.74 -9.12
N GLU K 126 -12.32 -17.72 -8.25
CA GLU K 126 -13.07 -17.62 -6.99
C GLU K 126 -12.28 -18.33 -5.92
N LEU K 127 -12.46 -18.03 -4.64
CA LEU K 127 -11.73 -18.81 -3.66
C LEU K 127 -12.60 -20.01 -3.33
N ARG K 128 -12.80 -20.81 -4.35
CA ARG K 128 -13.72 -21.92 -4.33
C ARG K 128 -13.04 -23.22 -4.47
N ASP K 129 -11.72 -23.18 -4.50
CA ASP K 129 -10.94 -24.37 -4.74
C ASP K 129 -11.45 -24.99 -6.04
N LYS K 130 -11.73 -24.13 -7.03
CA LYS K 130 -12.22 -24.51 -8.32
C LYS K 130 -11.39 -23.90 -9.40
N LYS K 131 -10.35 -24.61 -9.75
CA LYS K 131 -9.41 -24.13 -10.71
C LYS K 131 -9.90 -24.53 -12.07
N GLN K 132 -9.47 -23.82 -13.09
CA GLN K 132 -9.83 -24.12 -14.45
C GLN K 132 -8.60 -24.25 -15.30
N LYS K 133 -8.69 -25.02 -16.38
CA LYS K 133 -7.53 -25.07 -17.24
C LYS K 133 -7.48 -23.88 -18.15
N VAL K 134 -6.33 -23.30 -18.19
CA VAL K 134 -6.02 -22.16 -19.00
C VAL K 134 -4.79 -22.49 -19.78
N TYR K 135 -4.72 -22.10 -21.03
CA TYR K 135 -3.47 -22.34 -21.70
C TYR K 135 -3.08 -21.05 -22.33
N SER K 136 -1.79 -20.88 -22.50
CA SER K 136 -1.31 -19.71 -23.19
C SER K 136 -0.04 -20.02 -23.84
N LEU K 137 0.17 -19.46 -24.98
CA LEU K 137 1.43 -19.71 -25.56
C LEU K 137 2.37 -18.78 -24.85
N PHE K 138 3.61 -19.21 -24.77
CA PHE K 138 4.67 -18.38 -24.25
C PHE K 138 5.88 -18.47 -25.12
N TYR K 139 6.67 -17.44 -25.15
CA TYR K 139 7.92 -17.52 -25.85
C TYR K 139 8.89 -18.30 -25.01
N ARG K 140 9.77 -19.04 -25.64
CA ARG K 140 10.74 -19.85 -24.93
C ARG K 140 11.54 -19.08 -23.93
N LEU K 141 11.89 -17.84 -24.21
CA LEU K 141 12.75 -17.11 -23.30
C LEU K 141 12.09 -16.80 -21.95
N ASP K 142 10.77 -16.91 -21.85
CA ASP K 142 10.07 -16.61 -20.63
C ASP K 142 9.79 -17.85 -19.79
N VAL K 143 10.11 -19.03 -20.31
CA VAL K 143 9.75 -20.27 -19.63
C VAL K 143 10.96 -21.15 -19.40
N VAL K 144 11.13 -21.63 -18.18
CA VAL K 144 12.27 -22.47 -17.85
C VAL K 144 11.85 -23.82 -17.33
N GLN K 145 12.54 -24.86 -17.77
CA GLN K 145 12.21 -26.20 -17.36
C GLN K 145 12.54 -26.46 -15.92
N ILE K 146 11.65 -27.16 -15.25
CA ILE K 146 11.88 -27.52 -13.86
C ILE K 146 12.86 -28.66 -13.76
N LYS K 159 8.97 -31.82 -19.22
CA LYS K 159 7.61 -31.47 -19.58
C LYS K 159 7.05 -30.41 -18.67
N GLU K 160 7.47 -30.45 -17.41
CA GLU K 160 7.04 -29.47 -16.43
C GLU K 160 7.93 -28.25 -16.47
N TYR K 161 7.29 -27.10 -16.55
CA TYR K 161 7.93 -25.79 -16.65
C TYR K 161 7.39 -24.77 -15.69
N ARG K 162 8.16 -23.73 -15.46
CA ARG K 162 7.71 -22.60 -14.65
C ARG K 162 8.06 -21.32 -15.36
N LEU K 163 7.44 -20.21 -14.97
CA LEU K 163 7.85 -18.96 -15.58
C LEU K 163 9.21 -18.60 -15.05
N ILE K 164 10.03 -18.00 -15.89
CA ILE K 164 11.38 -17.68 -15.51
C ILE K 164 11.56 -16.83 -14.27
N ASN K 165 10.67 -15.90 -14.01
CA ASN K 165 10.88 -15.05 -12.85
C ASN K 165 10.19 -15.47 -11.58
N CYS K 166 9.52 -16.60 -11.55
CA CYS K 166 8.82 -16.96 -10.32
C CYS K 166 9.74 -17.46 -9.24
N ASN K 167 11.00 -17.57 -9.58
CA ASN K 167 12.02 -18.01 -8.68
C ASN K 167 12.67 -16.82 -7.98
N THR K 168 12.59 -15.62 -8.57
CA THR K 168 13.27 -14.51 -7.96
C THR K 168 12.45 -13.24 -7.72
N SER K 169 11.31 -13.08 -8.37
CA SER K 169 10.63 -11.80 -8.28
C SER K 169 9.12 -11.77 -8.42
N ALA K 170 8.53 -10.67 -8.00
CA ALA K 170 7.10 -10.49 -8.20
C ALA K 170 6.83 -10.17 -9.65
N ILE K 171 5.74 -10.69 -10.21
CA ILE K 171 5.42 -10.34 -11.58
C ILE K 171 4.16 -9.49 -11.63
N THR K 172 4.28 -8.32 -12.24
CA THR K 172 3.20 -7.35 -12.38
C THR K 172 2.77 -7.20 -13.81
N GLN K 173 1.49 -7.24 -14.10
CA GLN K 173 1.07 -7.11 -15.49
C GLN K 173 1.11 -5.66 -15.89
N ALA K 174 1.67 -5.36 -17.04
CA ALA K 174 1.64 -3.99 -17.49
C ALA K 174 0.20 -3.71 -17.70
N CYS K 175 -0.24 -2.51 -17.42
CA CYS K 175 -1.64 -2.29 -17.57
C CYS K 175 -1.88 -1.99 -19.05
N PRO K 176 -2.72 -2.75 -19.77
CA PRO K 176 -2.93 -2.70 -21.21
C PRO K 176 -3.45 -1.41 -21.77
N LYS K 177 -4.03 -0.59 -20.91
CA LYS K 177 -4.58 0.66 -21.37
C LYS K 177 -3.56 1.79 -21.29
N VAL K 178 -2.37 1.50 -20.76
CA VAL K 178 -1.37 2.52 -20.58
C VAL K 178 -0.26 2.46 -21.61
N SER K 179 -0.03 3.59 -22.25
CA SER K 179 0.99 3.68 -23.27
C SER K 179 2.25 4.35 -22.81
N PHE K 180 3.37 3.82 -23.25
CA PHE K 180 4.66 4.41 -22.94
C PHE K 180 5.30 5.05 -24.16
N GLU K 181 4.52 5.19 -25.23
CA GLU K 181 5.06 5.74 -26.47
C GLU K 181 5.75 7.07 -26.22
N PRO K 182 7.03 7.23 -26.52
CA PRO K 182 7.77 8.44 -26.28
C PRO K 182 7.19 9.68 -26.96
N ILE K 183 7.07 10.73 -26.19
CA ILE K 183 6.62 12.05 -26.58
C ILE K 183 7.75 12.95 -26.20
N PRO K 184 8.26 13.85 -27.03
CA PRO K 184 9.38 14.66 -26.67
C PRO K 184 9.06 15.49 -25.48
N ILE K 185 9.95 15.46 -24.50
CA ILE K 185 9.82 16.23 -23.28
C ILE K 185 10.85 17.29 -23.16
N HIS K 186 10.40 18.48 -22.79
CA HIS K 186 11.30 19.60 -22.64
C HIS K 186 11.54 19.77 -21.16
N TYR K 187 12.78 20.03 -20.74
CA TYR K 187 12.96 20.33 -19.33
C TYR K 187 13.03 21.80 -19.12
N CYS K 188 12.32 22.31 -18.13
CA CYS K 188 12.30 23.75 -17.89
C CYS K 188 12.88 24.13 -16.54
N ALA K 189 13.58 25.25 -16.51
CA ALA K 189 14.18 25.74 -15.27
C ALA K 189 13.13 26.30 -14.30
N PRO K 190 13.29 26.10 -12.98
CA PRO K 190 12.52 26.70 -11.93
C PRO K 190 12.94 28.14 -11.77
N ALA K 191 12.12 28.95 -11.14
CA ALA K 191 12.52 30.32 -10.92
C ALA K 191 13.82 30.39 -10.14
N GLY K 192 14.68 31.30 -10.55
CA GLY K 192 15.98 31.53 -9.92
C GLY K 192 17.10 30.81 -10.64
N PHE K 193 16.74 29.97 -11.59
CA PHE K 193 17.67 29.19 -12.38
C PHE K 193 17.53 29.43 -13.88
N ALA K 194 18.58 29.10 -14.61
CA ALA K 194 18.54 29.22 -16.05
C ALA K 194 19.35 28.12 -16.69
N ILE K 195 19.00 27.76 -17.91
CA ILE K 195 19.75 26.74 -18.61
C ILE K 195 20.57 27.37 -19.73
N LEU K 196 21.85 27.06 -19.78
CA LEU K 196 22.70 27.60 -20.82
C LEU K 196 23.02 26.53 -21.82
N LYS K 197 23.20 26.90 -23.09
CA LYS K 197 23.63 25.88 -24.05
C LYS K 197 24.66 26.32 -25.06
N CYS K 198 25.45 25.36 -25.55
CA CYS K 198 26.39 25.65 -26.64
C CYS K 198 25.70 25.57 -27.99
N LYS K 199 25.99 26.50 -28.87
CA LYS K 199 25.50 26.39 -30.23
C LYS K 199 26.57 25.94 -31.21
N ASP K 200 27.78 25.72 -30.72
CA ASP K 200 28.86 25.32 -31.60
C ASP K 200 28.72 23.99 -32.25
N LYS K 201 29.15 23.98 -33.50
CA LYS K 201 29.25 22.80 -34.28
C LYS K 201 30.57 22.20 -33.92
N LYS K 202 30.72 20.92 -34.11
CA LYS K 202 31.99 20.25 -33.84
C LYS K 202 32.40 20.45 -32.39
N PHE K 203 31.44 20.39 -31.49
CA PHE K 203 31.72 20.54 -30.09
C PHE K 203 31.86 19.19 -29.40
N ASN K 204 32.90 19.10 -28.59
CA ASN K 204 33.32 17.92 -27.83
C ASN K 204 32.28 17.42 -26.86
N GLY K 205 31.46 18.33 -26.37
CA GLY K 205 30.49 18.03 -25.33
C GLY K 205 31.11 18.40 -23.99
N THR K 206 32.39 18.74 -24.06
CA THR K 206 33.18 19.13 -22.92
C THR K 206 33.99 20.35 -23.23
N GLY K 207 34.43 21.04 -22.20
CA GLY K 207 35.33 22.17 -22.38
C GLY K 207 34.50 23.40 -22.66
N PRO K 208 35.14 24.54 -22.89
CA PRO K 208 34.51 25.80 -23.12
C PRO K 208 33.88 25.92 -24.48
N CYS K 209 32.86 26.74 -24.58
CA CYS K 209 32.36 27.07 -25.89
C CYS K 209 31.82 28.50 -25.87
N PRO K 210 32.05 29.27 -26.93
CA PRO K 210 31.52 30.58 -27.23
C PRO K 210 30.13 30.40 -27.75
N SER K 211 29.43 31.49 -28.03
CA SER K 211 28.11 31.38 -28.62
C SER K 211 27.18 30.55 -27.78
N VAL K 212 27.17 30.90 -26.51
CA VAL K 212 26.32 30.33 -25.50
C VAL K 212 25.04 31.12 -25.51
N SER K 213 23.92 30.44 -25.41
CA SER K 213 22.64 31.14 -25.36
C SER K 213 21.82 30.61 -24.22
N THR K 214 20.69 31.25 -23.92
CA THR K 214 19.93 30.81 -22.78
C THR K 214 18.69 30.07 -23.18
N VAL K 215 18.33 29.19 -22.30
CA VAL K 215 17.24 28.30 -22.44
C VAL K 215 16.26 28.36 -21.27
N GLN K 216 14.98 28.50 -21.57
CA GLN K 216 14.03 28.40 -20.46
C GLN K 216 13.67 26.95 -20.36
N CYS K 217 13.42 26.37 -21.53
CA CYS K 217 13.04 24.99 -21.70
C CYS K 217 13.92 24.41 -22.79
N THR K 218 14.38 23.20 -22.60
CA THR K 218 15.27 22.55 -23.56
C THR K 218 14.45 22.13 -24.73
N HIS K 219 15.11 21.72 -25.81
CA HIS K 219 14.35 21.22 -26.93
C HIS K 219 13.72 19.96 -26.42
N GLY K 220 12.66 19.49 -27.07
CA GLY K 220 12.10 18.27 -26.54
C GLY K 220 12.93 17.07 -26.91
N ILE K 221 13.10 16.17 -25.95
CA ILE K 221 13.80 14.91 -26.15
C ILE K 221 12.88 13.75 -25.89
N LYS K 222 12.77 12.84 -26.85
CA LYS K 222 11.96 11.67 -26.61
C LYS K 222 12.71 10.72 -25.71
N PRO K 223 12.12 10.21 -24.62
CA PRO K 223 12.72 9.29 -23.68
C PRO K 223 12.72 7.88 -24.23
N VAL K 224 13.46 7.68 -25.29
CA VAL K 224 13.57 6.40 -25.95
C VAL K 224 14.62 5.57 -25.24
N VAL K 225 14.29 4.34 -24.91
CA VAL K 225 15.26 3.49 -24.25
C VAL K 225 15.64 2.36 -25.15
N SER K 226 16.94 2.21 -25.37
CA SER K 226 17.49 1.18 -26.23
C SER K 226 18.87 0.75 -25.82
N THR K 227 19.32 -0.33 -26.44
CA THR K 227 20.68 -0.83 -26.24
C THR K 227 21.38 -0.83 -27.56
N GLN K 228 22.71 -0.65 -27.53
CA GLN K 228 23.64 -0.69 -28.67
C GLN K 228 23.44 0.41 -29.69
N LEU K 229 22.26 0.50 -30.25
CA LEU K 229 22.01 1.56 -31.21
C LEU K 229 21.15 2.61 -30.57
N LEU K 230 21.44 3.84 -30.90
CA LEU K 230 20.67 4.98 -30.44
C LEU K 230 19.62 5.27 -31.46
N LEU K 231 18.37 5.30 -31.04
CA LEU K 231 17.28 5.52 -31.98
C LEU K 231 16.62 6.86 -31.81
N ASN K 232 16.14 7.39 -32.92
CA ASN K 232 15.43 8.64 -32.99
C ASN K 232 16.23 9.75 -32.30
N GLY K 233 15.67 10.48 -31.36
CA GLY K 233 16.50 11.56 -30.78
C GLY K 233 16.87 12.58 -31.84
N SER K 234 18.15 12.97 -31.94
CA SER K 234 18.56 13.98 -32.93
C SER K 234 19.88 13.66 -33.63
N LEU K 235 20.14 14.42 -34.71
CA LEU K 235 21.35 14.25 -35.54
C LEU K 235 22.35 15.35 -35.34
N ALA K 236 23.62 15.02 -35.61
CA ALA K 236 24.75 15.93 -35.55
C ALA K 236 24.61 16.97 -36.65
N GLU K 237 25.11 18.17 -36.41
CA GLU K 237 24.98 19.26 -37.38
C GLU K 237 25.68 19.09 -38.74
N GLU K 238 26.89 18.52 -38.76
CA GLU K 238 27.58 18.38 -40.06
C GLU K 238 28.22 17.04 -40.34
N GLU K 239 28.91 16.50 -39.35
CA GLU K 239 29.68 15.28 -39.53
C GLU K 239 29.48 14.40 -38.33
N VAL K 240 29.66 13.11 -38.50
CA VAL K 240 29.49 12.26 -37.35
C VAL K 240 30.48 12.65 -36.27
N MET K 241 29.96 12.79 -35.07
CA MET K 241 30.77 13.18 -33.94
C MET K 241 31.09 12.06 -33.05
N ILE K 242 32.33 12.02 -32.61
CA ILE K 242 32.73 11.01 -31.67
C ILE K 242 33.08 11.64 -30.35
N ARG K 243 32.38 11.23 -29.31
CA ARG K 243 32.59 11.82 -28.01
C ARG K 243 32.85 10.77 -26.96
N SER K 244 33.76 11.06 -26.06
CA SER K 244 34.02 10.13 -24.99
C SER K 244 34.54 10.87 -23.78
N GLU K 245 34.45 10.24 -22.63
CA GLU K 245 34.96 10.82 -21.40
C GLU K 245 36.47 10.70 -21.30
N ASN K 246 36.97 9.57 -21.75
CA ASN K 246 38.37 9.17 -21.67
C ASN K 246 38.71 8.35 -22.90
N ILE K 247 39.05 9.00 -24.01
CA ILE K 247 39.15 8.28 -25.28
C ILE K 247 40.23 7.20 -25.36
N THR K 248 41.29 7.32 -24.57
CA THR K 248 42.34 6.35 -24.64
C THR K 248 42.12 5.23 -23.63
N ASN K 249 41.04 5.31 -22.88
CA ASN K 249 40.70 4.35 -21.85
C ASN K 249 39.67 3.35 -22.37
N ASN K 250 40.06 2.10 -22.53
CA ASN K 250 39.16 1.11 -23.12
C ASN K 250 38.00 0.73 -22.20
N ALA K 251 37.99 1.27 -20.98
CA ALA K 251 36.90 1.02 -20.05
C ALA K 251 35.70 1.93 -20.31
N LYS K 252 35.83 2.90 -21.21
CA LYS K 252 34.73 3.82 -21.46
C LYS K 252 33.97 3.57 -22.73
N ASN K 253 32.71 3.97 -22.71
CA ASN K 253 31.89 3.91 -23.90
C ASN K 253 32.18 5.12 -24.76
N ILE K 254 32.08 4.92 -26.05
CA ILE K 254 32.21 5.98 -27.02
C ILE K 254 30.84 6.25 -27.60
N LEU K 255 30.42 7.49 -27.55
CA LEU K 255 29.12 7.80 -28.07
C LEU K 255 29.30 8.41 -29.44
N VAL K 256 28.71 7.77 -30.44
CA VAL K 256 28.87 8.25 -31.79
C VAL K 256 27.55 8.80 -32.30
N GLN K 257 27.54 10.08 -32.66
CA GLN K 257 26.31 10.71 -33.14
C GLN K 257 26.35 10.95 -34.62
N PHE K 258 25.45 10.33 -35.34
CA PHE K 258 25.44 10.39 -36.79
C PHE K 258 24.95 11.75 -37.25
N ASN K 259 25.40 12.18 -38.42
CA ASN K 259 24.94 13.41 -39.05
C ASN K 259 23.87 13.18 -40.09
N THR K 260 23.38 11.97 -40.13
CA THR K 260 22.33 11.54 -41.02
C THR K 260 21.83 10.22 -40.44
N PRO K 261 20.53 9.93 -40.46
CA PRO K 261 19.95 8.71 -39.96
C PRO K 261 20.15 7.51 -40.86
N VAL K 262 20.11 6.33 -40.27
CA VAL K 262 20.07 5.11 -41.04
C VAL K 262 18.69 4.56 -40.85
N GLN K 263 17.94 4.37 -41.91
CA GLN K 263 16.60 3.92 -41.66
C GLN K 263 16.51 2.43 -41.42
N ILE K 264 15.80 2.10 -40.34
CA ILE K 264 15.56 0.73 -39.93
C ILE K 264 14.07 0.41 -39.82
N ASN K 265 13.69 -0.65 -40.47
CA ASN K 265 12.32 -1.16 -40.49
C ASN K 265 12.22 -2.45 -39.72
N CYS K 266 11.41 -2.48 -38.67
CA CYS K 266 11.27 -3.68 -37.86
C CYS K 266 9.84 -4.20 -37.81
N THR K 267 9.71 -5.52 -37.66
CA THR K 267 8.39 -6.11 -37.58
C THR K 267 8.25 -7.43 -36.86
N ARG K 268 7.01 -7.67 -36.42
CA ARG K 268 6.54 -8.92 -35.85
C ARG K 268 5.39 -9.40 -36.72
N PRO K 269 5.67 -10.13 -37.80
CA PRO K 269 4.75 -10.49 -38.85
C PRO K 269 3.89 -11.69 -38.49
N ASN K 270 3.19 -11.60 -37.37
CA ASN K 270 2.37 -12.68 -36.86
C ASN K 270 1.06 -12.14 -36.39
N ASN K 271 -0.02 -12.58 -36.98
CA ASN K 271 -1.32 -12.05 -36.59
C ASN K 271 -1.79 -12.71 -35.32
N ASN K 272 -1.61 -12.04 -34.18
CA ASN K 272 -1.89 -12.76 -32.95
C ASN K 272 -3.29 -12.49 -32.41
N THR K 273 -3.61 -13.18 -31.33
CA THR K 273 -4.86 -13.04 -30.61
C THR K 273 -4.65 -12.87 -29.12
N ARG K 274 -5.33 -11.88 -28.57
CA ARG K 274 -5.34 -11.62 -27.15
C ARG K 274 -6.48 -12.41 -26.52
N LYS K 275 -6.16 -13.20 -25.52
CA LYS K 275 -7.14 -14.02 -24.85
C LYS K 275 -7.38 -13.53 -23.43
N SER K 276 -8.60 -13.07 -23.13
CA SER K 276 -8.83 -12.53 -21.80
C SER K 276 -9.22 -13.62 -20.82
N ILE K 277 -8.43 -13.75 -19.76
CA ILE K 277 -8.64 -14.75 -18.75
C ILE K 277 -9.04 -14.12 -17.45
N ARG K 278 -10.10 -14.60 -16.84
CA ARG K 278 -10.46 -14.03 -15.57
C ARG K 278 -9.49 -14.58 -14.55
N ILE K 279 -8.88 -13.71 -13.76
CA ILE K 279 -7.93 -14.16 -12.75
C ILE K 279 -8.39 -13.84 -11.35
N GLY K 280 -9.34 -12.93 -11.23
CA GLY K 280 -9.84 -12.58 -9.92
C GLY K 280 -11.03 -11.63 -9.98
N PRO K 281 -11.53 -11.17 -8.86
CA PRO K 281 -12.72 -10.36 -8.72
C PRO K 281 -12.49 -8.97 -9.23
N GLY K 282 -12.62 -8.81 -10.54
CA GLY K 282 -12.35 -7.55 -11.21
C GLY K 282 -10.97 -7.52 -11.83
N GLN K 283 -10.32 -8.67 -11.86
CA GLN K 283 -8.99 -8.75 -12.41
C GLN K 283 -8.91 -9.64 -13.62
N TRP K 284 -8.18 -9.14 -14.61
CA TRP K 284 -7.95 -9.90 -15.83
C TRP K 284 -6.50 -10.11 -16.15
N PHE K 285 -6.22 -11.29 -16.66
CA PHE K 285 -4.92 -11.68 -17.17
C PHE K 285 -4.97 -11.78 -18.66
N TYR K 286 -3.95 -11.27 -19.31
CA TYR K 286 -3.97 -11.38 -20.75
C TYR K 286 -3.03 -12.44 -21.26
N ALA K 287 -3.64 -13.46 -21.80
CA ALA K 287 -3.01 -14.63 -22.34
C ALA K 287 -2.85 -14.45 -23.81
N THR K 288 -2.05 -15.28 -24.43
CA THR K 288 -1.91 -15.17 -25.87
C THR K 288 -2.06 -16.50 -26.52
N GLY K 289 -2.55 -16.53 -27.73
CA GLY K 289 -2.56 -17.82 -28.38
C GLY K 289 -3.32 -17.86 -29.66
N ASP K 290 -3.38 -19.04 -30.25
CA ASP K 290 -4.12 -19.21 -31.46
C ASP K 290 -3.74 -18.23 -32.55
N ILE K 291 -2.44 -18.17 -32.84
CA ILE K 291 -1.90 -17.26 -33.85
C ILE K 291 -2.47 -17.66 -35.17
N ILE K 292 -2.93 -16.68 -35.93
CA ILE K 292 -3.54 -16.91 -37.20
C ILE K 292 -2.53 -16.83 -38.32
N GLY K 293 -2.49 -17.86 -39.12
CA GLY K 293 -1.57 -17.92 -40.23
C GLY K 293 -0.23 -18.47 -39.83
N ASP K 294 0.72 -18.34 -40.73
CA ASP K 294 2.05 -18.89 -40.56
C ASP K 294 2.72 -18.22 -39.39
N ILE K 295 3.52 -18.95 -38.62
CA ILE K 295 4.30 -18.31 -37.58
C ILE K 295 5.71 -18.04 -38.09
N ARG K 296 6.11 -16.78 -38.05
CA ARG K 296 7.39 -16.31 -38.58
C ARG K 296 8.24 -15.57 -37.57
N GLN K 297 9.53 -15.56 -37.84
CA GLN K 297 10.46 -14.86 -36.99
C GLN K 297 10.44 -13.37 -37.18
N ALA K 298 10.48 -12.65 -36.06
CA ALA K 298 10.54 -11.20 -36.02
C ALA K 298 11.88 -10.76 -36.55
N HIS K 299 11.91 -9.61 -37.21
CA HIS K 299 13.15 -9.15 -37.77
C HIS K 299 13.21 -7.65 -38.09
N CYS K 300 14.44 -7.15 -38.31
CA CYS K 300 14.66 -5.79 -38.79
C CYS K 300 15.41 -5.81 -40.12
N ASN K 301 15.14 -4.86 -41.03
CA ASN K 301 15.77 -4.90 -42.36
C ASN K 301 17.00 -4.04 -42.62
N VAL K 302 17.20 -2.92 -41.90
CA VAL K 302 18.35 -1.99 -42.11
C VAL K 302 18.84 -1.77 -43.55
N SER K 303 18.64 -0.58 -44.11
CA SER K 303 19.14 -0.44 -45.50
C SER K 303 20.66 -0.70 -45.55
N LYS K 304 21.08 -1.57 -46.46
CA LYS K 304 22.48 -1.96 -46.53
C LYS K 304 23.45 -0.91 -47.00
N ALA K 305 23.12 -0.22 -48.09
CA ALA K 305 24.08 0.73 -48.60
C ALA K 305 24.29 1.86 -47.61
N THR K 306 23.21 2.26 -46.94
CA THR K 306 23.30 3.36 -46.02
C THR K 306 24.19 2.95 -44.88
N TRP K 307 24.00 1.74 -44.36
CA TRP K 307 24.81 1.29 -43.26
C TRP K 307 26.28 1.31 -43.62
N ASN K 308 26.63 0.81 -44.81
CA ASN K 308 28.03 0.77 -45.19
C ASN K 308 28.61 2.18 -45.31
N GLU K 309 27.85 3.11 -45.88
CA GLU K 309 28.34 4.47 -46.01
C GLU K 309 28.53 5.11 -44.66
N THR K 310 27.60 4.82 -43.76
CA THR K 310 27.61 5.37 -42.43
C THR K 310 28.85 4.90 -41.71
N LEU K 311 29.18 3.62 -41.83
CA LEU K 311 30.38 3.19 -41.18
C LEU K 311 31.56 3.88 -41.79
N GLY K 312 31.59 4.08 -43.10
CA GLY K 312 32.76 4.72 -43.64
C GLY K 312 32.99 6.09 -43.00
N LYS K 313 31.91 6.83 -42.73
CA LYS K 313 32.03 8.13 -42.08
C LYS K 313 32.56 7.98 -40.65
N VAL K 314 32.08 6.96 -39.95
CA VAL K 314 32.51 6.71 -38.58
C VAL K 314 33.97 6.35 -38.55
N VAL K 315 34.39 5.52 -39.49
CA VAL K 315 35.77 5.09 -39.54
C VAL K 315 36.68 6.26 -39.77
N LYS K 316 36.32 7.16 -40.68
CA LYS K 316 37.14 8.32 -40.93
C LYS K 316 37.34 9.14 -39.66
N GLN K 317 36.26 9.35 -38.91
CA GLN K 317 36.38 10.12 -37.70
C GLN K 317 37.13 9.36 -36.61
N LEU K 318 36.99 8.03 -36.55
CA LEU K 318 37.75 7.27 -35.57
C LEU K 318 39.21 7.40 -35.88
N ARG K 319 39.57 7.41 -37.16
CA ARG K 319 40.96 7.56 -37.54
C ARG K 319 41.50 8.92 -37.11
N LYS K 320 40.70 9.98 -37.20
CA LYS K 320 41.24 11.24 -36.72
C LYS K 320 41.69 11.12 -35.27
N HIS K 321 40.94 10.37 -34.46
CA HIS K 321 41.32 10.18 -33.07
C HIS K 321 42.39 9.10 -32.83
N PHE K 322 42.37 8.02 -33.62
CA PHE K 322 43.28 6.90 -33.42
C PHE K 322 44.43 6.72 -34.42
N GLY K 323 44.54 7.57 -35.42
CA GLY K 323 45.58 7.50 -36.44
C GLY K 323 45.06 7.14 -37.82
N ASN K 324 45.49 7.91 -38.81
CA ASN K 324 45.02 7.71 -40.17
C ASN K 324 45.87 6.74 -40.94
N ASN K 325 46.74 6.07 -40.22
CA ASN K 325 47.59 5.06 -40.76
C ASN K 325 47.28 3.69 -40.18
N THR K 326 46.12 3.54 -39.52
CA THR K 326 45.79 2.21 -39.01
C THR K 326 44.49 1.68 -39.54
N ILE K 327 44.25 0.44 -39.21
CA ILE K 327 43.09 -0.30 -39.63
C ILE K 327 42.27 -0.71 -38.47
N ILE K 328 40.98 -0.45 -38.58
CA ILE K 328 40.11 -0.86 -37.54
C ILE K 328 39.04 -1.76 -38.09
N ARG K 329 38.46 -2.54 -37.21
CA ARG K 329 37.37 -3.44 -37.57
C ARG K 329 36.26 -3.41 -36.55
N PHE K 330 35.09 -3.85 -36.99
CA PHE K 330 33.92 -3.96 -36.15
C PHE K 330 33.57 -5.43 -35.95
N ALA K 331 33.45 -5.80 -34.68
CA ALA K 331 33.15 -7.16 -34.26
C ALA K 331 31.72 -7.28 -33.73
N ASN K 332 31.20 -8.51 -33.67
CA ASN K 332 29.82 -8.73 -33.25
C ASN K 332 29.66 -8.74 -31.73
N SER K 333 29.90 -7.59 -31.14
CA SER K 333 29.81 -7.35 -29.72
C SER K 333 30.52 -8.39 -28.89
N SER K 334 29.95 -8.72 -27.74
CA SER K 334 30.57 -9.70 -26.86
C SER K 334 29.54 -10.54 -26.16
N GLY K 335 29.98 -11.32 -25.18
CA GLY K 335 29.08 -12.22 -24.48
C GLY K 335 28.29 -11.52 -23.38
N GLY K 336 27.44 -12.27 -22.68
CA GLY K 336 26.59 -11.70 -21.64
C GLY K 336 25.11 -11.96 -21.94
N ASP K 337 24.26 -11.36 -21.12
CA ASP K 337 22.79 -11.48 -21.21
C ASP K 337 22.24 -10.75 -22.42
N LEU K 338 21.04 -11.11 -22.87
CA LEU K 338 20.44 -10.46 -24.02
C LEU K 338 20.31 -8.96 -23.81
N GLU K 339 20.12 -8.54 -22.58
CA GLU K 339 19.99 -7.11 -22.29
C GLU K 339 21.26 -6.34 -22.66
N VAL K 340 22.37 -7.06 -22.80
CA VAL K 340 23.66 -6.52 -23.13
C VAL K 340 24.08 -6.83 -24.56
N THR K 341 23.88 -8.08 -24.97
CA THR K 341 24.42 -8.53 -26.24
C THR K 341 23.57 -8.23 -27.44
N THR K 342 22.29 -7.95 -27.27
CA THR K 342 21.47 -7.65 -28.43
C THR K 342 20.94 -6.24 -28.43
N HIS K 343 20.44 -5.84 -29.59
CA HIS K 343 19.83 -4.54 -29.74
C HIS K 343 18.49 -4.60 -29.14
N SER K 344 18.14 -3.58 -28.41
CA SER K 344 16.83 -3.64 -27.76
C SER K 344 16.02 -2.41 -27.92
N PHE K 345 14.75 -2.63 -28.22
CA PHE K 345 13.75 -1.59 -28.37
C PHE K 345 12.39 -2.21 -28.14
N ASN K 346 11.34 -1.41 -27.97
CA ASN K 346 10.02 -1.98 -27.77
C ASN K 346 8.92 -1.38 -28.64
N CYS K 347 9.13 -1.26 -29.94
CA CYS K 347 8.09 -0.57 -30.66
C CYS K 347 6.84 -1.42 -30.71
N GLY K 348 5.71 -0.75 -30.74
CA GLY K 348 4.44 -1.43 -30.88
C GLY K 348 3.96 -2.00 -29.56
N GLY K 349 4.74 -1.83 -28.49
CA GLY K 349 4.36 -2.38 -27.21
C GLY K 349 5.02 -3.70 -26.88
N GLU K 350 5.78 -4.31 -27.81
CA GLU K 350 6.42 -5.57 -27.45
C GLU K 350 7.91 -5.39 -27.47
N PHE K 351 8.60 -6.14 -26.64
CA PHE K 351 10.05 -6.03 -26.49
C PHE K 351 10.83 -6.93 -27.42
N PHE K 352 11.66 -6.30 -28.24
CA PHE K 352 12.46 -6.98 -29.25
C PHE K 352 13.93 -7.00 -28.88
N TYR K 353 14.55 -8.14 -29.12
CA TYR K 353 15.98 -8.34 -28.95
C TYR K 353 16.59 -8.77 -30.28
N CYS K 354 17.39 -7.93 -30.91
CA CYS K 354 17.86 -8.25 -32.25
C CYS K 354 19.35 -8.49 -32.37
N ASN K 355 19.72 -9.38 -33.28
CA ASN K 355 21.10 -9.74 -33.49
C ASN K 355 21.85 -8.80 -34.43
N THR K 356 22.71 -7.99 -33.86
CA THR K 356 23.44 -6.96 -34.58
C THR K 356 24.73 -7.49 -35.13
N SER K 357 24.93 -8.80 -35.02
CA SER K 357 26.11 -9.42 -35.60
C SER K 357 26.09 -9.22 -37.09
N GLY K 358 24.92 -8.98 -37.67
CA GLY K 358 24.84 -8.77 -39.10
C GLY K 358 25.27 -7.36 -39.51
N LEU K 359 25.45 -6.47 -38.54
CA LEU K 359 25.83 -5.09 -38.85
C LEU K 359 27.29 -4.84 -38.53
N PHE K 360 27.74 -5.31 -37.38
CA PHE K 360 29.10 -5.04 -36.94
C PHE K 360 30.03 -6.15 -37.34
N ASN K 361 30.21 -6.25 -38.63
CA ASN K 361 31.04 -7.29 -39.23
C ASN K 361 31.84 -6.75 -40.41
N SER K 362 32.90 -5.99 -40.12
CA SER K 362 33.68 -5.42 -41.22
C SER K 362 35.08 -5.02 -40.82
N THR K 363 35.97 -4.94 -41.81
CA THR K 363 37.32 -4.44 -41.61
C THR K 363 37.55 -3.32 -42.61
N TRP K 364 38.12 -2.21 -42.14
CA TRP K 364 38.31 -1.05 -42.99
C TRP K 364 39.78 -0.73 -43.24
N SER K 381 19.69 -4.66 -48.22
CA SER K 381 19.10 -4.86 -46.91
C SER K 381 19.86 -5.86 -46.07
N ILE K 382 20.00 -5.57 -44.78
CA ILE K 382 20.66 -6.50 -43.88
C ILE K 382 19.65 -7.01 -42.90
N THR K 383 19.23 -8.25 -43.02
CA THR K 383 18.19 -8.72 -42.12
C THR K 383 18.78 -9.13 -40.79
N LEU K 384 18.21 -8.62 -39.73
CA LEU K 384 18.62 -8.93 -38.37
C LEU K 384 17.53 -9.76 -37.73
N PRO K 385 17.76 -11.01 -37.36
CA PRO K 385 16.80 -11.84 -36.68
C PRO K 385 16.52 -11.25 -35.32
N CYS K 386 15.27 -11.36 -34.85
CA CYS K 386 14.94 -10.88 -33.52
C CYS K 386 14.17 -11.90 -32.68
N ARG K 387 14.30 -11.79 -31.37
CA ARG K 387 13.56 -12.59 -30.43
C ARG K 387 12.67 -11.69 -29.60
N ILE K 388 11.59 -12.24 -29.10
CA ILE K 388 10.67 -11.46 -28.30
C ILE K 388 10.44 -12.04 -26.93
N LYS K 389 10.41 -11.16 -25.93
CA LYS K 389 10.15 -11.60 -24.57
C LYS K 389 8.92 -10.92 -24.03
N GLN K 390 8.18 -11.60 -23.16
CA GLN K 390 7.08 -10.98 -22.47
C GLN K 390 7.42 -10.63 -21.03
N ILE K 391 8.36 -11.35 -20.40
CA ILE K 391 8.63 -11.00 -19.02
C ILE K 391 9.91 -10.22 -18.97
N ILE K 392 9.77 -8.97 -18.59
CA ILE K 392 10.85 -8.03 -18.64
C ILE K 392 11.33 -7.58 -17.29
N ASN K 393 12.61 -7.72 -17.05
CA ASN K 393 13.17 -7.18 -15.82
C ASN K 393 13.70 -5.86 -16.25
N MET K 394 13.04 -4.79 -15.86
CA MET K 394 13.49 -3.52 -16.34
C MET K 394 14.90 -3.37 -15.85
N TRP K 395 15.79 -2.86 -16.71
CA TRP K 395 17.21 -2.76 -16.41
C TRP K 395 17.55 -2.17 -15.08
N GLN K 396 16.82 -1.16 -14.71
CA GLN K 396 17.08 -0.42 -13.51
C GLN K 396 16.99 -1.20 -12.18
N ARG K 397 16.39 -2.39 -12.13
CA ARG K 397 16.37 -3.08 -10.84
C ARG K 397 16.05 -4.56 -10.89
N ILE K 398 16.20 -5.22 -9.75
CA ILE K 398 15.82 -6.61 -9.61
C ILE K 398 14.83 -6.74 -8.46
N GLY K 399 14.13 -7.87 -8.40
CA GLY K 399 13.14 -8.16 -7.37
C GLY K 399 11.71 -8.00 -7.88
N GLN K 400 11.59 -7.38 -9.04
CA GLN K 400 10.33 -7.18 -9.72
C GLN K 400 10.48 -7.47 -11.20
N ALA K 401 9.40 -7.91 -11.82
CA ALA K 401 9.35 -8.12 -13.26
C ALA K 401 8.04 -7.65 -13.81
N MET K 402 8.07 -7.17 -15.03
CA MET K 402 6.87 -6.73 -15.70
C MET K 402 6.43 -7.71 -16.75
N TYR K 403 5.14 -7.98 -16.81
CA TYR K 403 4.65 -8.85 -17.86
C TYR K 403 3.97 -8.03 -18.92
N ALA K 404 4.49 -8.11 -20.12
CA ALA K 404 3.90 -7.35 -21.18
C ALA K 404 2.76 -8.17 -21.80
N PRO K 405 1.54 -7.67 -21.85
CA PRO K 405 0.43 -8.38 -22.39
C PRO K 405 0.71 -8.41 -23.86
N PRO K 406 0.18 -9.36 -24.59
CA PRO K 406 0.33 -9.50 -26.02
C PRO K 406 -0.41 -8.42 -26.75
N ILE K 407 0.11 -8.06 -27.91
CA ILE K 407 -0.55 -7.11 -28.78
C ILE K 407 -1.28 -7.80 -29.91
N GLN K 408 -2.56 -7.46 -30.03
CA GLN K 408 -3.50 -7.99 -31.01
C GLN K 408 -3.14 -7.57 -32.42
N GLY K 409 -3.15 -8.51 -33.38
CA GLY K 409 -2.79 -8.12 -34.75
C GLY K 409 -1.30 -8.22 -34.94
N VAL K 410 -0.72 -7.31 -35.72
CA VAL K 410 0.70 -7.39 -36.06
C VAL K 410 1.42 -6.11 -35.70
N ILE K 411 2.74 -6.18 -35.59
CA ILE K 411 3.52 -4.98 -35.32
C ILE K 411 4.48 -4.60 -36.40
N ARG K 412 4.42 -3.34 -36.75
CA ARG K 412 5.35 -2.77 -37.69
C ARG K 412 5.77 -1.40 -37.20
N CYS K 413 7.05 -1.10 -37.31
CA CYS K 413 7.51 0.22 -36.97
C CYS K 413 8.75 0.61 -37.75
N VAL K 414 8.93 1.92 -37.91
CA VAL K 414 10.09 2.46 -38.59
C VAL K 414 10.79 3.48 -37.74
N SER K 415 12.08 3.34 -37.60
CA SER K 415 12.82 4.29 -36.80
C SER K 415 14.12 4.70 -37.43
N ASN K 416 14.71 5.72 -36.85
CA ASN K 416 15.97 6.28 -37.34
C ASN K 416 17.14 5.91 -36.46
N ILE K 417 18.12 5.20 -36.98
CA ILE K 417 19.24 4.96 -36.11
C ILE K 417 19.99 6.25 -36.20
N THR K 418 20.27 6.87 -35.07
CA THR K 418 20.96 8.14 -35.06
C THR K 418 22.32 8.06 -34.41
N GLY K 419 22.67 6.90 -33.88
CA GLY K 419 23.99 6.78 -33.28
C GLY K 419 24.32 5.40 -32.73
N LEU K 420 25.52 5.30 -32.20
CA LEU K 420 26.04 4.04 -31.69
C LEU K 420 26.65 4.15 -30.31
N ILE K 421 26.59 3.08 -29.54
CA ILE K 421 27.38 3.06 -28.32
C ILE K 421 28.47 2.01 -28.51
N LEU K 422 29.71 2.45 -28.62
CA LEU K 422 30.81 1.53 -28.91
C LEU K 422 31.87 1.44 -27.84
N THR K 423 32.53 0.30 -27.78
CA THR K 423 33.70 0.18 -26.92
C THR K 423 34.83 -0.32 -27.79
N ARG K 424 36.07 -0.19 -27.33
CA ARG K 424 37.18 -0.72 -28.11
C ARG K 424 37.84 -1.81 -27.29
N ASP K 425 38.44 -2.78 -27.95
CA ASP K 425 39.14 -3.82 -27.23
C ASP K 425 40.32 -3.21 -26.46
N THR K 432 49.96 -1.79 -35.68
CA THR K 432 48.83 -2.41 -35.00
C THR K 432 47.52 -1.96 -35.59
N THR K 433 46.47 -2.67 -35.19
CA THR K 433 45.08 -2.47 -35.59
C THR K 433 44.22 -2.37 -34.34
N GLU K 434 42.95 -2.00 -34.51
CA GLU K 434 42.01 -1.91 -33.38
C GLU K 434 40.63 -2.47 -33.71
N THR K 435 39.92 -2.92 -32.68
CA THR K 435 38.58 -3.49 -32.80
C THR K 435 37.53 -2.81 -31.96
N PHE K 436 36.40 -2.53 -32.60
CA PHE K 436 35.29 -1.90 -31.93
C PHE K 436 34.09 -2.84 -31.84
N ARG K 437 33.36 -2.72 -30.75
CA ARG K 437 32.18 -3.54 -30.49
C ARG K 437 31.01 -2.72 -29.98
N PRO K 438 29.77 -3.05 -30.32
CA PRO K 438 28.59 -2.51 -29.72
C PRO K 438 28.57 -2.84 -28.26
N GLY K 439 28.21 -1.85 -27.46
CA GLY K 439 28.12 -1.99 -26.02
C GLY K 439 26.96 -1.18 -25.48
N GLY K 440 27.18 -0.54 -24.34
CA GLY K 440 26.12 0.22 -23.71
C GLY K 440 25.31 -0.69 -22.82
N GLY K 441 24.04 -0.36 -22.64
CA GLY K 441 23.15 -1.09 -21.75
C GLY K 441 22.79 -0.23 -20.55
N ASP K 442 23.57 0.82 -20.33
CA ASP K 442 23.30 1.77 -19.26
C ASP K 442 22.33 2.78 -19.82
N MET K 443 21.14 2.82 -19.28
CA MET K 443 20.07 3.65 -19.82
C MET K 443 20.49 5.10 -19.97
N ARG K 444 21.37 5.58 -19.10
CA ARG K 444 21.73 6.99 -19.13
C ARG K 444 22.47 7.42 -20.37
N ASP K 445 23.09 6.50 -21.09
CA ASP K 445 23.83 6.85 -22.28
C ASP K 445 22.91 7.35 -23.37
N ASN K 446 21.63 6.98 -23.28
CA ASN K 446 20.70 7.35 -24.31
C ASN K 446 20.19 8.75 -24.15
N TRP K 447 20.50 9.37 -23.02
CA TRP K 447 20.03 10.72 -22.77
C TRP K 447 21.23 11.61 -22.72
N ARG K 448 22.34 11.06 -22.28
CA ARG K 448 23.58 11.80 -22.20
C ARG K 448 23.97 12.27 -23.57
N SER K 449 23.68 11.44 -24.57
CA SER K 449 23.99 11.74 -25.95
C SER K 449 23.17 12.89 -26.51
N GLU K 450 22.10 13.30 -25.84
CA GLU K 450 21.29 14.43 -26.28
C GLU K 450 21.61 15.63 -25.38
N LEU K 451 21.77 15.39 -24.09
CA LEU K 451 22.03 16.44 -23.13
C LEU K 451 23.53 16.71 -22.96
N TYR K 452 24.15 17.12 -24.05
CA TYR K 452 25.57 17.44 -24.01
C TYR K 452 25.74 18.89 -24.36
N LYS K 453 24.62 19.52 -24.63
CA LYS K 453 24.59 20.90 -25.01
C LYS K 453 24.07 21.77 -23.91
N TYR K 454 23.39 21.20 -22.91
CA TYR K 454 22.76 22.04 -21.89
C TYR K 454 23.45 21.96 -20.53
N LYS K 455 23.46 23.09 -19.82
CA LYS K 455 23.98 23.16 -18.46
C LYS K 455 23.05 23.99 -17.55
N VAL K 456 22.92 23.59 -16.28
CA VAL K 456 22.08 24.35 -15.34
C VAL K 456 22.87 25.25 -14.42
N VAL K 457 22.48 26.54 -14.36
CA VAL K 457 23.15 27.46 -13.47
C VAL K 457 22.15 28.19 -12.58
N LYS K 458 22.64 28.67 -11.46
CA LYS K 458 21.89 29.43 -10.48
C LYS K 458 22.19 30.88 -10.60
N ILE K 459 21.17 31.70 -10.55
CA ILE K 459 21.35 33.12 -10.67
C ILE K 459 21.56 33.71 -9.30
N GLU K 460 22.60 34.52 -9.17
CA GLU K 460 22.93 35.15 -7.88
C GLU K 460 23.07 36.65 -8.06
N PRO K 461 21.97 37.37 -8.19
CA PRO K 461 21.92 38.74 -8.66
C PRO K 461 22.27 39.79 -7.63
N LEU K 462 23.34 39.61 -6.91
CA LEU K 462 23.71 40.59 -5.92
C LEU K 462 25.21 40.72 -5.82
N GLY K 463 25.71 41.93 -5.88
CA GLY K 463 27.14 42.12 -5.76
C GLY K 463 27.52 43.56 -5.53
N VAL K 464 28.81 43.80 -5.37
CA VAL K 464 29.30 45.12 -5.08
C VAL K 464 30.42 45.51 -6.01
N ALA K 465 30.69 46.80 -6.08
CA ALA K 465 31.84 47.34 -6.83
C ALA K 465 32.21 48.72 -6.29
N PRO K 466 33.48 49.17 -6.34
CA PRO K 466 33.87 50.50 -5.93
C PRO K 466 33.39 51.51 -6.93
N THR K 467 32.89 52.62 -6.45
CA THR K 467 32.53 53.69 -7.35
C THR K 467 32.29 55.02 -6.66
N ARG K 468 31.80 55.95 -7.46
CA ARG K 468 31.44 57.25 -6.98
C ARG K 468 29.97 57.19 -6.61
N CYS K 469 29.68 57.14 -5.32
CA CYS K 469 28.32 57.01 -4.81
C CYS K 469 28.36 57.22 -3.31
N LYS K 470 28.22 58.45 -2.83
CA LYS K 470 28.32 58.62 -1.39
C LYS K 470 26.97 58.99 -0.79
N ARG K 471 26.50 58.26 0.23
CA ARG K 471 25.20 58.57 0.84
C ARG K 471 24.83 60.05 0.72
N GLY L 10 15.21 38.54 -22.26
CA GLY L 10 16.40 39.38 -22.18
C GLY L 10 17.02 39.21 -20.84
N PHE L 11 16.62 38.15 -20.17
CA PHE L 11 17.03 37.90 -18.79
C PHE L 11 18.52 37.94 -18.59
N LEU L 12 19.30 37.25 -19.39
CA LEU L 12 20.75 37.37 -19.24
C LEU L 12 21.34 38.12 -20.41
N GLY L 13 20.55 38.93 -21.09
CA GLY L 13 21.04 39.63 -22.27
C GLY L 13 22.23 40.51 -21.98
N ALA L 14 22.30 41.04 -20.78
CA ALA L 14 23.38 41.91 -20.34
C ALA L 14 24.60 41.14 -19.87
N ALA L 15 24.57 39.82 -19.88
CA ALA L 15 25.68 39.05 -19.35
C ALA L 15 26.99 39.36 -20.05
N GLY L 16 26.97 39.66 -21.34
CA GLY L 16 28.21 39.94 -22.04
C GLY L 16 28.58 41.43 -22.03
N SER L 17 27.74 42.27 -21.42
CA SER L 17 27.95 43.71 -21.40
C SER L 17 28.87 44.08 -20.28
N THR L 18 29.47 45.26 -20.39
CA THR L 18 30.33 45.71 -19.32
C THR L 18 29.51 46.15 -18.14
N MET L 19 30.12 46.27 -16.99
CA MET L 19 29.39 46.62 -15.78
C MET L 19 28.65 47.93 -15.90
N GLY L 20 29.28 48.92 -16.51
CA GLY L 20 28.66 50.23 -16.63
C GLY L 20 27.56 50.26 -17.69
N ALA L 21 27.45 49.20 -18.47
CA ALA L 21 26.46 49.10 -19.51
C ALA L 21 25.33 48.19 -19.06
N ALA L 22 25.70 47.14 -18.35
CA ALA L 22 24.80 46.12 -17.86
C ALA L 22 23.88 46.67 -16.80
N SER L 23 24.37 47.60 -15.98
CA SER L 23 23.56 48.09 -14.87
C SER L 23 22.51 49.13 -15.28
N MET L 24 21.62 48.70 -16.17
CA MET L 24 20.52 49.44 -16.73
C MET L 24 19.39 48.45 -16.93
N THR L 25 19.75 47.17 -16.85
CA THR L 25 18.81 46.07 -17.09
C THR L 25 18.49 45.37 -15.80
N LEU L 26 18.91 45.98 -14.70
CA LEU L 26 18.84 45.40 -13.39
C LEU L 26 17.40 45.05 -13.05
N THR L 27 16.44 45.82 -13.55
CA THR L 27 15.05 45.53 -13.29
C THR L 27 14.70 44.13 -13.76
N VAL L 28 15.19 43.74 -14.93
CA VAL L 28 14.82 42.48 -15.50
C VAL L 28 15.39 41.34 -14.69
N GLN L 29 16.66 41.48 -14.32
CA GLN L 29 17.25 40.39 -13.58
C GLN L 29 16.67 40.30 -12.19
N ALA L 30 16.36 41.44 -11.58
CA ALA L 30 15.77 41.47 -10.25
C ALA L 30 14.31 41.03 -10.26
N ARG L 31 13.59 41.32 -11.34
CA ARG L 31 12.19 40.99 -11.45
C ARG L 31 11.95 39.53 -11.70
N ASN L 32 12.69 38.92 -12.62
CA ASN L 32 12.36 37.55 -12.95
C ASN L 32 12.98 36.54 -12.00
N LEU L 33 12.73 36.74 -10.73
CA LEU L 33 13.13 35.84 -9.68
C LEU L 33 11.91 35.17 -9.10
N LEU L 34 10.75 35.82 -9.21
CA LEU L 34 9.56 35.22 -8.60
C LEU L 34 8.73 34.44 -9.60
N SER L 35 8.81 34.81 -10.88
CA SER L 35 8.00 34.23 -11.93
C SER L 35 6.73 33.61 -11.40
N LEU L 57 -0.14 14.27 -6.82
CA LEU L 57 -0.13 14.68 -5.44
C LEU L 57 0.74 13.74 -4.61
N THR L 58 1.66 13.05 -5.30
CA THR L 58 2.56 12.12 -4.64
C THR L 58 3.97 12.71 -4.55
N VAL L 59 4.91 12.10 -5.25
CA VAL L 59 6.30 12.53 -5.17
C VAL L 59 6.56 13.80 -5.93
N TRP L 60 5.88 14.00 -7.05
CA TRP L 60 6.16 15.19 -7.80
C TRP L 60 5.52 16.36 -7.11
N GLY L 61 4.46 16.08 -6.38
CA GLY L 61 3.78 17.09 -5.64
C GLY L 61 4.74 17.67 -4.62
N ILE L 62 5.39 16.79 -3.85
CA ILE L 62 6.27 17.32 -2.86
C ILE L 62 7.51 17.94 -3.47
N LYS L 63 8.04 17.39 -4.56
CA LYS L 63 9.20 18.01 -5.15
C LYS L 63 8.89 19.40 -5.68
N GLN L 64 7.72 19.58 -6.30
CA GLN L 64 7.43 20.89 -6.80
C GLN L 64 7.30 21.87 -5.65
N LEU L 65 6.68 21.46 -4.53
CA LEU L 65 6.61 22.41 -3.45
C LEU L 65 7.98 22.73 -2.94
N GLN L 66 8.87 21.76 -2.85
CA GLN L 66 10.17 22.12 -2.32
C GLN L 66 10.82 23.18 -3.19
N ALA L 67 10.66 23.07 -4.50
CA ALA L 67 11.24 24.05 -5.40
C ALA L 67 10.65 25.45 -5.19
N ARG L 68 9.34 25.51 -4.91
CA ARG L 68 8.68 26.79 -4.76
C ARG L 68 9.05 27.44 -3.44
N VAL L 69 9.15 26.64 -2.39
CA VAL L 69 9.49 27.16 -1.10
C VAL L 69 10.88 27.70 -1.17
N LEU L 70 11.79 26.96 -1.80
CA LEU L 70 13.15 27.42 -1.91
C LEU L 70 13.24 28.71 -2.65
N ALA L 71 12.53 28.86 -3.77
CA ALA L 71 12.65 30.11 -4.49
C ALA L 71 12.25 31.28 -3.60
N VAL L 72 11.22 31.10 -2.79
CA VAL L 72 10.83 32.17 -1.91
C VAL L 72 11.89 32.44 -0.87
N GLU L 73 12.46 31.40 -0.28
CA GLU L 73 13.46 31.63 0.74
C GLU L 73 14.67 32.35 0.18
N ARG L 74 15.09 32.01 -1.02
CA ARG L 74 16.25 32.68 -1.56
C ARG L 74 15.94 34.15 -1.79
N TYR L 75 14.76 34.43 -2.30
CA TYR L 75 14.35 35.79 -2.55
C TYR L 75 14.39 36.60 -1.28
N LEU L 76 13.80 36.06 -0.22
CA LEU L 76 13.76 36.80 1.01
C LEU L 76 15.12 37.02 1.60
N ARG L 77 16.04 36.07 1.49
CA ARG L 77 17.34 36.35 2.06
C ARG L 77 17.99 37.55 1.40
N ASP L 78 17.85 37.66 0.08
CA ASP L 78 18.47 38.83 -0.56
C ASP L 78 17.78 40.10 -0.13
N GLN L 79 16.47 40.05 0.01
CA GLN L 79 15.80 41.27 0.41
C GLN L 79 16.16 41.64 1.82
N GLN L 80 16.34 40.66 2.70
CA GLN L 80 16.67 41.00 4.05
C GLN L 80 18.02 41.66 4.10
N LEU L 81 18.99 41.20 3.31
CA LEU L 81 20.28 41.86 3.36
C LEU L 81 20.21 43.27 2.87
N LEU L 82 19.43 43.53 1.82
CA LEU L 82 19.33 44.89 1.35
C LEU L 82 18.69 45.73 2.45
N GLY L 83 17.75 45.18 3.17
CA GLY L 83 17.15 45.90 4.26
C GLY L 83 18.19 46.25 5.32
N ILE L 84 18.98 45.26 5.72
CA ILE L 84 19.98 45.43 6.76
C ILE L 84 21.03 46.45 6.37
N TRP L 85 21.44 46.46 5.13
CA TRP L 85 22.46 47.38 4.66
C TRP L 85 21.94 48.79 4.36
N GLY L 86 20.63 49.01 4.49
CA GLY L 86 20.06 50.31 4.18
C GLY L 86 19.82 50.54 2.69
N CYS L 87 19.66 49.46 1.94
CA CYS L 87 19.46 49.52 0.50
C CYS L 87 18.09 49.01 0.08
N SER L 88 17.16 48.95 1.01
CA SER L 88 15.85 48.46 0.66
C SER L 88 15.19 49.35 -0.34
N GLY L 89 14.54 48.76 -1.32
CA GLY L 89 13.80 49.51 -2.30
C GLY L 89 14.64 50.07 -3.41
N LYS L 90 15.93 49.76 -3.45
CA LYS L 90 16.76 50.30 -4.51
C LYS L 90 17.48 49.22 -5.28
N LEU L 91 17.69 49.43 -6.56
CA LEU L 91 18.51 48.50 -7.32
C LEU L 91 19.96 48.87 -7.13
N ILE L 92 20.20 50.17 -6.95
CA ILE L 92 21.55 50.65 -6.72
C ILE L 92 21.57 51.49 -5.47
N CYS L 93 22.44 51.20 -4.52
CA CYS L 93 22.47 52.06 -3.34
C CYS L 93 23.86 52.45 -2.91
N CYS L 94 23.97 53.68 -2.42
CA CYS L 94 25.21 54.21 -1.93
C CYS L 94 25.44 53.78 -0.51
N THR L 95 26.69 53.77 -0.14
CA THR L 95 27.10 53.45 1.20
C THR L 95 27.92 54.53 1.82
N ASN L 96 28.36 54.26 3.04
CA ASN L 96 29.30 55.11 3.74
C ASN L 96 30.55 54.32 4.14
N VAL L 97 30.68 53.13 3.58
CA VAL L 97 31.82 52.25 3.77
C VAL L 97 32.76 52.34 2.56
N PRO L 98 34.02 52.74 2.72
CA PRO L 98 35.00 52.91 1.68
C PRO L 98 35.47 51.59 1.15
N TRP L 99 35.96 51.62 -0.08
CA TRP L 99 36.60 50.47 -0.68
C TRP L 99 37.94 50.33 0.01
N ASN L 100 38.35 49.09 0.35
CA ASN L 100 39.58 48.89 1.13
C ASN L 100 40.83 48.45 0.37
N SER L 101 40.88 48.71 -0.93
CA SER L 101 42.05 48.44 -1.79
C SER L 101 42.47 46.99 -2.00
N SER L 102 42.73 46.26 -0.92
CA SER L 102 43.17 44.86 -1.02
C SER L 102 42.12 43.98 -1.68
N TRP L 103 40.88 44.47 -1.69
CA TRP L 103 39.78 43.80 -2.33
C TRP L 103 40.03 43.79 -3.85
N SER L 104 40.51 44.90 -4.37
CA SER L 104 40.89 45.08 -5.77
C SER L 104 41.59 46.41 -5.92
N ASN L 105 42.67 46.42 -6.69
CA ASN L 105 43.44 47.62 -6.92
C ASN L 105 43.27 48.15 -8.34
N ARG L 106 42.22 47.70 -9.02
CA ARG L 106 41.96 48.14 -10.38
C ARG L 106 41.37 49.55 -10.41
N ASN L 107 41.64 50.27 -11.48
CA ASN L 107 41.11 51.61 -11.66
C ASN L 107 39.63 51.52 -11.84
N LEU L 108 38.88 52.51 -11.37
CA LEU L 108 37.44 52.38 -11.56
C LEU L 108 37.07 52.40 -13.04
N SER L 109 37.86 53.06 -13.89
CA SER L 109 37.52 53.07 -15.30
C SER L 109 37.77 51.70 -15.92
N GLU L 110 38.63 50.91 -15.30
CA GLU L 110 38.93 49.59 -15.80
C GLU L 110 37.80 48.68 -15.38
N ILE L 111 37.33 48.88 -14.16
CA ILE L 111 36.27 48.07 -13.64
C ILE L 111 34.97 48.31 -14.34
N TRP L 112 34.58 49.56 -14.50
CA TRP L 112 33.30 49.81 -15.11
C TRP L 112 33.27 49.65 -16.64
N ASP L 113 34.36 49.95 -17.35
CA ASP L 113 34.35 49.82 -18.80
C ASP L 113 34.98 48.56 -19.39
N ASN L 114 35.96 47.92 -18.73
CA ASN L 114 36.64 46.77 -19.33
C ASN L 114 36.25 45.44 -18.70
N MET L 115 35.23 45.43 -17.87
CA MET L 115 34.78 44.22 -17.22
C MET L 115 33.29 44.05 -17.32
N THR L 116 32.88 42.80 -17.41
CA THR L 116 31.47 42.43 -17.32
C THR L 116 31.22 42.12 -15.87
N TRP L 117 29.97 42.02 -15.45
CA TRP L 117 29.72 41.70 -14.05
C TRP L 117 30.18 40.31 -13.68
N LEU L 118 30.15 39.39 -14.64
CA LEU L 118 30.56 38.04 -14.37
C LEU L 118 32.06 38.01 -14.15
N GLN L 119 32.80 38.74 -14.97
CA GLN L 119 34.25 38.75 -14.80
C GLN L 119 34.61 39.38 -13.48
N TRP L 120 33.90 40.44 -13.14
CA TRP L 120 34.12 41.14 -11.89
C TRP L 120 33.84 40.25 -10.72
N ASP L 121 32.73 39.52 -10.76
CA ASP L 121 32.41 38.68 -9.65
C ASP L 121 33.52 37.68 -9.45
N LYS L 122 34.09 37.18 -10.54
CA LYS L 122 35.18 36.26 -10.37
C LYS L 122 36.40 36.98 -9.76
N GLU L 123 36.68 38.19 -10.22
CA GLU L 123 37.83 38.97 -9.72
C GLU L 123 37.79 39.15 -8.22
N ILE L 124 36.62 39.40 -7.66
CA ILE L 124 36.51 39.62 -6.22
C ILE L 124 35.65 38.55 -5.55
N SER L 125 35.67 37.32 -6.07
CA SER L 125 34.85 36.23 -5.55
C SER L 125 35.20 35.84 -4.12
N ASN L 126 36.37 36.20 -3.67
CA ASN L 126 36.84 35.88 -2.34
C ASN L 126 36.65 36.98 -1.32
N TYR L 127 35.90 38.00 -1.67
CA TYR L 127 35.65 39.11 -0.76
C TYR L 127 34.16 39.33 -0.56
N THR L 128 33.57 38.58 0.36
CA THR L 128 32.14 38.55 0.57
C THR L 128 31.76 39.09 1.92
N GLN L 129 31.77 38.24 2.95
CA GLN L 129 31.36 38.74 4.27
C GLN L 129 32.30 39.80 4.80
N ILE L 130 33.51 39.87 4.22
CA ILE L 130 34.51 40.86 4.57
C ILE L 130 33.96 42.27 4.29
N ILE L 131 33.02 42.36 3.35
CA ILE L 131 32.37 43.60 3.00
C ILE L 131 31.03 43.69 3.68
N TYR L 132 30.29 42.59 3.69
CA TYR L 132 28.93 42.64 4.18
C TYR L 132 28.86 43.01 5.65
N GLY L 133 29.78 42.51 6.46
CA GLY L 133 29.73 42.84 7.87
C GLY L 133 29.90 44.33 8.10
N LEU L 134 30.71 44.97 7.27
CA LEU L 134 30.93 46.39 7.42
C LEU L 134 29.68 47.15 7.06
N LEU L 135 28.98 46.66 6.04
CA LEU L 135 27.78 47.33 5.62
C LEU L 135 26.74 47.23 6.74
N GLU L 136 26.68 46.07 7.43
CA GLU L 136 25.70 45.91 8.50
C GLU L 136 26.00 46.84 9.65
N GLU L 137 27.28 46.98 9.98
CA GLU L 137 27.68 47.81 11.09
C GLU L 137 27.36 49.26 10.80
N SER L 138 27.60 49.67 9.57
CA SER L 138 27.34 51.02 9.21
C SER L 138 25.89 51.37 9.33
N GLN L 139 25.01 50.51 8.84
CA GLN L 139 23.62 50.86 8.92
C GLN L 139 23.14 50.92 10.34
N ASN L 140 23.64 50.04 11.21
CA ASN L 140 23.18 50.11 12.57
C ASN L 140 23.61 51.41 13.24
N GLN L 141 24.83 51.87 12.97
CA GLN L 141 25.27 53.10 13.57
C GLN L 141 24.45 54.27 13.06
N GLN L 142 24.11 54.24 11.78
CA GLN L 142 23.35 55.33 11.23
C GLN L 142 21.97 55.39 11.84
N GLU L 143 21.32 54.24 12.08
CA GLU L 143 20.00 54.31 12.67
C GLU L 143 20.06 54.83 14.08
N LYS L 144 21.09 54.47 14.83
CA LYS L 144 21.18 55.00 16.18
C LYS L 144 21.35 56.49 16.14
N ASN L 145 22.17 56.99 15.21
CA ASN L 145 22.37 58.42 15.15
C ASN L 145 21.06 59.12 14.80
N GLU L 146 20.28 58.53 13.91
CA GLU L 146 19.03 59.16 13.53
C GLU L 146 18.07 59.20 14.70
N GLN L 147 18.00 58.13 15.50
CA GLN L 147 17.11 58.17 16.64
C GLN L 147 17.56 59.24 17.61
N ASP L 148 18.86 59.35 17.85
CA ASP L 148 19.34 60.33 18.80
C ASP L 148 18.99 61.75 18.35
N LEU L 149 18.96 61.99 17.05
CA LEU L 149 18.58 63.31 16.57
C LEU L 149 17.06 63.53 16.67
N LEU L 150 16.26 62.50 16.36
CA LEU L 150 14.80 62.65 16.42
C LEU L 150 14.33 62.71 17.87
N ALA L 151 15.14 62.16 18.75
CA ALA L 151 14.93 62.20 20.18
C ALA L 151 15.10 63.61 20.75
N LEU L 152 15.79 64.48 20.02
CA LEU L 152 16.10 65.81 20.51
C LEU L 152 14.89 66.70 20.34
#